data_7JPS
#
_entry.id   7JPS
#
loop_
_entity.id
_entity.type
_entity.pdbx_description
1 polymer 'Origin recognition complex subunit 1'
2 polymer 'Origin recognition complex subunit 2'
3 polymer 'Origin recognition complex subunit 3'
4 polymer 'Origin recognition complex subunit 4'
5 polymer 'Origin recognition complex subunit 5'
6 polymer "DNA (5'-D(*AP*TP*AP*TP*AP*TP*AP*TP*AP*TP*AP*AP*T)-3')"
7 polymer "DNA (5'-D(*AP*TP*TP*AP*TP*AP*TP*AP*TP*AP*TP*AP*T)-3')"
8 non-polymer "ADENOSINE-5'-TRIPHOSPHATE"
9 non-polymer 'MAGNESIUM ION'
10 non-polymer 'POTASSIUM ION'
#
loop_
_entity_poly.entity_id
_entity_poly.type
_entity_poly.pdbx_seq_one_letter_code
_entity_poly.pdbx_strand_id
1 'polypeptide(L)'
;MAPQIRSRSLAAQEPASVLEEARLRLHVSAVPESLPCREQEFQDIYNFVESKLLDHTGGCMYISGVPGTGKTATVHEVIR
CLQQAAQANDVPPFQYIEVNGMKLTEPHQVYVQILQKLTGQKATANHAAELLAKQFCTRGSPQETTVLLVDELDLLWTHK
QDIMYNLFDWPTHKEARLVVLAIANTMDLPERIMMNRVSSRLGLTRMCFQPYTYSQLQQILRSRLKHLKAFEDDAIQLVA
RKVAALSGDARRCLDICRRATEICEFSQQKPDSPGLVTIAHSMEAVDEMFSSSYITAIKNSSVLEQSFLRAILAEFRRSG
LEEATFQQIYSQHVALCRMEGLPYPTMSETMAVCSHLGSCRLLLVEPSRNDLLLRVRLNVSQDDVLYALKDE
;
A
2 'polypeptide(L)'
;MSKPELKEDKMLEVHFVGDDDVLNHILDREGGAKLKKERAQLLVNPKKIIKKPEYDLEEDDQEVLKDQNYVEIMGRDVQE
SLKNGSATGGGNKVYSFQNRKHSEKMAKLASELAKTPQKSVSFSLKNDPEITINVPQSSKGHSASDKVQPKNNDKSEFLS
TAPRSLRKRLIVPRSHSDSESEYSASNSEDDEGVAQEHEEDTNAVIFSQKIQAQNRVVSAPVGKETPSKRMKRDKTSDLV
EEYFEAHSSSKVLTSDRTLQKLKRAKLDQQTLRNLLSKVSPSFSAELKQLNQQYEKLFHKWMLQLHLGFNIVLYGLGSKR
DLLERFRTTMLQDSIHVVINGFFPGISVKSVLNSITEEVLDHMGTFRSILDQLDWIVNKFKEDSSLELFLLIHNLDSQML
RGEKSQQIIGQLSSLHNIYLIASIDHLNAPLMWDHAKQSLFNWLWYETTTYSPYTEETSYENSLLVKQSGSLPLSSLTHV
LRSLTPNARGIFRLLIKYQLDNQDNPSYIGLSFQDFYQQCREAFLVNSDLTLRAQLTEFRDHKLIRTKKGTDGVEYLLIP
VDNGTLTDFLEKEEEEA
;
B
3 'polypeptide(L)'
;MATSSMSKGCFVFKPNSKKRKISLPIEDYFNKGKNEPEDSKLRFETYQLIWQQMKSENERLQEELNKNLFDNLIEFLQKS
HSGFQKNSRDLGGQIKLREIPTAALVLGVNVTDHDLTFGSLTEALQNNVTPYVVSLQAKDCPDMKHFLQKLISQLMDCCV
DIKSKEEESVHVTQRKTHYSMDSLSSWYMTVTQKTDPKMLSKKRTTSSQWQSPPVVVILKDMESFATKVLQDFIIISSQH
LHEFPLILIFGIATSPIIIHRLLPHAVSSLLCIELFQSLSCKEHLTTVLDKLLLTTQFPFKINEKVLQVLTNIFLYHDFS
VQNFIKGLQLSLLEHFYSQPLSVLCCNLPEAKRRINFLSNNQCENIRRLPSFRRYVEKQASEKQVALLTNERYLKEETQL
LLENLHVYHMNYFLVLRCLHKFTSSLPKYPLGRQIRELYCTCLEKNIWDSEEYASVLQLLRMLAKDELMTILEKCFKVFK
SYCENHLGSTAKRIEEFLAQFQSLDAETKEEEDASGSQPKGLQKTDLYHLQKSLLEMKELRRSKKQTKFEVLRENVVNFI
DCLVREYLLPPETQPLHEVVYFSAAHALREHLNAAPRIALHTALNNPYYYLKNEALKSEEGCIPNIAPDICIAYKLHLEC
SRLINLVDWSEAFATVVTAAEKMDANSATSEEMNEIIHARFIRAVSELELLGFIKPTKQKTDHVARLTWGGC
;
C
4 'polypeptide(L)'
;MSSRKSKSNSLIHTECLSQVQRILRERFCRQSPHSNLFGVQVQYKHLSELLKRTALHGESNSVLIIGPRGSGKTMLINHA
LKELMEIEEVSENVLQVHLNGLLQINDKIALKEITRQLNLENVVGDKVFGSFAENLSFLLEALKKGDRTSSCPVIFILDE
FDLFAHHKNQTLLYNLFDISQSAQTPIAVIGLTCRLDILELLEKRVKSRFSHRQIHLMNSFGFPQYVKIFKEQLSLPAEF
PDKVFAEKWNENVQYLSEDRSVQEVLQKHFNISKNLRSLHMLLMLALNRVTASHPFMTAVDLMEASQLCSMDSKANIVHG
LSVLEICLIIAMKHLNDIYEEEPFNFQMVYNEFQKFVQRKAHSVYNFEKPVVMKAFEHLQQLELIKPMERTSGNSQREYQ
LMKLLLDNTQIMNALQKYPNCPTDVRQWATSSLSWL
;
D
5 'polypeptide(L)'
;MPHLENVVLCRESQVSILQSLFGERHHFSFPSIFIYGHTASGKTYVTQTLLKTLELPHVFVNCVECFTLRLLLEQILNKL
NHLSSSEDGCSTEITCETFNDFVRLFKQVTTAENLKDQTVYIVLDKAEYLRDMEANLLPGFLRLQELADRNVTVLFLSEI
VWEKFRPNTGCFEPFVLYFPDYSIGNLQKILSHDHPPEYSADFYAAYINILLGVFYTVCRDLKELRHLAVLNFPKYCEPV
VKGEASERDTRKLWRNIEPHLKKAMQTVYLREISSSQWEKLQKDDTDPGQLKGLSAHTHVELPYYSKFILIAAYLASYNP
ARTDKRFFLKHHGKIKKTNFLKKHEKTSNHLLGPKPFPLDRLLAILYSIVDSRVAPTANIFSQITSLVTLQLLTLVGHDD
QLDGPKYKCTVSLDFIRAIARTVNFDIIKYLYDFL
;
E
6 'polydeoxyribonucleotide' (DA)(DT)(DA)(DT)(DA)(DT)(DA)(DT)(DA)(DT)(DA)(DA)(DT) F
7 'polydeoxyribonucleotide' (DA)(DT)(DT)(DA)(DT)(DA)(DT)(DA)(DT)(DA)(DT)(DA)(DT) G
#
loop_
_chem_comp.id
_chem_comp.type
_chem_comp.name
_chem_comp.formula
ATP non-polymer ADENOSINE-5'-TRIPHOSPHATE 'C10 H16 N5 O13 P3'
DA DNA linking 2'-DEOXYADENOSINE-5'-MONOPHOSPHATE 'C10 H14 N5 O6 P'
DT DNA linking THYMIDINE-5'-MONOPHOSPHATE 'C10 H15 N2 O8 P'
K non-polymer 'POTASSIUM ION' 'K 1'
MG non-polymer 'MAGNESIUM ION' 'Mg 2'
#
# COMPACT_ATOMS: atom_id res chain seq x y z
N SER A 17 5.36 -63.55 29.09
CA SER A 17 6.79 -63.41 29.31
C SER A 17 7.07 -62.54 30.53
N VAL A 18 8.26 -61.96 30.60
CA VAL A 18 8.65 -61.09 31.70
C VAL A 18 8.62 -59.62 31.28
N LEU A 19 9.13 -59.32 30.10
CA LEU A 19 9.28 -57.93 29.69
C LEU A 19 7.94 -57.26 29.36
N GLU A 20 6.92 -58.01 28.96
CA GLU A 20 5.66 -57.40 28.52
C GLU A 20 4.95 -56.69 29.68
N GLU A 21 5.02 -57.25 30.89
CA GLU A 21 4.50 -56.53 32.04
C GLU A 21 5.37 -55.33 32.40
N ALA A 22 6.66 -55.34 32.04
CA ALA A 22 7.46 -54.12 32.21
C ALA A 22 7.00 -53.03 31.26
N ARG A 23 6.65 -53.40 30.01
CA ARG A 23 6.01 -52.42 29.11
C ARG A 23 4.67 -51.93 29.64
N LEU A 24 3.87 -52.82 30.20
CA LEU A 24 2.57 -52.42 30.76
C LEU A 24 2.72 -51.46 31.94
N ARG A 25 3.65 -51.76 32.86
CA ARG A 25 3.89 -50.86 33.99
C ARG A 25 4.51 -49.54 33.56
N LEU A 26 5.49 -49.58 32.65
CA LEU A 26 6.27 -48.39 32.32
C LEU A 26 5.50 -47.39 31.47
N HIS A 27 4.31 -47.76 30.98
CA HIS A 27 3.48 -46.85 30.19
C HIS A 27 3.08 -45.63 31.03
N VAL A 28 3.13 -44.46 30.40
CA VAL A 28 2.88 -43.19 31.09
C VAL A 28 1.43 -43.12 31.59
N SER A 29 0.50 -43.72 30.85
CA SER A 29 -0.92 -43.68 31.21
C SER A 29 -1.21 -44.41 32.52
N ALA A 30 -0.37 -45.37 32.91
CA ALA A 30 -0.62 -46.17 34.11
C ALA A 30 -0.20 -45.38 35.35
N VAL A 31 -1.00 -44.37 35.69
CA VAL A 31 -0.78 -43.60 36.91
C VAL A 31 -1.09 -44.49 38.13
N PRO A 32 -0.25 -44.49 39.16
CA PRO A 32 -0.55 -45.31 40.34
C PRO A 32 -1.58 -44.65 41.24
N GLU A 33 -2.24 -45.49 42.03
CA GLU A 33 -3.25 -45.03 42.98
C GLU A 33 -2.63 -44.19 44.09
N SER A 34 -1.55 -44.68 44.68
CA SER A 34 -0.78 -43.92 45.65
C SER A 34 0.51 -43.44 44.99
N LEU A 35 0.70 -42.12 44.98
CA LEU A 35 1.89 -41.60 44.31
C LEU A 35 3.05 -41.53 45.29
N PRO A 36 4.21 -42.09 44.96
CA PRO A 36 5.40 -41.85 45.78
C PRO A 36 5.86 -40.41 45.70
N CYS A 37 6.55 -39.97 46.75
CA CYS A 37 7.39 -38.77 46.80
C CYS A 37 6.64 -37.45 46.72
N ARG A 38 5.30 -37.48 46.66
CA ARG A 38 4.45 -36.28 46.61
C ARG A 38 3.34 -36.44 47.64
N GLU A 39 3.72 -36.81 48.87
CA GLU A 39 2.79 -37.04 49.95
C GLU A 39 2.60 -35.81 50.84
N GLN A 40 3.65 -35.01 51.05
CA GLN A 40 3.51 -33.77 51.81
C GLN A 40 2.64 -32.74 51.08
N GLU A 41 2.84 -32.60 49.77
CA GLU A 41 2.01 -31.69 48.98
C GLU A 41 0.57 -32.17 48.91
N PHE A 42 0.36 -33.50 48.84
CA PHE A 42 -0.97 -34.08 48.89
C PHE A 42 -1.70 -33.69 50.17
N GLN A 43 -1.02 -33.82 51.30
CA GLN A 43 -1.62 -33.47 52.59
C GLN A 43 -1.88 -31.96 52.69
N ASP A 44 -0.97 -31.14 52.16
CA ASP A 44 -1.13 -29.70 52.27
C ASP A 44 -2.29 -29.18 51.42
N ILE A 45 -2.45 -29.71 50.20
CA ILE A 45 -3.61 -29.38 49.37
C ILE A 45 -4.90 -29.87 50.03
N TYR A 46 -4.86 -31.10 50.58
CA TYR A 46 -6.01 -31.69 51.25
C TYR A 46 -6.44 -30.89 52.48
N ASN A 47 -5.47 -30.38 53.25
CA ASN A 47 -5.80 -29.55 54.41
C ASN A 47 -6.31 -28.17 54.00
N PHE A 48 -5.78 -27.59 52.93
CA PHE A 48 -6.34 -26.32 52.46
C PHE A 48 -7.77 -26.48 51.95
N VAL A 49 -8.11 -27.60 51.33
CA VAL A 49 -9.47 -27.67 50.80
C VAL A 49 -10.44 -28.14 51.87
N GLU A 50 -9.98 -28.92 52.86
CA GLU A 50 -10.85 -29.28 53.97
C GLU A 50 -11.07 -28.11 54.92
N SER A 51 -10.11 -27.17 54.99
CA SER A 51 -10.34 -25.94 55.74
C SER A 51 -11.25 -24.95 55.04
N LYS A 52 -11.71 -25.26 53.83
CA LYS A 52 -12.56 -24.35 53.07
C LYS A 52 -13.87 -24.97 52.63
N LEU A 53 -14.01 -26.30 52.66
CA LEU A 53 -15.24 -26.98 52.28
C LEU A 53 -16.20 -27.11 53.45
N LEU A 54 -15.69 -27.43 54.64
CA LEU A 54 -16.55 -27.71 55.78
C LEU A 54 -17.20 -26.45 56.34
N ASP A 55 -16.53 -25.31 56.22
CA ASP A 55 -17.04 -24.04 56.74
C ASP A 55 -17.81 -23.21 55.70
N HIS A 56 -17.95 -23.73 54.47
CA HIS A 56 -18.74 -23.12 53.39
C HIS A 56 -18.27 -21.71 53.05
N THR A 57 -16.97 -21.58 52.80
CA THR A 57 -16.33 -20.31 52.50
C THR A 57 -15.54 -20.42 51.21
N GLY A 58 -15.31 -19.28 50.57
CA GLY A 58 -14.71 -19.24 49.25
C GLY A 58 -13.29 -18.68 49.28
N GLY A 59 -12.38 -19.40 48.62
CA GLY A 59 -10.98 -19.02 48.55
C GLY A 59 -10.34 -19.20 47.19
N CYS A 60 -9.03 -19.06 47.12
CA CYS A 60 -8.30 -19.16 45.85
C CYS A 60 -6.95 -19.82 46.06
N MET A 61 -6.48 -20.53 45.03
CA MET A 61 -5.19 -21.22 45.06
C MET A 61 -4.48 -21.08 43.72
N TYR A 62 -3.15 -21.00 43.78
CA TYR A 62 -2.29 -20.98 42.60
C TYR A 62 -1.16 -21.97 42.79
N ILE A 63 -0.95 -22.84 41.80
CA ILE A 63 0.11 -23.85 41.81
C ILE A 63 0.91 -23.70 40.52
N SER A 64 2.24 -23.82 40.62
CA SER A 64 3.10 -23.68 39.44
C SER A 64 4.30 -24.61 39.56
N GLY A 65 5.11 -24.66 38.51
CA GLY A 65 6.29 -25.50 38.48
C GLY A 65 6.59 -25.94 37.06
N VAL A 66 7.65 -26.73 36.94
CA VAL A 66 8.10 -27.26 35.64
C VAL A 66 7.10 -28.33 35.22
N PRO A 67 6.93 -28.64 33.92
CA PRO A 67 5.79 -29.50 33.51
C PRO A 67 5.84 -30.94 33.99
N GLY A 68 6.99 -31.46 34.39
CA GLY A 68 7.09 -32.85 34.75
C GLY A 68 6.86 -33.19 36.21
N THR A 69 6.42 -32.24 37.04
CA THR A 69 6.34 -32.49 38.49
C THR A 69 5.21 -33.44 38.85
N GLY A 70 4.09 -33.38 38.15
CA GLY A 70 2.98 -34.22 38.57
C GLY A 70 1.83 -33.48 39.20
N LYS A 71 1.49 -32.31 38.66
CA LYS A 71 0.46 -31.47 39.26
C LYS A 71 -0.93 -32.08 39.10
N THR A 72 -1.31 -32.39 37.85
CA THR A 72 -2.67 -32.84 37.55
C THR A 72 -2.99 -34.17 38.23
N ALA A 73 -2.02 -35.10 38.27
CA ALA A 73 -2.24 -36.39 38.93
C ALA A 73 -2.44 -36.22 40.43
N THR A 74 -1.63 -35.37 41.08
CA THR A 74 -1.78 -35.15 42.51
C THR A 74 -3.09 -34.45 42.85
N VAL A 75 -3.51 -33.45 42.06
CA VAL A 75 -4.76 -32.77 42.37
C VAL A 75 -5.95 -33.66 42.00
N HIS A 76 -5.76 -34.59 41.06
CA HIS A 76 -6.81 -35.55 40.75
C HIS A 76 -6.96 -36.58 41.87
N GLU A 77 -5.84 -36.96 42.51
CA GLU A 77 -5.92 -37.75 43.74
C GLU A 77 -6.61 -36.98 44.86
N VAL A 78 -6.35 -35.67 44.93
CA VAL A 78 -7.00 -34.82 45.93
C VAL A 78 -8.51 -34.81 45.73
N ILE A 79 -8.96 -34.59 44.49
CA ILE A 79 -10.38 -34.48 44.21
C ILE A 79 -11.06 -35.84 44.38
N ARG A 80 -10.33 -36.93 44.09
CA ARG A 80 -10.84 -38.28 44.34
C ARG A 80 -11.02 -38.57 45.82
N CYS A 81 -10.04 -38.20 46.65
CA CYS A 81 -10.15 -38.48 48.07
C CYS A 81 -11.22 -37.64 48.75
N LEU A 82 -11.41 -36.40 48.28
CA LEU A 82 -12.58 -35.64 48.75
C LEU A 82 -13.88 -36.26 48.29
N GLN A 83 -13.93 -36.82 47.08
CA GLN A 83 -15.14 -37.49 46.62
C GLN A 83 -15.45 -38.73 47.48
N GLN A 84 -14.41 -39.49 47.83
CA GLN A 84 -14.58 -40.65 48.70
C GLN A 84 -15.00 -40.25 50.11
N ALA A 85 -14.46 -39.14 50.61
CA ALA A 85 -14.91 -38.60 51.90
C ALA A 85 -16.36 -38.13 51.81
N ALA A 86 -16.76 -37.59 50.66
CA ALA A 86 -18.14 -37.15 50.46
C ALA A 86 -19.10 -38.33 50.42
N GLN A 87 -18.66 -39.45 49.84
CA GLN A 87 -19.51 -40.64 49.81
C GLN A 87 -19.69 -41.22 51.21
N ALA A 88 -18.67 -41.11 52.06
CA ALA A 88 -18.72 -41.62 53.42
C ALA A 88 -19.34 -40.63 54.39
N ASN A 89 -19.97 -39.57 53.89
CA ASN A 89 -20.73 -38.56 54.63
C ASN A 89 -19.87 -37.73 55.57
N ASP A 90 -18.54 -37.72 55.38
CA ASP A 90 -17.67 -36.96 56.27
C ASP A 90 -17.79 -35.47 55.98
N VAL A 91 -17.85 -35.11 54.70
CA VAL A 91 -17.98 -33.70 54.31
C VAL A 91 -19.32 -33.56 53.60
N PRO A 92 -19.89 -32.35 53.58
CA PRO A 92 -21.04 -32.10 52.70
C PRO A 92 -20.67 -32.25 51.24
N PRO A 93 -21.59 -32.77 50.41
CA PRO A 93 -21.24 -33.12 49.02
C PRO A 93 -20.99 -31.90 48.16
N PHE A 94 -20.19 -32.09 47.12
CA PHE A 94 -19.71 -31.02 46.26
C PHE A 94 -19.81 -31.44 44.78
N GLN A 95 -20.24 -30.52 43.94
CA GLN A 95 -20.19 -30.75 42.49
C GLN A 95 -18.88 -30.18 41.92
N TYR A 96 -18.39 -30.80 40.85
CA TYR A 96 -17.00 -30.66 40.40
C TYR A 96 -16.91 -30.23 38.94
N ILE A 97 -15.97 -29.33 38.64
CA ILE A 97 -15.73 -28.86 37.28
C ILE A 97 -14.23 -28.99 37.00
N GLU A 98 -13.91 -29.39 35.76
CA GLU A 98 -12.54 -29.38 35.28
C GLU A 98 -12.50 -28.85 33.85
N VAL A 99 -11.62 -27.87 33.60
CA VAL A 99 -11.43 -27.24 32.29
C VAL A 99 -9.92 -27.07 32.08
N ASN A 100 -9.46 -27.32 30.85
CA ASN A 100 -8.06 -27.12 30.50
C ASN A 100 -7.94 -26.04 29.42
N GLY A 101 -6.93 -25.18 29.57
CA GLY A 101 -6.78 -24.04 28.67
C GLY A 101 -6.38 -24.41 27.25
N MET A 102 -5.51 -25.41 27.09
CA MET A 102 -5.03 -25.80 25.76
C MET A 102 -6.15 -26.42 24.92
N LYS A 103 -7.05 -27.16 25.57
CA LYS A 103 -8.08 -27.90 24.85
C LYS A 103 -9.10 -26.97 24.21
N LEU A 104 -9.33 -25.81 24.80
CA LEU A 104 -10.35 -24.89 24.31
C LEU A 104 -9.94 -24.23 23.00
N THR A 105 -10.94 -24.00 22.14
CA THR A 105 -10.69 -23.36 20.86
C THR A 105 -10.41 -21.88 21.02
N GLU A 106 -11.15 -21.20 21.90
CA GLU A 106 -11.07 -19.78 22.12
C GLU A 106 -10.89 -19.48 23.59
N PRO A 107 -10.21 -18.38 23.94
CA PRO A 107 -10.10 -18.00 25.36
C PRO A 107 -11.43 -17.65 26.02
N HIS A 108 -12.37 -17.07 25.29
CA HIS A 108 -13.64 -16.70 25.91
C HIS A 108 -14.57 -17.89 26.15
N GLN A 109 -14.25 -19.08 25.62
CA GLN A 109 -15.12 -20.24 25.71
C GLN A 109 -15.16 -20.85 27.11
N VAL A 110 -14.32 -20.37 28.03
CA VAL A 110 -14.34 -20.84 29.41
C VAL A 110 -15.70 -20.61 30.04
N TYR A 111 -16.29 -19.43 29.79
CA TYR A 111 -17.58 -19.07 30.39
C TYR A 111 -18.70 -19.97 29.92
N VAL A 112 -18.75 -20.28 28.62
CA VAL A 112 -19.81 -21.16 28.14
C VAL A 112 -19.58 -22.59 28.65
N GLN A 113 -18.33 -23.02 28.82
CA GLN A 113 -18.10 -24.37 29.36
C GLN A 113 -18.47 -24.47 30.84
N ILE A 114 -18.12 -23.45 31.64
CA ILE A 114 -18.53 -23.43 33.05
C ILE A 114 -20.06 -23.38 33.16
N LEU A 115 -20.70 -22.64 32.24
CA LEU A 115 -22.15 -22.53 32.25
C LEU A 115 -22.82 -23.86 31.95
N GLN A 116 -22.35 -24.59 30.93
CA GLN A 116 -22.99 -25.87 30.62
C GLN A 116 -22.65 -26.92 31.67
N LYS A 117 -21.47 -26.83 32.27
CA LYS A 117 -21.10 -27.81 33.29
C LYS A 117 -21.91 -27.62 34.56
N LEU A 118 -22.16 -26.37 34.93
CA LEU A 118 -22.94 -26.11 36.14
C LEU A 118 -24.44 -26.21 35.88
N THR A 119 -24.93 -25.63 34.79
CA THR A 119 -26.35 -25.54 34.49
C THR A 119 -26.63 -26.19 33.13
N GLY A 120 -27.88 -26.63 32.94
CA GLY A 120 -28.26 -27.22 31.66
C GLY A 120 -28.29 -26.24 30.51
N GLN A 121 -28.51 -24.96 30.81
CA GLN A 121 -28.65 -23.94 29.78
C GLN A 121 -27.33 -23.66 29.09
N LYS A 122 -27.39 -23.40 27.77
CA LYS A 122 -26.23 -22.98 27.00
C LYS A 122 -26.51 -21.63 26.36
N ALA A 123 -25.45 -20.83 26.17
CA ALA A 123 -25.60 -19.48 25.65
C ALA A 123 -24.33 -19.06 24.92
N THR A 124 -24.29 -17.81 24.51
CA THR A 124 -23.10 -17.19 23.94
C THR A 124 -22.20 -16.73 25.11
N ALA A 125 -20.94 -16.40 24.80
CA ALA A 125 -19.91 -16.18 25.81
C ALA A 125 -20.22 -15.00 26.73
N ASN A 126 -20.70 -13.89 26.17
CA ASN A 126 -21.00 -12.72 27.01
C ASN A 126 -22.26 -12.94 27.86
N HIS A 127 -23.26 -13.63 27.32
CA HIS A 127 -24.43 -14.02 28.10
C HIS A 127 -24.03 -14.98 29.23
N ALA A 128 -23.12 -15.91 28.94
CA ALA A 128 -22.61 -16.82 29.96
C ALA A 128 -21.83 -16.07 31.03
N ALA A 129 -21.07 -15.03 30.64
CA ALA A 129 -20.35 -14.22 31.60
C ALA A 129 -21.29 -13.49 32.54
N GLU A 130 -22.39 -12.95 31.99
CA GLU A 130 -23.35 -12.24 32.83
C GLU A 130 -24.11 -13.21 33.75
N LEU A 131 -24.49 -14.38 33.23
CA LEU A 131 -25.17 -15.38 34.07
C LEU A 131 -24.26 -15.92 35.16
N LEU A 132 -22.97 -16.08 34.88
CA LEU A 132 -22.04 -16.55 35.91
C LEU A 132 -21.75 -15.46 36.93
N ALA A 133 -21.69 -14.20 36.49
CA ALA A 133 -21.54 -13.09 37.43
C ALA A 133 -22.75 -12.97 38.35
N LYS A 134 -23.95 -13.18 37.82
CA LYS A 134 -25.15 -13.12 38.64
C LYS A 134 -25.31 -14.35 39.52
N GLN A 135 -24.81 -15.51 39.08
CA GLN A 135 -24.82 -16.71 39.90
C GLN A 135 -23.84 -16.63 41.06
N PHE A 136 -22.68 -16.01 40.85
CA PHE A 136 -21.67 -15.91 41.90
C PHE A 136 -21.71 -14.53 42.55
N THR A 145 -21.14 -25.11 46.64
CA THR A 145 -20.13 -26.06 47.09
C THR A 145 -19.25 -26.46 45.93
N THR A 146 -19.31 -25.67 44.86
CA THR A 146 -18.60 -25.97 43.63
C THR A 146 -17.08 -25.82 43.79
N VAL A 147 -16.35 -26.76 43.16
CA VAL A 147 -14.91 -26.87 43.27
C VAL A 147 -14.29 -26.73 41.89
N LEU A 148 -13.83 -25.53 41.56
CA LEU A 148 -13.32 -25.27 40.21
C LEU A 148 -11.90 -25.81 40.05
N LEU A 149 -11.61 -26.32 38.84
CA LEU A 149 -10.25 -26.66 38.44
C LEU A 149 -9.93 -26.00 37.11
N VAL A 150 -8.86 -25.22 37.07
CA VAL A 150 -8.43 -24.53 35.87
C VAL A 150 -6.95 -24.90 35.66
N ASP A 151 -6.70 -25.79 34.71
CA ASP A 151 -5.34 -26.01 34.24
C ASP A 151 -5.01 -24.95 33.18
N GLU A 152 -3.72 -24.72 32.98
CA GLU A 152 -3.15 -23.99 31.84
C GLU A 152 -3.65 -22.53 31.81
N LEU A 153 -3.25 -21.79 32.84
CA LEU A 153 -3.74 -20.44 33.05
C LEU A 153 -3.21 -19.47 32.00
N ASP A 154 -2.08 -19.82 31.36
CA ASP A 154 -1.41 -18.92 30.42
C ASP A 154 -2.23 -18.59 29.18
N LEU A 155 -2.91 -19.57 28.59
CA LEU A 155 -3.60 -19.28 27.34
C LEU A 155 -4.92 -18.55 27.51
N LEU A 156 -5.41 -18.37 28.73
CA LEU A 156 -6.64 -17.60 28.89
C LEU A 156 -6.37 -16.11 28.99
N TRP A 157 -5.10 -15.72 28.86
CA TRP A 157 -4.72 -14.31 28.81
C TRP A 157 -5.33 -13.59 27.62
N THR A 158 -5.83 -12.38 27.89
CA THR A 158 -6.24 -11.42 26.88
C THR A 158 -5.58 -10.09 27.18
N HIS A 159 -5.62 -9.18 26.21
CA HIS A 159 -5.12 -7.83 26.46
C HIS A 159 -6.02 -7.06 27.43
N LYS A 160 -7.30 -7.41 27.52
CA LYS A 160 -8.12 -6.94 28.63
C LYS A 160 -7.65 -7.54 29.96
N GLN A 161 -7.08 -8.76 29.91
CA GLN A 161 -6.90 -9.67 31.07
C GLN A 161 -8.15 -9.78 31.93
N ASP A 162 -9.32 -9.78 31.28
CA ASP A 162 -10.59 -9.82 32.01
C ASP A 162 -10.88 -11.21 32.55
N ILE A 163 -10.57 -12.24 31.75
CA ILE A 163 -10.87 -13.63 32.12
C ILE A 163 -10.02 -14.06 33.31
N MET A 164 -8.74 -13.70 33.29
CA MET A 164 -7.84 -13.98 34.41
C MET A 164 -8.31 -13.27 35.68
N TYR A 165 -8.68 -11.98 35.56
CA TYR A 165 -9.02 -11.18 36.71
C TYR A 165 -10.33 -11.66 37.36
N ASN A 166 -11.36 -11.92 36.56
CA ASN A 166 -12.61 -12.37 37.17
C ASN A 166 -12.54 -13.85 37.55
N LEU A 167 -11.59 -14.62 37.00
CA LEU A 167 -11.30 -15.94 37.55
C LEU A 167 -10.75 -15.84 38.97
N PHE A 168 -9.88 -14.86 39.23
CA PHE A 168 -9.47 -14.70 40.62
C PHE A 168 -10.55 -14.05 41.48
N ASP A 169 -11.37 -13.16 40.89
CA ASP A 169 -12.24 -12.28 41.68
C ASP A 169 -13.60 -12.92 42.00
N TRP A 170 -14.03 -13.92 41.22
CA TRP A 170 -15.31 -14.58 41.52
C TRP A 170 -15.36 -15.32 42.85
N PRO A 171 -14.42 -16.23 43.21
CA PRO A 171 -14.62 -17.01 44.44
C PRO A 171 -14.53 -16.22 45.73
N THR A 172 -13.93 -15.03 45.73
CA THR A 172 -13.77 -14.25 46.95
C THR A 172 -15.03 -13.47 47.29
N HIS A 173 -16.17 -14.16 47.37
CA HIS A 173 -17.45 -13.53 47.62
C HIS A 173 -18.29 -14.55 48.38
N LYS A 174 -19.09 -14.07 49.35
CA LYS A 174 -19.87 -14.95 50.22
C LYS A 174 -20.93 -15.73 49.46
N GLU A 175 -21.47 -15.15 48.38
CA GLU A 175 -22.44 -15.84 47.55
C GLU A 175 -21.78 -16.96 46.74
N ALA A 176 -20.51 -16.78 46.40
CA ALA A 176 -19.83 -17.67 45.45
C ALA A 176 -19.65 -19.07 46.03
N ARG A 177 -19.08 -19.17 47.25
CA ARG A 177 -18.72 -20.43 47.92
C ARG A 177 -17.88 -21.35 47.00
N LEU A 178 -16.97 -20.73 46.27
CA LEU A 178 -16.16 -21.34 45.23
C LEU A 178 -14.71 -21.45 45.68
N VAL A 179 -14.07 -22.58 45.40
CA VAL A 179 -12.62 -22.72 45.55
C VAL A 179 -12.01 -22.94 44.17
N VAL A 180 -10.99 -22.14 43.85
CA VAL A 180 -10.34 -22.16 42.55
C VAL A 180 -8.94 -22.75 42.69
N LEU A 181 -8.60 -23.70 41.84
CA LEU A 181 -7.24 -24.23 41.77
C LEU A 181 -6.66 -23.94 40.39
N ALA A 182 -5.40 -23.50 40.36
CA ALA A 182 -4.79 -23.08 39.12
C ALA A 182 -3.46 -23.80 38.91
N ILE A 183 -3.14 -24.04 37.64
CA ILE A 183 -1.93 -24.76 37.25
C ILE A 183 -1.27 -23.99 36.12
N ALA A 184 0.03 -23.77 36.25
CA ALA A 184 0.77 -23.00 35.26
C ALA A 184 2.22 -23.44 35.30
N ASN A 185 3.02 -22.88 34.39
CA ASN A 185 4.41 -23.30 34.28
C ASN A 185 5.42 -22.23 34.65
N THR A 186 5.01 -20.97 34.80
CA THR A 186 5.88 -19.92 35.33
C THR A 186 5.31 -19.44 36.67
N MET A 187 6.15 -19.49 37.71
CA MET A 187 5.71 -19.16 39.06
C MET A 187 5.42 -17.68 39.24
N ASP A 188 6.08 -16.81 38.47
CA ASP A 188 5.92 -15.37 38.61
C ASP A 188 4.74 -14.82 37.80
N LEU A 189 3.74 -15.65 37.54
CA LEU A 189 2.58 -15.23 36.75
C LEU A 189 1.64 -14.28 37.52
N PRO A 190 1.05 -14.63 38.71
CA PRO A 190 -0.04 -13.77 39.21
C PRO A 190 0.45 -12.58 40.03
N GLU A 191 1.41 -11.85 39.47
CA GLU A 191 1.77 -10.50 39.93
C GLU A 191 1.47 -9.52 38.80
N ARG A 192 1.79 -9.92 37.57
CA ARG A 192 1.58 -9.07 36.40
C ARG A 192 0.09 -8.78 36.17
N ILE A 193 -0.79 -9.64 36.70
CA ILE A 193 -2.23 -9.40 36.68
C ILE A 193 -2.61 -8.14 37.48
N MET A 194 -1.78 -7.77 38.47
CA MET A 194 -2.07 -6.74 39.49
C MET A 194 -3.36 -7.08 40.23
N THR A 205 -2.58 -18.83 47.77
CA THR A 205 -1.18 -18.32 47.69
C THR A 205 -0.44 -19.07 46.57
N ARG A 206 0.88 -18.89 46.47
CA ARG A 206 1.65 -19.49 45.36
C ARG A 206 2.32 -20.79 45.82
N MET A 207 1.54 -21.83 46.08
CA MET A 207 2.13 -23.15 46.45
C MET A 207 2.99 -23.63 45.29
N CYS A 208 4.18 -24.19 45.57
CA CYS A 208 5.09 -24.54 44.44
C CYS A 208 5.49 -26.01 44.42
N PHE A 209 5.77 -26.57 43.24
CA PHE A 209 6.24 -27.93 43.07
C PHE A 209 7.64 -27.90 42.49
N GLN A 210 8.54 -28.70 43.06
CA GLN A 210 9.94 -28.73 42.67
C GLN A 210 10.22 -29.82 41.64
N PRO A 211 11.17 -29.58 40.73
CA PRO A 211 11.63 -30.66 39.85
C PRO A 211 12.26 -31.79 40.65
N TYR A 212 12.07 -33.02 40.17
CA TYR A 212 12.61 -34.19 40.85
C TYR A 212 14.13 -34.26 40.74
N THR A 213 14.72 -34.81 41.80
CA THR A 213 16.14 -35.08 41.91
C THR A 213 16.43 -36.57 41.77
N TYR A 214 17.59 -36.98 42.27
CA TYR A 214 18.03 -38.37 42.15
C TYR A 214 17.13 -39.32 42.95
N SER A 215 16.91 -39.00 44.23
CA SER A 215 16.31 -39.96 45.16
C SER A 215 14.84 -40.22 44.86
N GLN A 216 14.06 -39.17 44.57
CA GLN A 216 12.64 -39.36 44.28
C GLN A 216 12.44 -40.10 42.98
N LEU A 217 13.24 -39.79 41.96
CA LEU A 217 13.12 -40.42 40.65
C LEU A 217 13.47 -41.89 40.71
N GLN A 218 14.56 -42.22 41.41
CA GLN A 218 14.94 -43.62 41.59
C GLN A 218 13.88 -44.39 42.38
N GLN A 219 13.26 -43.72 43.35
CA GLN A 219 12.14 -44.31 44.10
C GLN A 219 10.96 -44.61 43.18
N ILE A 220 10.62 -43.68 42.28
CA ILE A 220 9.51 -43.91 41.33
C ILE A 220 9.83 -45.07 40.39
N LEU A 221 11.06 -45.11 39.87
CA LEU A 221 11.42 -46.12 38.89
C LEU A 221 11.46 -47.52 39.50
N ARG A 222 11.94 -47.64 40.75
CA ARG A 222 11.77 -48.92 41.43
C ARG A 222 10.32 -49.16 41.82
N SER A 223 9.54 -48.09 42.06
CA SER A 223 8.18 -48.24 42.56
C SER A 223 7.25 -48.88 41.53
N ARG A 224 7.41 -48.52 40.25
CA ARG A 224 6.53 -49.12 39.24
C ARG A 224 6.88 -50.59 38.99
N LEU A 225 8.15 -50.96 39.07
CA LEU A 225 8.56 -52.36 38.97
C LEU A 225 9.00 -52.94 40.32
N LYS A 226 8.17 -52.76 41.36
CA LYS A 226 8.49 -53.27 42.68
C LYS A 226 8.54 -54.81 42.71
N HIS A 227 7.59 -55.48 42.06
CA HIS A 227 7.44 -56.92 42.19
C HIS A 227 7.84 -57.70 40.95
N LEU A 228 8.59 -57.11 40.01
CA LEU A 228 9.03 -57.82 38.81
C LEU A 228 10.53 -57.68 38.67
N LYS A 229 11.21 -58.82 38.49
CA LYS A 229 12.67 -58.88 38.42
C LYS A 229 13.04 -58.72 36.93
N ALA A 230 13.07 -57.46 36.49
CA ALA A 230 13.29 -57.15 35.09
C ALA A 230 14.46 -56.22 34.82
N PHE A 231 14.87 -55.40 35.79
CA PHE A 231 15.95 -54.43 35.60
C PHE A 231 17.07 -54.65 36.59
N GLU A 232 18.26 -54.24 36.18
CA GLU A 232 19.41 -54.08 37.06
C GLU A 232 19.42 -52.65 37.57
N ASP A 233 19.78 -52.48 38.84
CA ASP A 233 19.71 -51.17 39.50
C ASP A 233 20.74 -50.19 38.94
N ASP A 234 21.82 -50.68 38.32
CA ASP A 234 22.81 -49.79 37.72
C ASP A 234 22.22 -49.04 36.53
N ALA A 235 21.38 -49.72 35.74
CA ALA A 235 20.65 -49.05 34.67
C ALA A 235 19.67 -48.02 35.22
N ILE A 236 19.03 -48.35 36.35
CA ILE A 236 18.10 -47.43 37.00
C ILE A 236 18.81 -46.17 37.46
N GLN A 237 19.99 -46.31 38.07
CA GLN A 237 20.70 -45.12 38.55
C GLN A 237 21.29 -44.32 37.40
N LEU A 238 21.71 -44.97 36.31
CA LEU A 238 22.24 -44.21 35.17
C LEU A 238 21.15 -43.40 34.50
N VAL A 239 19.97 -44.02 34.27
CA VAL A 239 18.84 -43.30 33.67
C VAL A 239 18.38 -42.15 34.56
N ALA A 240 18.23 -42.41 35.86
CA ALA A 240 17.76 -41.39 36.79
C ALA A 240 18.77 -40.23 36.90
N ARG A 241 20.07 -40.56 36.99
CA ARG A 241 21.12 -39.55 37.08
C ARG A 241 21.19 -38.71 35.82
N LYS A 242 21.09 -39.33 34.64
CA LYS A 242 21.14 -38.60 33.37
C LYS A 242 19.96 -37.64 33.23
N VAL A 243 18.74 -38.11 33.50
CA VAL A 243 17.58 -37.26 33.27
C VAL A 243 17.50 -36.14 34.32
N ALA A 244 17.78 -36.46 35.59
CA ALA A 244 17.81 -35.43 36.63
C ALA A 244 18.93 -34.42 36.40
N ALA A 245 20.03 -34.86 35.78
CA ALA A 245 21.07 -33.91 35.38
C ALA A 245 20.58 -33.00 34.26
N LEU A 246 19.90 -33.56 33.26
CA LEU A 246 19.43 -32.74 32.15
C LEU A 246 18.23 -31.85 32.49
N SER A 247 17.08 -32.45 32.79
CA SER A 247 15.85 -31.68 33.01
C SER A 247 15.22 -31.94 34.37
N GLY A 248 14.96 -33.19 34.72
CA GLY A 248 14.28 -33.52 35.95
C GLY A 248 12.82 -33.90 35.74
N ASP A 249 12.55 -34.64 34.68
CA ASP A 249 11.19 -34.96 34.29
C ASP A 249 10.91 -36.44 34.48
N ALA A 250 9.62 -36.77 34.65
CA ALA A 250 9.23 -38.17 34.82
C ALA A 250 9.00 -38.86 33.49
N ARG A 251 8.35 -38.16 32.55
CA ARG A 251 7.96 -38.75 31.27
C ARG A 251 9.18 -39.14 30.45
N ARG A 252 10.24 -38.33 30.54
CA ARG A 252 11.52 -38.66 29.94
C ARG A 252 12.10 -39.97 30.48
N CYS A 253 12.02 -40.15 31.81
CA CYS A 253 12.50 -41.38 32.43
C CYS A 253 11.71 -42.60 32.01
N LEU A 254 10.38 -42.49 31.98
CA LEU A 254 9.56 -43.64 31.61
C LEU A 254 9.77 -44.01 30.15
N ASP A 255 9.95 -43.02 29.26
CA ASP A 255 10.20 -43.31 27.85
C ASP A 255 11.60 -43.86 27.61
N ILE A 256 12.63 -43.37 28.33
CA ILE A 256 13.96 -43.95 28.18
C ILE A 256 14.01 -45.37 28.72
N CYS A 257 13.31 -45.66 29.83
CA CYS A 257 13.26 -47.03 30.31
C CYS A 257 12.48 -47.94 29.36
N ARG A 258 11.39 -47.43 28.79
CA ARG A 258 10.59 -48.25 27.88
C ARG A 258 11.33 -48.53 26.58
N ARG A 259 12.14 -47.58 26.10
CA ARG A 259 12.94 -47.83 24.92
C ARG A 259 14.17 -48.69 25.24
N ALA A 260 14.70 -48.58 26.47
CA ALA A 260 15.80 -49.44 26.90
C ALA A 260 15.35 -50.90 26.99
N THR A 261 14.11 -51.15 27.43
CA THR A 261 13.57 -52.50 27.40
C THR A 261 13.47 -53.01 25.96
N GLU A 262 13.12 -52.13 25.01
CA GLU A 262 13.05 -52.49 23.60
C GLU A 262 14.42 -52.91 23.06
N ILE A 263 15.45 -52.10 23.32
CA ILE A 263 16.77 -52.39 22.77
C ILE A 263 17.39 -53.59 23.47
N CYS A 264 17.01 -53.85 24.74
CA CYS A 264 17.37 -55.10 25.38
C CYS A 264 16.66 -56.29 24.72
N GLU A 265 15.40 -56.09 24.32
CA GLU A 265 14.63 -57.18 23.71
C GLU A 265 15.18 -57.55 22.34
N PHE A 266 15.80 -56.58 21.64
CA PHE A 266 16.53 -56.93 20.41
C PHE A 266 17.65 -57.92 20.67
N SER A 267 18.35 -57.78 21.80
CA SER A 267 19.53 -58.61 22.09
C SER A 267 19.14 -59.84 22.90
N GLN A 268 18.35 -60.72 22.29
CA GLN A 268 17.94 -61.96 22.94
C GLN A 268 18.25 -63.15 22.05
N GLY A 275 15.52 -62.38 30.34
CA GLY A 275 16.81 -61.72 30.30
C GLY A 275 16.98 -60.67 31.38
N LEU A 276 17.92 -59.76 31.17
CA LEU A 276 18.16 -58.67 32.11
C LEU A 276 18.61 -57.43 31.35
N VAL A 277 18.09 -56.28 31.76
CA VAL A 277 18.41 -54.99 31.13
C VAL A 277 19.70 -54.47 31.77
N THR A 278 20.80 -54.53 31.03
CA THR A 278 22.10 -54.15 31.52
C THR A 278 22.36 -52.65 31.31
N ILE A 279 23.55 -52.22 31.76
CA ILE A 279 24.01 -50.84 31.61
C ILE A 279 24.19 -50.45 30.14
N ALA A 280 24.53 -51.41 29.28
CA ALA A 280 24.83 -51.12 27.88
C ALA A 280 23.57 -50.70 27.13
N HIS A 281 22.45 -51.36 27.42
CA HIS A 281 21.18 -51.03 26.77
C HIS A 281 20.70 -49.63 27.14
N SER A 282 20.78 -49.28 28.42
CA SER A 282 20.36 -47.95 28.85
C SER A 282 21.32 -46.87 28.35
N MET A 283 22.62 -47.18 28.27
CA MET A 283 23.57 -46.23 27.71
C MET A 283 23.34 -46.00 26.23
N GLU A 284 22.93 -47.03 25.50
CA GLU A 284 22.58 -46.85 24.10
C GLU A 284 21.28 -46.05 23.95
N ALA A 285 20.31 -46.31 24.84
CA ALA A 285 19.05 -45.59 24.80
C ALA A 285 19.21 -44.09 25.11
N VAL A 286 20.05 -43.75 26.11
CA VAL A 286 20.13 -42.37 26.57
C VAL A 286 20.77 -41.46 25.52
N ASP A 287 21.74 -41.99 24.76
CA ASP A 287 22.23 -41.22 23.62
C ASP A 287 21.48 -41.53 22.32
N GLU A 288 20.47 -42.41 22.35
CA GLU A 288 19.52 -42.43 21.24
C GLU A 288 18.37 -41.42 21.44
N MET A 289 18.12 -40.97 22.67
CA MET A 289 17.17 -39.87 22.88
C MET A 289 17.76 -38.51 23.27
N PHE A 290 19.03 -38.41 23.64
CA PHE A 290 19.57 -37.10 24.00
C PHE A 290 20.62 -36.55 23.05
N SER A 291 21.24 -37.38 22.22
CA SER A 291 22.28 -36.87 21.34
C SER A 291 21.68 -36.03 20.22
N SER A 292 22.42 -35.00 19.83
CA SER A 292 22.03 -34.15 18.71
C SER A 292 22.59 -34.72 17.42
N SER A 293 21.77 -34.71 16.37
CA SER A 293 22.16 -35.25 15.09
C SER A 293 22.62 -34.18 14.13
N TYR A 294 23.04 -33.02 14.64
CA TYR A 294 23.53 -31.95 13.79
C TYR A 294 24.88 -32.34 13.18
N ILE A 295 25.79 -32.83 14.03
CA ILE A 295 27.14 -33.16 13.62
C ILE A 295 27.17 -34.40 12.71
N THR A 296 26.31 -35.39 12.99
CA THR A 296 26.27 -36.58 12.14
C THR A 296 25.60 -36.27 10.80
N ALA A 297 24.75 -35.24 10.77
CA ALA A 297 24.25 -34.72 9.50
C ALA A 297 25.36 -34.05 8.71
N ILE A 298 26.26 -33.34 9.40
CA ILE A 298 27.40 -32.72 8.74
C ILE A 298 28.35 -33.78 8.18
N LYS A 299 28.51 -34.90 8.91
CA LYS A 299 29.43 -35.98 8.47
C LYS A 299 29.02 -36.58 7.14
N ASN A 300 27.74 -36.91 6.96
CA ASN A 300 27.30 -37.69 5.83
C ASN A 300 26.93 -36.84 4.61
N SER A 301 27.32 -35.57 4.62
CA SER A 301 27.03 -34.65 3.53
C SER A 301 27.88 -34.94 2.30
N SER A 302 27.53 -34.26 1.20
CA SER A 302 28.29 -34.40 -0.03
C SER A 302 29.55 -33.52 0.01
N VAL A 303 30.34 -33.63 -1.06
CA VAL A 303 31.65 -32.97 -1.11
C VAL A 303 31.49 -31.45 -1.21
N LEU A 304 30.61 -30.99 -2.11
CA LEU A 304 30.48 -29.55 -2.35
C LEU A 304 29.83 -28.80 -1.20
N GLU A 305 28.89 -29.40 -0.45
CA GLU A 305 28.32 -28.68 0.68
C GLU A 305 29.31 -28.58 1.83
N GLN A 306 30.14 -29.62 2.01
CA GLN A 306 31.22 -29.51 2.99
C GLN A 306 32.24 -28.46 2.56
N SER A 307 32.53 -28.36 1.26
CA SER A 307 33.40 -27.30 0.77
C SER A 307 32.78 -25.93 0.98
N PHE A 308 31.45 -25.84 0.85
CA PHE A 308 30.74 -24.60 1.13
C PHE A 308 30.85 -24.21 2.60
N LEU A 309 30.72 -25.19 3.49
CA LEU A 309 30.88 -24.93 4.92
C LEU A 309 32.30 -24.52 5.28
N ARG A 310 33.30 -25.15 4.65
CA ARG A 310 34.69 -24.74 4.85
C ARG A 310 34.92 -23.32 4.34
N ALA A 311 34.26 -22.95 3.24
CA ALA A 311 34.34 -21.58 2.74
C ALA A 311 33.71 -20.60 3.71
N ILE A 312 32.61 -20.99 4.35
CA ILE A 312 31.97 -20.14 5.37
C ILE A 312 32.92 -19.95 6.56
N LEU A 313 33.56 -21.04 7.01
CA LEU A 313 34.50 -20.98 8.12
C LEU A 313 35.69 -20.07 7.80
N ALA A 314 36.24 -20.22 6.59
CA ALA A 314 37.38 -19.40 6.17
C ALA A 314 36.99 -17.93 6.03
N GLU A 315 35.78 -17.65 5.53
CA GLU A 315 35.36 -16.27 5.36
C GLU A 315 35.11 -15.63 6.73
N PHE A 316 34.59 -16.41 7.69
CA PHE A 316 34.46 -15.91 9.05
C PHE A 316 35.81 -15.67 9.71
N ARG A 317 36.82 -16.51 9.43
CA ARG A 317 38.16 -16.24 9.94
C ARG A 317 38.75 -14.98 9.34
N ARG A 318 38.54 -14.78 8.03
CA ARG A 318 39.04 -13.58 7.35
C ARG A 318 38.34 -12.32 7.85
N SER A 319 37.04 -12.42 8.14
CA SER A 319 36.28 -11.25 8.57
C SER A 319 36.27 -11.07 10.07
N GLY A 320 35.93 -12.11 10.82
CA GLY A 320 35.73 -11.97 12.25
C GLY A 320 34.33 -11.61 12.66
N LEU A 321 33.40 -11.50 11.71
CA LEU A 321 32.00 -11.20 12.02
C LEU A 321 31.17 -12.48 11.99
N GLU A 322 29.88 -12.34 12.29
CA GLU A 322 28.92 -13.42 12.15
C GLU A 322 28.07 -13.26 10.89
N GLU A 323 28.34 -12.22 10.09
CA GLU A 323 27.49 -11.83 8.98
C GLU A 323 28.32 -11.80 7.71
N ALA A 324 27.85 -12.47 6.67
CA ALA A 324 28.62 -12.56 5.43
C ALA A 324 27.67 -12.77 4.27
N THR A 325 27.79 -11.89 3.27
CA THR A 325 26.97 -11.97 2.07
C THR A 325 27.35 -13.17 1.23
N PHE A 326 26.39 -13.60 0.39
CA PHE A 326 26.57 -14.81 -0.41
C PHE A 326 27.67 -14.64 -1.45
N GLN A 327 27.89 -13.40 -1.91
CA GLN A 327 29.01 -13.11 -2.79
C GLN A 327 30.35 -13.35 -2.11
N GLN A 328 30.47 -12.97 -0.84
CA GLN A 328 31.72 -13.14 -0.11
C GLN A 328 32.03 -14.62 0.14
N ILE A 329 30.99 -15.40 0.47
CA ILE A 329 31.17 -16.84 0.67
C ILE A 329 31.52 -17.52 -0.65
N TYR A 330 30.85 -17.12 -1.74
CA TYR A 330 31.12 -17.72 -3.04
C TYR A 330 32.51 -17.37 -3.56
N SER A 331 33.02 -16.17 -3.24
CA SER A 331 34.35 -15.78 -3.67
C SER A 331 35.45 -16.59 -3.01
N GLN A 332 35.19 -17.09 -1.79
CA GLN A 332 36.10 -18.04 -1.18
C GLN A 332 35.88 -19.45 -1.73
N HIS A 333 34.61 -19.80 -1.97
CA HIS A 333 34.26 -21.18 -2.34
C HIS A 333 34.82 -21.53 -3.71
N VAL A 334 34.89 -20.57 -4.63
CA VAL A 334 35.53 -20.82 -5.93
C VAL A 334 37.02 -21.10 -5.76
N ALA A 335 37.68 -20.42 -4.81
CA ALA A 335 39.10 -20.69 -4.56
C ALA A 335 39.30 -22.07 -3.96
N LEU A 336 38.41 -22.46 -3.04
CA LEU A 336 38.46 -23.81 -2.47
C LEU A 336 38.22 -24.90 -3.52
N CYS A 337 37.25 -24.69 -4.42
CA CYS A 337 37.02 -25.67 -5.48
C CYS A 337 38.15 -25.66 -6.51
N ARG A 338 38.82 -24.52 -6.66
CA ARG A 338 40.02 -24.48 -7.49
C ARG A 338 41.14 -25.32 -6.89
N MET A 339 41.36 -25.18 -5.58
CA MET A 339 42.50 -25.84 -4.94
C MET A 339 42.24 -27.34 -4.75
N GLU A 340 41.00 -27.72 -4.41
CA GLU A 340 40.69 -29.14 -4.22
C GLU A 340 40.71 -29.89 -5.55
N GLY A 341 40.35 -29.25 -6.65
CA GLY A 341 40.28 -29.90 -7.94
C GLY A 341 38.89 -30.23 -8.44
N LEU A 342 37.85 -29.73 -7.78
CA LEU A 342 36.49 -29.85 -8.29
C LEU A 342 36.33 -29.01 -9.55
N PRO A 343 35.37 -29.35 -10.43
CA PRO A 343 35.05 -28.45 -11.54
C PRO A 343 34.48 -27.14 -11.04
N TYR A 344 34.68 -26.09 -11.84
CA TYR A 344 34.34 -24.72 -11.46
C TYR A 344 32.84 -24.57 -11.24
N PRO A 345 32.41 -24.11 -10.06
CA PRO A 345 30.98 -24.09 -9.77
C PRO A 345 30.26 -22.93 -10.42
N THR A 346 29.08 -23.23 -10.97
CA THR A 346 28.17 -22.20 -11.41
C THR A 346 27.35 -21.69 -10.22
N MET A 347 26.98 -20.41 -10.27
CA MET A 347 26.31 -19.83 -9.12
C MET A 347 24.86 -20.29 -8.98
N SER A 348 24.23 -20.71 -10.08
CA SER A 348 22.88 -21.23 -10.00
C SER A 348 22.86 -22.66 -9.46
N GLU A 349 24.02 -23.28 -9.29
CA GLU A 349 24.16 -24.57 -8.63
C GLU A 349 24.57 -24.43 -7.17
N THR A 350 25.48 -23.48 -6.88
CA THR A 350 25.83 -23.18 -5.49
C THR A 350 24.64 -22.58 -4.74
N MET A 351 23.75 -21.89 -5.47
CA MET A 351 22.50 -21.43 -4.87
C MET A 351 21.63 -22.60 -4.42
N ALA A 352 21.57 -23.66 -5.23
CA ALA A 352 20.87 -24.87 -4.83
C ALA A 352 21.55 -25.55 -3.65
N VAL A 353 22.89 -25.54 -3.62
CA VAL A 353 23.65 -26.09 -2.49
C VAL A 353 23.33 -25.33 -1.20
N CYS A 354 23.32 -23.99 -1.29
CA CYS A 354 23.02 -23.15 -0.13
C CYS A 354 21.58 -23.30 0.32
N SER A 355 20.65 -23.45 -0.63
CA SER A 355 19.26 -23.66 -0.27
C SER A 355 19.03 -25.02 0.38
N HIS A 356 19.74 -26.04 -0.09
CA HIS A 356 19.66 -27.35 0.54
C HIS A 356 20.25 -27.34 1.94
N LEU A 357 21.35 -26.60 2.14
CA LEU A 357 21.92 -26.50 3.49
C LEU A 357 21.05 -25.66 4.41
N GLY A 358 20.36 -24.66 3.88
CA GLY A 358 19.46 -23.87 4.72
C GLY A 358 18.18 -24.62 5.05
N SER A 359 17.72 -25.48 4.14
CA SER A 359 16.45 -26.17 4.34
C SER A 359 16.52 -27.17 5.49
N CYS A 360 17.70 -27.75 5.72
CA CYS A 360 17.89 -28.63 6.86
C CYS A 360 18.29 -27.89 8.13
N ARG A 361 18.35 -26.55 8.10
CA ARG A 361 18.62 -25.64 9.22
C ARG A 361 20.03 -25.72 9.76
N LEU A 362 20.98 -26.25 8.99
CA LEU A 362 22.39 -26.13 9.38
C LEU A 362 22.89 -24.71 9.23
N LEU A 363 22.23 -23.91 8.40
CA LEU A 363 22.53 -22.50 8.25
C LEU A 363 21.28 -21.68 8.54
N LEU A 364 21.48 -20.39 8.78
CA LEU A 364 20.40 -19.42 8.84
C LEU A 364 20.54 -18.48 7.65
N VAL A 365 19.54 -18.51 6.77
CA VAL A 365 19.59 -17.76 5.51
C VAL A 365 18.27 -17.01 5.35
N GLU A 366 18.31 -15.99 4.53
CA GLU A 366 17.11 -15.26 4.14
C GLU A 366 16.39 -16.02 3.04
N PRO A 367 15.10 -15.77 2.84
CA PRO A 367 14.43 -16.26 1.64
C PRO A 367 15.10 -15.74 0.38
N SER A 368 15.17 -16.61 -0.62
CA SER A 368 16.07 -16.46 -1.75
C SER A 368 15.58 -15.48 -2.80
N ARG A 369 14.51 -14.73 -2.53
CA ARG A 369 13.97 -13.78 -3.51
C ARG A 369 14.99 -12.69 -3.84
N ASN A 370 15.81 -12.30 -2.87
CA ASN A 370 17.05 -11.61 -3.18
C ASN A 370 18.18 -12.62 -3.36
N ASP A 371 19.01 -12.40 -4.35
CA ASP A 371 20.19 -13.22 -4.59
C ASP A 371 21.39 -12.30 -4.69
N LEU A 372 22.54 -12.81 -4.26
CA LEU A 372 23.84 -12.16 -4.07
C LEU A 372 23.83 -11.26 -2.83
N LEU A 373 22.70 -11.14 -2.12
CA LEU A 373 22.60 -10.39 -0.87
C LEU A 373 22.27 -11.28 0.32
N LEU A 374 22.30 -12.59 0.15
CA LEU A 374 22.00 -13.52 1.24
C LEU A 374 23.13 -13.49 2.27
N ARG A 375 22.88 -12.81 3.39
CA ARG A 375 23.78 -12.89 4.53
C ARG A 375 23.51 -14.16 5.32
N VAL A 376 24.56 -14.94 5.56
CA VAL A 376 24.44 -16.25 6.19
C VAL A 376 25.04 -16.20 7.59
N ARG A 377 24.37 -16.84 8.55
CA ARG A 377 24.94 -17.13 9.85
C ARG A 377 24.97 -18.63 10.05
N LEU A 378 26.07 -19.14 10.60
CA LEU A 378 26.11 -20.51 11.09
C LEU A 378 25.11 -20.69 12.22
N ASN A 379 24.15 -21.60 12.00
CA ASN A 379 23.23 -21.97 13.08
C ASN A 379 23.94 -22.83 14.11
N VAL A 380 24.91 -23.62 13.69
CA VAL A 380 25.69 -24.46 14.58
C VAL A 380 27.00 -23.75 14.92
N SER A 381 27.63 -24.20 16.02
CA SER A 381 28.88 -23.60 16.48
C SER A 381 30.03 -23.94 15.55
N GLN A 382 31.07 -23.10 15.60
CA GLN A 382 32.27 -23.34 14.80
C GLN A 382 33.03 -24.58 15.24
N ASP A 383 32.99 -24.89 16.54
CA ASP A 383 33.73 -26.05 17.05
C ASP A 383 33.12 -27.37 16.61
N ASP A 384 31.78 -27.45 16.54
CA ASP A 384 31.14 -28.66 16.06
C ASP A 384 31.42 -28.89 14.57
N VAL A 385 31.44 -27.82 13.79
CA VAL A 385 31.76 -27.93 12.37
C VAL A 385 33.20 -28.37 12.19
N LEU A 386 34.12 -27.82 13.00
CA LEU A 386 35.52 -28.23 12.91
C LEU A 386 35.74 -29.65 13.42
N TYR A 387 34.92 -30.10 14.38
CA TYR A 387 34.96 -31.49 14.83
C TYR A 387 34.40 -32.44 13.78
N ALA A 388 33.40 -32.01 13.01
CA ALA A 388 32.78 -32.91 12.05
C ALA A 388 33.54 -32.98 10.74
N LEU A 389 34.17 -31.88 10.30
CA LEU A 389 34.87 -31.88 9.03
C LEU A 389 36.29 -32.41 9.13
N LYS A 390 36.84 -32.57 10.34
CA LYS A 390 38.24 -32.98 10.48
C LYS A 390 38.44 -34.45 10.10
N ASP A 391 37.43 -35.29 10.32
CA ASP A 391 37.56 -36.70 10.01
C ASP A 391 36.74 -36.98 8.75
N ASP B 268 11.31 21.27 38.58
CA ASP B 268 10.26 21.18 39.59
C ASP B 268 9.14 20.26 39.10
N GLN B 269 8.59 19.48 40.02
CA GLN B 269 7.56 18.50 39.71
C GLN B 269 6.25 19.21 39.34
N GLN B 270 5.44 18.52 38.54
CA GLN B 270 4.18 19.08 38.04
C GLN B 270 3.16 19.31 39.16
N THR B 271 3.27 18.60 40.28
CA THR B 271 2.35 18.76 41.41
C THR B 271 2.43 20.14 42.05
N LEU B 272 3.53 20.87 41.82
CA LEU B 272 3.75 22.16 42.46
C LEU B 272 2.75 23.22 41.99
N ARG B 273 2.34 23.16 40.72
CA ARG B 273 1.56 24.25 40.13
C ARG B 273 0.14 24.33 40.71
N ASN B 274 -0.39 23.21 41.20
CA ASN B 274 -1.77 23.19 41.70
C ASN B 274 -1.94 24.01 42.95
N LEU B 275 -0.88 24.08 43.76
CA LEU B 275 -0.88 24.92 44.99
C LEU B 275 -0.35 26.31 44.59
N LEU B 276 0.40 26.38 43.49
CA LEU B 276 0.97 27.67 43.01
C LEU B 276 -0.07 28.38 42.14
N SER B 277 -1.17 28.84 42.73
CA SER B 277 -2.19 29.59 41.96
C SER B 277 -2.25 31.03 42.50
N LYS B 278 -1.08 31.66 42.67
CA LYS B 278 -1.06 33.00 43.27
C LYS B 278 -0.56 34.08 42.31
N VAL B 279 -0.41 33.76 41.03
CA VAL B 279 0.07 34.72 40.01
C VAL B 279 -0.94 35.83 39.78
N SER B 280 -0.46 37.07 39.80
CA SER B 280 -1.31 38.23 39.53
C SER B 280 -1.11 38.68 38.09
N PRO B 281 -2.18 38.82 37.30
CA PRO B 281 -2.08 39.55 36.04
C PRO B 281 -1.70 41.01 36.30
N SER B 282 -0.81 41.53 35.46
CA SER B 282 -0.35 42.91 35.66
C SER B 282 -1.34 43.92 35.07
N PHE B 283 -1.68 43.75 33.80
CA PHE B 283 -2.55 44.70 33.11
C PHE B 283 -3.97 44.13 32.95
N SER B 284 -4.62 43.89 34.11
CA SER B 284 -5.88 43.16 34.14
C SER B 284 -7.01 43.93 33.47
N ALA B 285 -7.04 45.26 33.70
CA ALA B 285 -8.18 46.08 33.28
C ALA B 285 -8.31 46.12 31.77
N GLU B 286 -7.17 46.20 31.08
CA GLU B 286 -7.16 46.32 29.59
C GLU B 286 -7.43 44.99 28.89
N LEU B 287 -7.02 43.86 29.47
CA LEU B 287 -7.39 42.57 28.80
C LEU B 287 -8.88 42.31 29.02
N LYS B 288 -9.45 42.89 30.07
CA LYS B 288 -10.89 42.71 30.35
C LYS B 288 -11.70 43.55 29.36
N GLN B 289 -11.03 44.21 28.41
CA GLN B 289 -11.77 44.94 27.38
C GLN B 289 -11.85 44.21 26.04
N LEU B 290 -10.95 43.27 25.75
CA LEU B 290 -10.96 42.63 24.44
C LEU B 290 -11.80 41.36 24.40
N ASN B 291 -12.48 41.00 25.49
CA ASN B 291 -13.46 39.93 25.44
C ASN B 291 -14.80 40.41 24.91
N GLN B 292 -15.18 41.66 25.22
CA GLN B 292 -16.43 42.19 24.72
C GLN B 292 -16.34 42.60 23.25
N GLN B 293 -15.22 43.18 22.84
CA GLN B 293 -15.07 43.59 21.45
C GLN B 293 -15.05 42.40 20.50
N TYR B 294 -14.46 41.28 20.91
CA TYR B 294 -14.57 40.06 20.12
C TYR B 294 -15.87 39.30 20.39
N GLU B 295 -16.67 39.74 21.36
CA GLU B 295 -18.02 39.21 21.52
C GLU B 295 -18.99 39.86 20.55
N LYS B 296 -18.64 41.06 20.05
CA LYS B 296 -19.37 41.67 18.94
C LYS B 296 -19.30 40.82 17.69
N LEU B 297 -18.12 40.23 17.42
CA LEU B 297 -17.89 39.43 16.22
C LEU B 297 -18.58 38.07 16.26
N PHE B 298 -19.27 37.73 17.35
CA PHE B 298 -19.99 36.46 17.45
C PHE B 298 -21.09 36.35 16.40
N HIS B 299 -21.92 37.38 16.26
CA HIS B 299 -23.08 37.31 15.36
C HIS B 299 -22.66 37.33 13.89
N LYS B 300 -21.54 37.99 13.57
CA LYS B 300 -21.04 37.95 12.20
C LYS B 300 -20.56 36.55 11.84
N TRP B 301 -19.91 35.87 12.79
CA TRP B 301 -19.53 34.46 12.62
C TRP B 301 -20.77 33.59 12.47
N MET B 302 -21.80 33.89 13.26
CA MET B 302 -22.98 33.05 13.32
C MET B 302 -23.86 33.26 12.09
N LEU B 303 -23.81 34.47 11.52
CA LEU B 303 -24.25 34.69 10.15
C LEU B 303 -23.52 33.78 9.18
N GLN B 304 -22.19 33.93 9.13
CA GLN B 304 -21.44 33.38 8.01
C GLN B 304 -21.28 31.86 8.06
N LEU B 305 -21.60 31.21 9.19
CA LEU B 305 -21.59 29.75 9.19
C LEU B 305 -22.70 29.18 8.32
N HIS B 306 -23.90 29.78 8.38
CA HIS B 306 -25.08 29.20 7.76
C HIS B 306 -25.01 29.20 6.25
N LEU B 307 -24.15 30.01 5.65
CA LEU B 307 -24.18 30.27 4.23
C LEU B 307 -23.05 29.56 3.48
N GLY B 308 -22.40 28.60 4.12
CA GLY B 308 -21.40 27.79 3.47
C GLY B 308 -19.96 28.15 3.77
N PHE B 309 -19.70 29.08 4.69
CA PHE B 309 -18.33 29.38 5.09
C PHE B 309 -17.94 28.67 6.37
N ASN B 310 -16.63 28.70 6.65
CA ASN B 310 -16.02 28.14 7.85
C ASN B 310 -15.09 29.18 8.47
N ILE B 311 -14.80 29.01 9.75
CA ILE B 311 -14.02 29.95 10.56
C ILE B 311 -12.83 29.25 11.21
N VAL B 312 -11.65 29.85 11.05
CA VAL B 312 -10.47 29.55 11.87
C VAL B 312 -10.05 30.85 12.55
N LEU B 313 -9.64 30.74 13.81
CA LEU B 313 -9.14 31.88 14.57
C LEU B 313 -7.63 31.81 14.58
N TYR B 314 -6.98 32.91 14.19
CA TYR B 314 -5.53 32.95 14.12
C TYR B 314 -5.02 34.05 15.05
N GLY B 315 -4.12 33.67 15.96
CA GLY B 315 -3.62 34.61 16.95
C GLY B 315 -2.57 33.99 17.82
N LEU B 316 -2.24 34.72 18.91
CA LEU B 316 -1.27 34.29 19.91
C LEU B 316 -1.86 33.45 21.03
N GLY B 317 -2.93 33.92 21.66
CA GLY B 317 -3.32 33.44 22.95
C GLY B 317 -4.06 32.12 22.88
N SER B 318 -4.71 31.79 23.99
CA SER B 318 -5.52 30.59 24.06
C SER B 318 -6.93 30.96 23.62
N LYS B 319 -7.29 30.57 22.40
CA LYS B 319 -8.57 30.91 21.83
C LYS B 319 -9.71 30.03 22.34
N ARG B 320 -9.40 29.05 23.20
CA ARG B 320 -10.44 28.19 23.76
C ARG B 320 -11.38 28.97 24.68
N ASP B 321 -10.92 30.08 25.27
CA ASP B 321 -11.77 30.85 26.16
C ASP B 321 -12.86 31.57 25.37
N LEU B 322 -12.48 32.18 24.23
CA LEU B 322 -13.43 32.84 23.36
C LEU B 322 -14.32 31.81 22.67
N LEU B 323 -13.77 30.63 22.39
CA LEU B 323 -14.56 29.55 21.80
C LEU B 323 -15.61 29.02 22.77
N GLU B 324 -15.25 28.85 24.03
CA GLU B 324 -16.23 28.40 25.02
C GLU B 324 -17.21 29.52 25.37
N ARG B 325 -16.77 30.77 25.27
CA ARG B 325 -17.67 31.91 25.43
C ARG B 325 -18.66 31.95 24.27
N PHE B 326 -18.23 31.55 23.08
CA PHE B 326 -19.10 31.44 21.92
C PHE B 326 -20.18 30.38 22.11
N ARG B 327 -19.85 29.29 22.82
CA ARG B 327 -20.82 28.21 22.97
C ARG B 327 -21.96 28.64 23.90
N THR B 328 -21.62 29.28 25.03
CA THR B 328 -22.63 29.64 26.01
C THR B 328 -23.59 30.69 25.48
N THR B 329 -23.08 31.63 24.68
CA THR B 329 -23.92 32.70 24.15
C THR B 329 -24.86 32.22 23.05
N MET B 330 -24.37 31.36 22.16
CA MET B 330 -25.01 31.22 20.86
C MET B 330 -25.62 29.85 20.61
N LEU B 331 -24.84 28.79 20.69
CA LEU B 331 -25.29 27.44 20.33
C LEU B 331 -26.05 26.77 21.46
N GLN B 332 -27.13 27.38 21.92
CA GLN B 332 -27.89 26.83 23.04
C GLN B 332 -29.03 25.91 22.63
N ASP B 333 -29.41 25.87 21.35
CA ASP B 333 -30.52 25.00 20.94
C ASP B 333 -30.10 24.25 19.67
N SER B 334 -28.91 23.67 19.69
CA SER B 334 -28.38 22.99 18.51
C SER B 334 -27.65 21.73 18.95
N ILE B 335 -27.51 20.80 18.01
CA ILE B 335 -26.75 19.59 18.25
C ILE B 335 -25.29 19.88 17.89
N HIS B 336 -24.56 20.44 18.85
CA HIS B 336 -23.17 20.83 18.68
C HIS B 336 -22.24 19.78 19.27
N VAL B 337 -20.99 19.80 18.81
CA VAL B 337 -19.94 18.91 19.31
C VAL B 337 -18.69 19.75 19.55
N VAL B 338 -17.94 19.40 20.59
CA VAL B 338 -16.70 20.07 20.94
C VAL B 338 -15.56 19.07 20.79
N ILE B 339 -14.56 19.45 19.99
CA ILE B 339 -13.41 18.59 19.76
C ILE B 339 -12.18 19.26 20.35
N ASN B 340 -11.42 18.48 21.13
CA ASN B 340 -10.19 18.95 21.74
C ASN B 340 -9.01 18.16 21.17
N GLY B 341 -8.25 18.80 20.29
CA GLY B 341 -7.09 18.14 19.72
C GLY B 341 -5.93 18.04 20.69
N PHE B 342 -5.87 18.97 21.65
CA PHE B 342 -4.75 19.03 22.59
C PHE B 342 -4.75 17.87 23.58
N PHE B 343 -5.91 17.21 23.75
CA PHE B 343 -6.03 15.92 24.41
C PHE B 343 -5.04 14.95 23.75
N PRO B 344 -4.22 14.23 24.53
CA PRO B 344 -3.19 13.37 23.92
C PRO B 344 -3.74 12.19 23.13
N GLY B 345 -4.66 11.43 23.71
CA GLY B 345 -5.26 10.33 22.99
C GLY B 345 -6.49 10.74 22.20
N ILE B 346 -6.28 11.56 21.16
CA ILE B 346 -7.35 12.02 20.28
C ILE B 346 -7.00 11.52 18.88
N SER B 347 -8.03 11.28 18.07
CA SER B 347 -7.84 10.85 16.69
C SER B 347 -8.97 11.42 15.85
N VAL B 348 -8.75 11.46 14.53
CA VAL B 348 -9.85 11.75 13.62
C VAL B 348 -10.83 10.58 13.59
N LYS B 349 -10.33 9.37 13.93
CA LYS B 349 -11.19 8.21 14.17
C LYS B 349 -12.20 8.50 15.27
N SER B 350 -11.74 9.14 16.36
CA SER B 350 -12.62 9.51 17.47
C SER B 350 -13.65 10.55 17.05
N VAL B 351 -13.22 11.51 16.22
CA VAL B 351 -14.11 12.56 15.72
C VAL B 351 -15.19 11.96 14.83
N LEU B 352 -14.85 10.93 14.06
CA LEU B 352 -15.86 10.25 13.26
C LEU B 352 -16.78 9.40 14.12
N ASN B 353 -16.21 8.76 15.16
CA ASN B 353 -16.98 7.84 16.00
C ASN B 353 -18.01 8.58 16.84
N SER B 354 -17.70 9.80 17.29
CA SER B 354 -18.64 10.60 18.08
C SER B 354 -19.92 10.85 17.30
N ILE B 355 -19.78 11.25 16.04
CA ILE B 355 -20.95 11.50 15.19
C ILE B 355 -21.67 10.20 14.86
N THR B 356 -20.93 9.16 14.40
CA THR B 356 -21.62 8.03 13.80
C THR B 356 -22.25 7.12 14.87
N GLU B 357 -21.81 7.18 16.12
CA GLU B 357 -22.56 6.47 17.15
C GLU B 357 -23.57 7.34 17.89
N GLU B 358 -23.28 8.62 18.18
CA GLU B 358 -24.22 9.38 19.01
C GLU B 358 -25.17 10.27 18.20
N VAL B 359 -24.67 10.98 17.19
CA VAL B 359 -25.52 11.92 16.44
C VAL B 359 -26.61 11.17 15.67
N LEU B 360 -26.25 10.05 15.05
CA LEU B 360 -27.24 9.28 14.29
C LEU B 360 -28.06 8.35 15.15
N ASP B 361 -27.62 8.11 16.40
CA ASP B 361 -28.15 7.13 17.37
C ASP B 361 -27.89 5.71 16.85
N HIS B 362 -26.99 5.57 15.88
CA HIS B 362 -26.59 4.27 15.37
C HIS B 362 -25.71 3.54 16.38
N MET B 363 -25.83 2.21 16.40
CA MET B 363 -25.05 1.36 17.30
C MET B 363 -24.40 0.26 16.44
N GLY B 364 -23.20 0.54 15.95
CA GLY B 364 -22.49 -0.40 15.10
C GLY B 364 -21.03 -0.03 14.95
N THR B 365 -20.30 -0.89 14.25
CA THR B 365 -18.93 -0.62 13.85
C THR B 365 -18.83 -0.55 12.34
N PHE B 366 -17.78 0.08 11.85
CA PHE B 366 -17.57 0.30 10.43
C PHE B 366 -16.22 -0.26 10.01
N ARG B 367 -16.14 -0.73 8.77
CA ARG B 367 -14.94 -1.43 8.31
C ARG B 367 -13.77 -0.46 8.11
N SER B 368 -14.07 0.76 7.68
CA SER B 368 -13.05 1.70 7.27
C SER B 368 -13.32 3.05 7.93
N ILE B 369 -12.28 3.88 7.99
CA ILE B 369 -12.52 5.29 8.25
C ILE B 369 -13.19 5.94 7.03
N LEU B 370 -12.87 5.45 5.82
CA LEU B 370 -13.48 5.99 4.62
C LEU B 370 -14.92 5.52 4.47
N ASP B 371 -15.20 4.25 4.77
CA ASP B 371 -16.57 3.75 4.70
C ASP B 371 -17.46 4.41 5.74
N GLN B 372 -16.92 4.64 6.94
CA GLN B 372 -17.64 5.36 7.98
C GLN B 372 -17.89 6.80 7.57
N LEU B 373 -16.88 7.43 6.94
CA LEU B 373 -17.02 8.79 6.45
C LEU B 373 -18.07 8.87 5.33
N ASP B 374 -18.13 7.85 4.47
CA ASP B 374 -19.17 7.78 3.45
C ASP B 374 -20.55 7.60 4.06
N TRP B 375 -20.67 6.79 5.12
CA TRP B 375 -21.98 6.62 5.75
C TRP B 375 -22.45 7.91 6.40
N ILE B 376 -21.51 8.67 6.98
CA ILE B 376 -21.85 9.97 7.57
C ILE B 376 -22.26 10.97 6.49
N VAL B 377 -21.50 11.10 5.40
CA VAL B 377 -21.81 12.11 4.39
C VAL B 377 -23.09 11.75 3.64
N ASN B 378 -23.33 10.46 3.38
CA ASN B 378 -24.58 10.07 2.73
C ASN B 378 -25.79 10.27 3.64
N LYS B 379 -25.65 9.99 4.94
CA LYS B 379 -26.77 10.24 5.85
C LYS B 379 -27.05 11.74 6.00
N PHE B 380 -26.01 12.58 5.96
CA PHE B 380 -26.23 14.02 5.91
C PHE B 380 -26.91 14.46 4.60
N LYS B 381 -26.52 13.85 3.48
CA LYS B 381 -27.12 14.23 2.19
C LYS B 381 -28.58 13.80 2.09
N GLU B 382 -28.94 12.69 2.74
CA GLU B 382 -30.32 12.20 2.66
C GLU B 382 -31.32 13.16 3.31
N ASP B 383 -30.97 13.73 4.46
CA ASP B 383 -31.91 14.52 5.24
C ASP B 383 -31.30 15.87 5.59
N SER B 384 -32.06 16.94 5.34
CA SER B 384 -31.64 18.31 5.63
C SER B 384 -32.05 18.78 7.03
N SER B 385 -32.84 17.99 7.75
CA SER B 385 -33.33 18.41 9.06
C SER B 385 -32.21 18.48 10.09
N LEU B 386 -31.16 17.68 9.94
CA LEU B 386 -30.05 17.70 10.87
C LEU B 386 -29.16 18.93 10.64
N GLU B 387 -28.74 19.56 11.74
CA GLU B 387 -27.66 20.56 11.71
C GLU B 387 -26.68 20.22 12.82
N LEU B 388 -25.39 20.19 12.48
CA LEU B 388 -24.34 19.86 13.44
C LEU B 388 -23.29 20.96 13.43
N PHE B 389 -22.80 21.32 14.61
CA PHE B 389 -21.78 22.35 14.76
C PHE B 389 -20.49 21.68 15.22
N LEU B 390 -19.46 21.73 14.38
CA LEU B 390 -18.19 21.04 14.62
C LEU B 390 -17.19 22.03 15.19
N LEU B 391 -17.17 22.16 16.51
CA LEU B 391 -16.18 23.00 17.18
C LEU B 391 -14.88 22.26 17.34
N ILE B 392 -13.78 22.89 16.95
CA ILE B 392 -12.45 22.34 17.14
C ILE B 392 -11.60 23.39 17.83
N HIS B 393 -11.23 23.12 19.09
CA HIS B 393 -10.42 24.07 19.85
C HIS B 393 -9.00 24.16 19.31
N ASN B 394 -8.39 23.02 18.97
CA ASN B 394 -7.04 23.00 18.43
C ASN B 394 -6.98 22.01 17.28
N LEU B 395 -6.70 22.51 16.09
CA LEU B 395 -6.53 21.69 14.90
C LEU B 395 -5.07 21.50 14.54
N ASP B 396 -4.16 22.15 15.26
CA ASP B 396 -2.73 22.07 14.99
C ASP B 396 -2.03 21.05 15.88
N SER B 397 -2.76 20.27 16.66
CA SER B 397 -2.16 19.21 17.46
C SER B 397 -1.64 18.10 16.54
N GLN B 398 -0.59 17.41 17.00
CA GLN B 398 0.17 16.53 16.12
C GLN B 398 -0.59 15.25 15.76
N MET B 399 -1.61 14.90 16.53
CA MET B 399 -2.47 13.78 16.16
C MET B 399 -3.33 14.10 14.93
N LEU B 400 -3.90 15.31 14.88
CA LEU B 400 -4.76 15.72 13.77
C LEU B 400 -3.98 16.40 12.65
N ARG B 401 -2.65 16.43 12.75
CA ARG B 401 -1.81 17.12 11.78
C ARG B 401 -1.82 16.43 10.41
N GLY B 402 -2.20 15.16 10.37
CA GLY B 402 -2.21 14.35 9.15
C GLY B 402 -3.04 14.90 8.01
N GLU B 403 -2.50 14.82 6.80
CA GLU B 403 -3.22 15.26 5.61
C GLU B 403 -4.46 14.41 5.36
N LYS B 404 -4.41 13.14 5.75
CA LYS B 404 -5.59 12.29 5.66
C LYS B 404 -6.64 12.66 6.69
N SER B 405 -6.21 12.98 7.92
CA SER B 405 -7.15 13.43 8.94
C SER B 405 -7.80 14.75 8.57
N GLN B 406 -7.01 15.69 8.06
CA GLN B 406 -7.56 16.95 7.56
C GLN B 406 -8.41 16.71 6.33
N GLN B 407 -8.12 15.67 5.55
CA GLN B 407 -8.95 15.33 4.39
C GLN B 407 -10.31 14.81 4.82
N ILE B 408 -10.34 14.02 5.90
CA ILE B 408 -11.61 13.55 6.46
C ILE B 408 -12.39 14.72 7.02
N ILE B 409 -11.71 15.65 7.70
CA ILE B 409 -12.37 16.83 8.26
C ILE B 409 -12.87 17.75 7.15
N GLY B 410 -12.14 17.83 6.03
CA GLY B 410 -12.60 18.63 4.91
C GLY B 410 -13.73 18.01 4.12
N GLN B 411 -13.78 16.69 4.06
CA GLN B 411 -14.93 16.04 3.43
C GLN B 411 -16.16 16.12 4.33
N LEU B 412 -15.95 16.17 5.65
CA LEU B 412 -17.05 16.53 6.54
C LEU B 412 -17.48 17.98 6.33
N SER B 413 -16.53 18.89 6.13
CA SER B 413 -16.81 20.32 6.24
C SER B 413 -17.51 20.90 5.01
N SER B 414 -17.43 20.24 3.85
CA SER B 414 -17.90 20.84 2.60
C SER B 414 -19.42 20.86 2.49
N LEU B 415 -20.13 20.11 3.32
CA LEU B 415 -21.57 20.00 3.25
C LEU B 415 -22.25 21.30 3.67
N HIS B 416 -23.57 21.34 3.46
CA HIS B 416 -24.36 22.53 3.75
C HIS B 416 -24.96 22.53 5.15
N ASN B 417 -25.24 21.36 5.72
CA ASN B 417 -25.96 21.25 6.98
C ASN B 417 -25.04 21.03 8.17
N ILE B 418 -23.77 21.37 8.03
CA ILE B 418 -22.79 21.21 9.11
C ILE B 418 -21.92 22.44 9.15
N TYR B 419 -21.53 22.85 10.35
CA TYR B 419 -20.85 24.11 10.58
C TYR B 419 -19.61 23.85 11.42
N LEU B 420 -18.65 24.78 11.35
CA LEU B 420 -17.31 24.52 11.85
C LEU B 420 -16.65 25.81 12.29
N ILE B 421 -16.21 25.85 13.55
CA ILE B 421 -15.31 26.89 14.05
C ILE B 421 -14.03 26.17 14.46
N ALA B 422 -12.88 26.75 14.10
CA ALA B 422 -11.61 26.15 14.44
C ALA B 422 -10.67 27.21 14.99
N SER B 423 -9.57 26.74 15.59
CA SER B 423 -8.48 27.61 16.02
C SER B 423 -7.15 26.88 15.89
N ILE B 424 -6.15 27.58 15.38
CA ILE B 424 -4.82 27.02 15.15
C ILE B 424 -3.83 27.82 15.99
N ASP B 425 -2.91 27.10 16.64
CA ASP B 425 -1.91 27.75 17.47
C ASP B 425 -0.53 27.76 16.85
N HIS B 426 -0.25 26.81 15.95
CA HIS B 426 1.09 26.58 15.46
C HIS B 426 1.57 27.72 14.57
N LEU B 427 2.88 27.91 14.53
CA LEU B 427 3.46 28.99 13.75
C LEU B 427 3.38 28.68 12.25
N ASN B 428 3.48 27.41 11.88
CA ASN B 428 3.47 26.95 10.50
C ASN B 428 2.19 26.22 10.13
N ALA B 429 1.07 26.62 10.74
CA ALA B 429 -0.15 25.81 10.70
C ALA B 429 -0.82 25.62 9.35
N PRO B 430 -0.77 26.53 8.35
CA PRO B 430 -1.41 26.20 7.07
C PRO B 430 -0.74 25.14 6.20
N LEU B 431 0.25 24.39 6.70
CA LEU B 431 0.79 23.27 5.94
C LEU B 431 -0.26 22.19 5.69
N MET B 432 -1.21 22.05 6.60
CA MET B 432 -2.24 21.03 6.50
C MET B 432 -3.42 21.41 5.60
N TRP B 433 -3.30 22.41 4.71
CA TRP B 433 -4.30 22.71 3.68
C TRP B 433 -3.58 23.01 2.38
N ASP B 434 -3.91 22.31 1.30
CA ASP B 434 -3.44 22.77 0.01
C ASP B 434 -4.58 23.48 -0.71
N HIS B 435 -4.43 23.68 -2.03
CA HIS B 435 -5.44 24.36 -2.83
C HIS B 435 -6.76 23.61 -2.85
N ALA B 436 -6.71 22.28 -2.85
CA ALA B 436 -7.92 21.48 -2.88
C ALA B 436 -8.62 21.44 -1.52
N LYS B 437 -7.85 21.69 -0.46
CA LYS B 437 -8.42 21.69 0.93
C LYS B 437 -8.85 23.11 1.29
N GLN B 438 -8.20 24.13 0.72
CA GLN B 438 -8.63 25.52 0.97
C GLN B 438 -9.96 25.72 0.23
N SER B 439 -10.34 24.73 -0.59
CA SER B 439 -11.66 24.79 -1.27
C SER B 439 -12.65 23.93 -0.47
N LEU B 440 -12.15 22.92 0.25
CA LEU B 440 -13.06 22.11 1.07
C LEU B 440 -13.50 22.88 2.32
N PHE B 441 -12.55 23.50 3.01
CA PHE B 441 -12.89 24.46 4.04
C PHE B 441 -13.02 25.85 3.42
N ASN B 442 -14.19 26.47 3.58
CA ASN B 442 -14.38 27.85 3.11
C ASN B 442 -14.02 28.81 4.25
N TRP B 443 -12.70 28.91 4.48
CA TRP B 443 -12.18 29.59 5.66
C TRP B 443 -12.44 31.10 5.67
N LEU B 444 -12.79 31.62 6.85
CA LEU B 444 -12.89 33.05 7.12
C LEU B 444 -11.97 33.38 8.29
N TRP B 445 -10.95 34.21 8.05
CA TRP B 445 -9.86 34.36 9.00
C TRP B 445 -10.09 35.59 9.88
N TYR B 446 -9.87 35.43 11.18
CA TYR B 446 -10.28 36.40 12.20
C TYR B 446 -9.17 36.61 13.21
N GLU B 447 -8.71 37.85 13.35
CA GLU B 447 -7.72 38.20 14.36
C GLU B 447 -8.38 38.30 15.74
N THR B 448 -8.17 37.25 16.57
CA THR B 448 -8.72 37.19 17.93
C THR B 448 -7.56 36.85 18.87
N THR B 449 -6.82 37.89 19.29
CA THR B 449 -5.65 37.72 20.13
C THR B 449 -5.91 38.14 21.59
N THR B 450 -6.65 37.29 22.29
CA THR B 450 -6.71 37.41 23.73
C THR B 450 -5.36 37.04 24.35
N TYR B 451 -5.13 37.51 25.57
CA TYR B 451 -3.85 37.29 26.24
C TYR B 451 -3.97 36.46 27.50
N SER B 452 -5.03 35.68 27.64
CA SER B 452 -5.05 34.62 28.63
C SER B 452 -4.04 33.54 28.24
N PRO B 453 -3.44 32.86 29.22
CA PRO B 453 -2.44 31.83 28.92
C PRO B 453 -3.05 30.46 28.66
N TYR B 454 -2.36 29.65 27.86
CA TYR B 454 -2.76 28.27 27.61
C TYR B 454 -2.67 27.50 28.93
N THR B 455 -3.81 27.22 29.56
CA THR B 455 -3.79 26.50 30.84
C THR B 455 -4.04 25.00 30.67
N GLU B 456 -5.19 24.60 30.13
CA GLU B 456 -5.54 23.19 30.05
C GLU B 456 -4.67 22.44 29.06
N GLU B 457 -4.35 23.08 27.94
CA GLU B 457 -3.62 22.42 26.85
C GLU B 457 -2.11 22.37 27.07
N THR B 458 -1.57 23.20 27.94
CA THR B 458 -0.17 23.08 28.32
C THR B 458 0.05 22.03 29.41
N SER B 459 -1.04 21.55 30.02
CA SER B 459 -0.95 20.61 31.12
C SER B 459 -0.29 19.28 30.71
N TYR B 460 -0.72 18.73 29.57
CA TYR B 460 -0.15 17.48 29.09
C TYR B 460 1.29 17.65 28.62
N GLU B 461 1.63 18.85 28.15
CA GLU B 461 2.99 19.09 27.65
C GLU B 461 3.98 19.37 28.79
N ASN B 462 3.50 19.87 29.93
CA ASN B 462 4.38 20.11 31.09
C ASN B 462 5.05 18.84 31.60
N SER B 463 4.44 17.68 31.37
CA SER B 463 4.96 16.41 31.89
C SER B 463 6.30 16.02 31.27
N LEU B 464 6.48 16.27 29.97
CA LEU B 464 7.55 15.65 29.19
C LEU B 464 8.90 16.35 29.31
N LEU B 465 9.02 17.41 30.10
CA LEU B 465 10.32 17.96 30.49
C LEU B 465 10.36 18.17 32.01
N VAL B 466 11.43 18.82 32.48
CA VAL B 466 11.54 19.11 33.90
C VAL B 466 10.53 20.19 34.28
N THR C 3 -18.04 16.91 31.22
CA THR C 3 -18.91 17.15 30.07
C THR C 3 -18.14 17.23 28.76
N SER C 4 -16.95 17.84 28.79
CA SER C 4 -16.03 17.81 27.66
C SER C 4 -14.70 17.16 28.02
N SER C 5 -14.57 16.60 29.22
CA SER C 5 -13.26 16.11 29.69
C SER C 5 -13.47 14.78 30.42
N MET C 6 -12.93 13.72 29.85
CA MET C 6 -13.02 12.35 30.34
C MET C 6 -11.92 11.59 29.58
N SER C 7 -11.66 10.34 29.97
CA SER C 7 -10.65 9.52 29.28
C SER C 7 -11.21 8.93 27.97
N LYS C 8 -11.70 9.83 27.10
CA LYS C 8 -12.35 9.49 25.85
C LYS C 8 -12.39 10.76 24.99
N GLY C 9 -12.58 10.58 23.69
CA GLY C 9 -12.61 11.67 22.75
C GLY C 9 -13.95 12.03 22.14
N CYS C 10 -15.07 11.51 22.67
CA CYS C 10 -16.38 11.76 22.10
C CYS C 10 -17.26 12.45 23.11
N PHE C 11 -17.70 13.68 22.80
CA PHE C 11 -18.60 14.41 23.68
C PHE C 11 -19.71 15.02 22.82
N VAL C 12 -20.73 14.21 22.52
CA VAL C 12 -21.91 14.68 21.81
C VAL C 12 -23.04 14.92 22.79
N PHE C 13 -23.75 16.05 22.63
CA PHE C 13 -24.96 16.32 23.38
C PHE C 13 -26.17 16.15 22.47
N LYS C 14 -27.26 15.62 23.04
CA LYS C 14 -28.48 15.32 22.32
C LYS C 14 -29.66 15.97 23.02
N PRO C 15 -30.62 16.56 22.25
CA PRO C 15 -31.86 17.07 22.84
C PRO C 15 -32.99 16.03 22.89
N ASN C 16 -32.65 14.81 23.32
CA ASN C 16 -33.66 13.78 23.44
C ASN C 16 -34.50 13.97 24.70
N SER C 17 -35.59 13.20 24.80
CA SER C 17 -36.52 13.14 25.93
C SER C 17 -37.21 14.47 26.21
N LYS C 18 -37.17 15.42 25.27
CA LYS C 18 -37.84 16.71 25.38
C LYS C 18 -38.36 17.08 24.00
N LYS C 19 -39.55 17.67 23.97
CA LYS C 19 -40.26 17.90 22.72
C LYS C 19 -39.86 19.29 22.20
N ARG C 20 -38.71 19.32 21.53
CA ARG C 20 -38.26 20.48 20.77
C ARG C 20 -37.89 20.07 19.34
N LYS C 21 -38.74 19.25 18.72
CA LYS C 21 -38.48 18.77 17.36
C LYS C 21 -38.63 19.89 16.33
N ILE C 22 -39.41 20.92 16.64
CA ILE C 22 -39.50 22.10 15.76
C ILE C 22 -38.15 22.80 15.71
N SER C 23 -37.78 23.27 14.52
CA SER C 23 -36.47 23.85 14.29
C SER C 23 -36.55 25.37 14.19
N LEU C 24 -35.37 26.01 14.27
CA LEU C 24 -35.25 27.45 14.12
C LEU C 24 -34.99 27.77 12.65
N PRO C 25 -35.85 28.54 11.98
CA PRO C 25 -35.59 28.93 10.59
C PRO C 25 -34.41 29.88 10.49
N ILE C 26 -33.77 29.86 9.31
CA ILE C 26 -32.61 30.67 8.97
C ILE C 26 -33.07 32.12 8.86
N GLU C 27 -32.12 33.08 8.91
CA GLU C 27 -32.18 34.55 8.85
C GLU C 27 -32.60 35.11 10.22
N ASP C 28 -33.00 34.26 11.18
CA ASP C 28 -33.15 34.71 12.56
C ASP C 28 -31.82 35.08 13.19
N TYR C 29 -30.73 34.50 12.71
CA TYR C 29 -29.40 34.86 13.20
C TYR C 29 -28.81 36.04 12.43
N PHE C 30 -29.41 36.41 11.29
CA PHE C 30 -28.96 37.54 10.49
C PHE C 30 -29.21 38.85 11.25
N ASN C 31 -30.24 38.85 12.10
CA ASN C 31 -30.79 40.05 12.73
C ASN C 31 -30.02 40.46 13.98
N LYS C 32 -28.77 40.90 13.78
CA LYS C 32 -27.90 41.14 14.93
C LYS C 32 -28.08 42.51 15.56
N GLY C 33 -28.39 43.54 14.77
CA GLY C 33 -28.67 44.86 15.28
C GLY C 33 -30.10 45.24 14.93
N LYS C 34 -30.82 45.74 15.92
CA LYS C 34 -32.23 46.03 15.75
C LYS C 34 -32.34 47.44 15.18
N ASN C 35 -32.52 47.54 13.87
CA ASN C 35 -32.70 48.80 13.18
C ASN C 35 -34.10 48.88 12.59
N GLU C 36 -34.45 47.93 11.74
CA GLU C 36 -35.82 47.63 11.35
C GLU C 36 -35.94 46.11 11.34
N PRO C 37 -37.07 45.56 11.78
CA PRO C 37 -37.21 44.09 11.70
C PRO C 37 -37.47 43.60 10.29
N GLU C 38 -38.22 44.36 9.50
CA GLU C 38 -38.67 43.94 8.18
C GLU C 38 -37.68 44.27 7.06
N ASP C 39 -36.75 45.18 7.31
CA ASP C 39 -35.70 45.50 6.34
C ASP C 39 -34.77 44.31 6.12
N SER C 40 -34.46 43.59 7.21
CA SER C 40 -33.52 42.48 7.17
C SER C 40 -34.02 41.31 6.32
N LYS C 41 -35.31 41.00 6.42
CA LYS C 41 -35.90 39.90 5.65
C LYS C 41 -35.83 40.20 4.16
N LEU C 42 -36.14 41.44 3.77
CA LEU C 42 -36.06 41.84 2.37
C LEU C 42 -34.63 41.85 1.85
N ARG C 43 -33.66 42.27 2.69
CA ARG C 43 -32.26 42.23 2.27
C ARG C 43 -31.78 40.80 2.07
N PHE C 44 -32.22 39.86 2.91
CA PHE C 44 -31.83 38.47 2.72
C PHE C 44 -32.48 37.85 1.48
N GLU C 45 -33.73 38.24 1.17
CA GLU C 45 -34.35 37.78 -0.07
C GLU C 45 -33.63 38.31 -1.30
N THR C 46 -33.24 39.59 -1.28
CA THR C 46 -32.55 40.19 -2.42
C THR C 46 -31.15 39.59 -2.58
N TYR C 47 -30.49 39.26 -1.47
CA TYR C 47 -29.23 38.53 -1.49
C TYR C 47 -29.37 37.16 -2.14
N GLN C 48 -30.41 36.41 -1.75
CA GLN C 48 -30.61 35.06 -2.29
C GLN C 48 -30.91 35.08 -3.79
N LEU C 49 -31.73 36.05 -4.22
CA LEU C 49 -32.08 36.17 -5.64
C LEU C 49 -30.85 36.52 -6.48
N ILE C 50 -30.07 37.51 -6.02
CA ILE C 50 -28.88 37.94 -6.77
C ILE C 50 -27.85 36.82 -6.82
N TRP C 51 -27.69 36.08 -5.72
CA TRP C 51 -26.73 34.98 -5.72
C TRP C 51 -27.13 33.82 -6.63
N GLN C 52 -28.41 33.45 -6.66
CA GLN C 52 -28.79 32.34 -7.53
C GLN C 52 -28.70 32.74 -9.00
N GLN C 53 -28.97 34.03 -9.31
CA GLN C 53 -28.73 34.52 -10.67
C GLN C 53 -27.25 34.48 -11.05
N MET C 54 -26.36 34.87 -10.14
CA MET C 54 -24.94 34.82 -10.47
C MET C 54 -24.38 33.40 -10.52
N LYS C 55 -25.01 32.45 -9.83
CA LYS C 55 -24.56 31.06 -9.98
C LYS C 55 -25.02 30.47 -11.32
N SER C 56 -26.26 30.77 -11.72
CA SER C 56 -26.78 30.28 -13.00
C SER C 56 -25.99 30.87 -14.18
N GLU C 57 -25.71 32.17 -14.16
CA GLU C 57 -24.96 32.75 -15.27
C GLU C 57 -23.47 32.43 -15.21
N ASN C 58 -22.96 31.96 -14.06
CA ASN C 58 -21.64 31.37 -14.04
C ASN C 58 -21.63 30.02 -14.75
N GLU C 59 -22.58 29.14 -14.39
CA GLU C 59 -22.56 27.78 -14.91
C GLU C 59 -22.88 27.74 -16.40
N ARG C 60 -23.75 28.64 -16.88
CA ARG C 60 -24.06 28.67 -18.31
C ARG C 60 -22.86 29.15 -19.14
N LEU C 61 -22.15 30.15 -18.63
CA LEU C 61 -20.96 30.65 -19.32
C LEU C 61 -19.85 29.61 -19.35
N GLN C 62 -19.68 28.90 -18.23
CA GLN C 62 -18.68 27.83 -18.20
C GLN C 62 -19.08 26.68 -19.13
N GLU C 63 -20.39 26.47 -19.31
CA GLU C 63 -20.88 25.56 -20.35
C GLU C 63 -20.47 26.01 -21.74
N GLU C 64 -20.63 27.31 -22.05
CA GLU C 64 -20.31 27.78 -23.39
C GLU C 64 -18.81 27.76 -23.68
N LEU C 65 -17.98 28.08 -22.68
CA LEU C 65 -16.53 27.98 -22.91
C LEU C 65 -16.00 26.59 -22.62
N LYS C 67 -17.67 23.66 -25.40
CA LYS C 67 -18.20 23.02 -26.59
C LYS C 67 -17.14 22.80 -27.66
N ASN C 68 -16.13 23.68 -27.66
CA ASN C 68 -14.99 23.50 -28.56
C ASN C 68 -14.22 22.22 -28.22
N LEU C 69 -13.97 21.99 -26.92
CA LEU C 69 -13.18 20.84 -26.50
C LEU C 69 -13.96 19.53 -26.68
N PHE C 70 -15.25 19.54 -26.35
CA PHE C 70 -16.03 18.30 -26.36
C PHE C 70 -16.25 17.76 -27.77
N ASP C 71 -16.30 18.64 -28.77
CA ASP C 71 -16.52 18.22 -30.15
C ASP C 71 -15.38 17.34 -30.66
N ASN C 72 -14.14 17.71 -30.33
CA ASN C 72 -12.99 16.89 -30.72
C ASN C 72 -13.00 15.55 -30.00
N LEU C 73 -13.34 15.55 -28.71
CA LEU C 73 -13.29 14.32 -27.91
C LEU C 73 -14.39 13.35 -28.30
N ILE C 74 -15.59 13.86 -28.63
CA ILE C 74 -16.68 12.99 -29.07
C ILE C 74 -16.33 12.33 -30.40
N GLU C 75 -15.71 13.10 -31.31
CA GLU C 75 -15.26 12.56 -32.59
C GLU C 75 -14.17 11.50 -32.41
N PHE C 76 -13.24 11.73 -31.49
CA PHE C 76 -12.23 10.71 -31.18
C PHE C 76 -12.82 9.46 -30.56
N LEU C 77 -13.81 9.62 -29.69
CA LEU C 77 -14.45 8.46 -29.06
C LEU C 77 -15.14 7.58 -30.10
N GLN C 78 -15.77 8.20 -31.09
CA GLN C 78 -16.46 7.42 -32.12
C GLN C 78 -15.47 6.81 -33.10
N LYS C 79 -14.37 7.51 -33.40
CA LYS C 79 -13.42 7.02 -34.39
C LYS C 79 -12.67 5.79 -33.93
N SER C 80 -12.19 5.78 -32.68
CA SER C 80 -11.43 4.64 -32.17
C SER C 80 -12.32 3.42 -32.01
N HIS C 81 -13.58 3.62 -31.66
CA HIS C 81 -14.51 2.50 -31.58
C HIS C 81 -14.98 2.01 -32.95
N SER C 82 -14.75 2.77 -34.02
CA SER C 82 -15.07 2.29 -35.36
C SER C 82 -14.17 1.13 -35.78
N GLY C 83 -12.96 1.05 -35.21
CA GLY C 83 -12.14 -0.13 -35.41
C GLY C 83 -12.73 -1.37 -34.76
N PHE C 84 -13.24 -1.24 -33.54
CA PHE C 84 -13.84 -2.38 -32.84
C PHE C 84 -15.17 -2.79 -33.48
N GLN C 85 -15.86 -1.83 -34.12
CA GLN C 85 -17.06 -2.14 -34.88
C GLN C 85 -16.75 -3.05 -36.06
N LYS C 86 -15.61 -2.84 -36.72
CA LYS C 86 -15.21 -3.68 -37.83
C LYS C 86 -14.91 -5.10 -37.38
N ASN C 87 -14.09 -5.24 -36.34
CA ASN C 87 -13.67 -6.56 -35.87
C ASN C 87 -14.57 -7.06 -34.75
N LYS C 96 -3.91 -10.24 -32.67
CA LYS C 96 -4.45 -8.88 -32.72
C LYS C 96 -3.47 -7.83 -32.16
N LEU C 97 -3.30 -7.84 -30.84
CA LEU C 97 -2.59 -6.80 -30.07
C LEU C 97 -3.14 -5.41 -30.43
N ARG C 98 -4.41 -5.21 -30.11
CA ARG C 98 -5.01 -3.89 -30.19
C ARG C 98 -4.52 -3.02 -29.05
N GLU C 99 -4.06 -1.80 -29.36
CA GLU C 99 -3.74 -0.85 -28.31
C GLU C 99 -5.04 -0.27 -27.77
N ILE C 100 -5.11 -0.07 -26.46
CA ILE C 100 -6.24 0.65 -25.90
C ILE C 100 -6.13 2.12 -26.29
N PRO C 101 -7.12 2.71 -26.97
CA PRO C 101 -7.05 4.15 -27.26
C PRO C 101 -7.30 4.94 -25.99
N THR C 102 -6.43 5.92 -25.73
CA THR C 102 -6.58 6.71 -24.53
C THR C 102 -6.50 8.19 -24.86
N ALA C 103 -7.22 8.98 -24.08
CA ALA C 103 -7.28 10.43 -24.25
C ALA C 103 -6.69 11.10 -23.02
N ALA C 104 -5.70 11.96 -23.24
CA ALA C 104 -4.98 12.64 -22.16
C ALA C 104 -5.40 14.10 -22.11
N LEU C 105 -6.49 14.36 -21.37
CA LEU C 105 -7.01 15.71 -21.18
C LEU C 105 -6.10 16.46 -20.22
N VAL C 106 -5.43 17.51 -20.70
CA VAL C 106 -4.61 18.33 -19.82
C VAL C 106 -5.50 19.38 -19.18
N LEU C 107 -6.05 19.07 -18.01
CA LEU C 107 -6.71 20.10 -17.23
C LEU C 107 -5.66 20.91 -16.46
N GLY C 108 -6.04 22.11 -16.04
CA GLY C 108 -5.08 23.07 -15.52
C GLY C 108 -4.66 22.79 -14.09
N VAL C 109 -3.90 23.75 -13.55
CA VAL C 109 -3.42 23.68 -12.17
C VAL C 109 -4.54 23.88 -11.16
N ASN C 110 -5.63 24.54 -11.58
CA ASN C 110 -6.83 24.75 -10.78
C ASN C 110 -7.53 23.42 -10.52
N VAL C 111 -7.04 22.73 -9.48
CA VAL C 111 -7.57 21.42 -9.08
C VAL C 111 -9.05 21.53 -8.71
N THR C 112 -9.44 22.65 -8.09
CA THR C 112 -10.82 22.86 -7.66
C THR C 112 -11.80 22.91 -8.84
N ASP C 113 -11.35 23.42 -9.98
CA ASP C 113 -12.24 23.59 -11.14
C ASP C 113 -12.57 22.29 -11.84
N HIS C 114 -11.83 21.21 -11.57
CA HIS C 114 -11.94 19.97 -12.35
C HIS C 114 -13.29 19.28 -12.17
N ASP C 115 -13.91 19.42 -11.00
CA ASP C 115 -15.16 18.74 -10.67
C ASP C 115 -16.29 19.09 -11.64
N LEU C 116 -16.43 20.39 -11.95
CA LEU C 116 -17.40 20.78 -12.97
C LEU C 116 -16.95 20.36 -14.37
N THR C 117 -15.65 20.47 -14.66
CA THR C 117 -15.13 20.11 -15.98
C THR C 117 -15.30 18.62 -16.25
N PHE C 118 -15.04 17.78 -15.22
CA PHE C 118 -15.34 16.36 -15.37
C PHE C 118 -16.84 16.12 -15.28
N GLY C 119 -17.54 16.93 -14.48
CA GLY C 119 -18.99 16.80 -14.37
C GLY C 119 -19.72 17.20 -15.64
N SER C 120 -19.24 18.23 -16.34
CA SER C 120 -19.89 18.67 -17.57
C SER C 120 -19.71 17.64 -18.70
N LEU C 121 -18.60 16.92 -18.69
CA LEU C 121 -18.28 16.01 -19.78
C LEU C 121 -19.13 14.73 -19.70
N THR C 122 -19.71 14.45 -18.53
CA THR C 122 -20.52 13.24 -18.35
C THR C 122 -21.76 13.22 -19.23
N GLU C 123 -22.56 14.29 -19.19
CA GLU C 123 -23.83 14.28 -19.92
C GLU C 123 -23.63 14.50 -21.41
N ALA C 124 -22.52 15.14 -21.80
CA ALA C 124 -22.18 15.27 -23.21
C ALA C 124 -21.92 13.91 -23.84
N LEU C 125 -21.13 13.07 -23.18
CA LEU C 125 -20.83 11.73 -23.70
C LEU C 125 -22.03 10.79 -23.54
N GLN C 126 -22.79 10.93 -22.45
CA GLN C 126 -23.95 10.07 -22.21
C GLN C 126 -25.06 10.27 -23.23
N ASN C 127 -25.15 11.44 -23.85
CA ASN C 127 -26.22 11.72 -24.80
C ASN C 127 -25.86 11.34 -26.22
N ASN C 128 -24.58 11.38 -26.58
CA ASN C 128 -24.16 11.25 -27.97
C ASN C 128 -23.70 9.83 -28.33
N VAL C 129 -22.71 9.30 -27.62
CA VAL C 129 -22.04 8.07 -28.07
C VAL C 129 -22.42 6.87 -27.22
N THR C 130 -22.24 6.96 -25.90
CA THR C 130 -22.23 5.81 -25.03
C THR C 130 -23.28 5.98 -23.94
N PRO C 131 -23.85 4.88 -23.44
CA PRO C 131 -24.69 4.95 -22.24
C PRO C 131 -23.99 4.61 -20.93
N TYR C 132 -22.78 4.05 -20.97
CA TYR C 132 -22.06 3.63 -19.76
C TYR C 132 -20.80 4.48 -19.62
N VAL C 133 -20.85 5.48 -18.75
CA VAL C 133 -19.68 6.26 -18.37
C VAL C 133 -19.62 6.31 -16.86
N VAL C 134 -18.45 5.98 -16.29
CA VAL C 134 -18.26 5.90 -14.85
C VAL C 134 -16.98 6.63 -14.47
N SER C 135 -16.84 6.90 -13.17
CA SER C 135 -15.74 7.72 -12.65
C SER C 135 -15.07 7.03 -11.48
N LEU C 136 -13.74 7.00 -11.49
CA LEU C 136 -12.96 6.44 -10.40
C LEU C 136 -12.01 7.48 -9.82
N GLN C 137 -11.77 7.37 -8.53
CA GLN C 137 -10.85 8.26 -7.82
C GLN C 137 -9.88 7.41 -7.02
N ALA C 138 -8.67 7.93 -6.80
CA ALA C 138 -7.64 7.15 -6.11
C ALA C 138 -7.93 7.00 -4.63
N LYS C 139 -8.74 7.90 -4.06
CA LYS C 139 -9.01 7.89 -2.62
C LYS C 139 -9.70 6.60 -2.20
N ASP C 140 -10.56 6.04 -3.05
CA ASP C 140 -11.18 4.76 -2.76
C ASP C 140 -10.68 3.63 -3.65
N CYS C 141 -9.46 3.75 -4.21
CA CYS C 141 -8.83 2.65 -4.97
C CYS C 141 -7.37 2.45 -4.54
N PRO C 142 -7.12 1.84 -3.38
CA PRO C 142 -5.72 1.57 -3.02
C PRO C 142 -5.10 0.38 -3.75
N ASP C 143 -5.85 -0.70 -3.93
CA ASP C 143 -5.32 -1.96 -4.44
C ASP C 143 -6.23 -2.47 -5.56
N MET C 144 -5.91 -3.64 -6.10
CA MET C 144 -6.68 -4.19 -7.21
C MET C 144 -8.02 -4.77 -6.80
N LYS C 145 -8.20 -5.11 -5.52
CA LYS C 145 -9.52 -5.55 -5.09
C LYS C 145 -10.48 -4.38 -5.00
N HIS C 146 -9.98 -3.22 -4.58
CA HIS C 146 -10.82 -2.04 -4.42
C HIS C 146 -11.00 -1.27 -5.72
N PHE C 147 -10.03 -1.37 -6.63
CA PHE C 147 -10.10 -0.64 -7.89
C PHE C 147 -11.14 -1.26 -8.81
N LEU C 148 -11.36 -2.57 -8.69
CA LEU C 148 -12.33 -3.27 -9.52
C LEU C 148 -13.72 -3.32 -8.90
N GLN C 149 -13.82 -3.28 -7.57
CA GLN C 149 -15.13 -3.37 -6.92
C GLN C 149 -15.92 -2.08 -7.10
N LYS C 150 -15.24 -0.93 -7.07
CA LYS C 150 -15.92 0.34 -7.32
C LYS C 150 -16.36 0.44 -8.77
N LEU C 151 -15.58 -0.15 -9.68
CA LEU C 151 -15.87 -0.07 -11.11
C LEU C 151 -17.12 -0.85 -11.49
N ILE C 152 -17.28 -2.05 -10.92
CA ILE C 152 -18.41 -2.91 -11.29
C ILE C 152 -19.73 -2.36 -10.74
N SER C 153 -19.69 -1.68 -9.59
CA SER C 153 -20.93 -1.18 -8.99
C SER C 153 -21.48 0.01 -9.75
N GLN C 154 -20.60 0.95 -10.15
CA GLN C 154 -21.01 2.10 -10.94
C GLN C 154 -21.49 1.68 -12.33
N LEU C 155 -20.90 0.63 -12.88
CA LEU C 155 -21.32 0.11 -14.17
C LEU C 155 -22.72 -0.49 -14.12
N MET C 156 -23.14 -0.97 -12.95
CA MET C 156 -24.39 -1.73 -12.85
C MET C 156 -25.62 -0.86 -13.04
N ASP C 157 -25.71 0.28 -12.35
CA ASP C 157 -26.94 1.07 -12.38
C ASP C 157 -27.12 1.81 -13.69
N CYS C 158 -26.04 2.38 -14.24
CA CYS C 158 -26.08 3.06 -15.53
C CYS C 158 -26.35 2.07 -16.66
N THR C 177 -19.24 -11.58 -3.33
CA THR C 177 -19.45 -12.39 -4.53
C THR C 177 -18.11 -12.50 -5.26
N HIS C 178 -17.20 -11.57 -4.93
CA HIS C 178 -15.82 -11.52 -5.42
C HIS C 178 -15.78 -11.43 -6.96
N TYR C 179 -16.20 -10.26 -7.44
CA TYR C 179 -16.21 -9.98 -8.87
C TYR C 179 -14.80 -9.94 -9.44
N SER C 180 -14.69 -10.26 -10.72
CA SER C 180 -13.41 -10.28 -11.42
C SER C 180 -13.62 -9.64 -12.80
N MET C 181 -12.61 -9.75 -13.66
CA MET C 181 -12.77 -9.26 -15.03
C MET C 181 -13.71 -10.15 -15.85
N ASP C 182 -13.88 -11.41 -15.45
CA ASP C 182 -14.91 -12.24 -16.05
C ASP C 182 -16.31 -11.84 -15.61
N SER C 183 -16.42 -11.18 -14.45
CA SER C 183 -17.72 -10.60 -14.07
C SER C 183 -18.07 -9.43 -14.98
N LEU C 184 -17.08 -8.64 -15.37
CA LEU C 184 -17.31 -7.52 -16.29
C LEU C 184 -17.74 -8.00 -17.66
N SER C 185 -17.06 -9.02 -18.20
CA SER C 185 -17.39 -9.54 -19.53
C SER C 185 -18.75 -10.22 -19.54
N SER C 186 -19.12 -10.90 -18.45
CA SER C 186 -20.43 -11.54 -18.36
C SER C 186 -21.54 -10.50 -18.29
N TRP C 187 -21.31 -9.40 -17.59
CA TRP C 187 -22.28 -8.31 -17.52
C TRP C 187 -22.47 -7.64 -18.88
N TYR C 188 -21.37 -7.45 -19.61
CA TYR C 188 -21.41 -6.76 -20.90
C TYR C 188 -22.20 -7.57 -21.94
N MET C 189 -22.03 -8.88 -21.95
CA MET C 189 -22.79 -9.72 -22.86
C MET C 189 -24.27 -9.75 -22.48
N THR C 190 -24.56 -9.62 -21.19
CA THR C 190 -25.94 -9.65 -20.72
C THR C 190 -26.74 -8.43 -21.19
N VAL C 191 -26.19 -7.24 -21.03
CA VAL C 191 -26.98 -6.03 -21.24
C VAL C 191 -27.01 -5.61 -22.71
N THR C 192 -25.95 -5.90 -23.48
CA THR C 192 -25.95 -5.52 -24.88
C THR C 192 -26.80 -6.46 -25.71
N GLN C 193 -26.47 -7.76 -25.67
CA GLN C 193 -27.09 -8.83 -26.47
C GLN C 193 -27.08 -8.53 -27.97
N SER C 212 -23.10 -3.54 -28.33
CA SER C 212 -22.54 -2.57 -29.27
C SER C 212 -21.71 -1.37 -28.71
N PRO C 213 -22.21 -0.58 -27.76
CA PRO C 213 -21.52 0.69 -27.46
C PRO C 213 -20.30 0.52 -26.56
N PRO C 214 -19.33 1.43 -26.68
CA PRO C 214 -18.15 1.38 -25.81
C PRO C 214 -18.49 1.71 -24.37
N VAL C 215 -17.62 1.26 -23.47
CA VAL C 215 -17.63 1.68 -22.08
C VAL C 215 -16.51 2.69 -21.87
N VAL C 216 -16.84 3.83 -21.30
CA VAL C 216 -15.89 4.91 -21.06
C VAL C 216 -15.62 4.99 -19.57
N VAL C 217 -14.35 4.95 -19.19
CA VAL C 217 -13.92 5.07 -17.79
C VAL C 217 -12.94 6.22 -17.71
N ILE C 218 -13.26 7.21 -16.87
CA ILE C 218 -12.47 8.42 -16.72
C ILE C 218 -11.81 8.42 -15.34
N LEU C 219 -10.52 8.72 -15.31
CA LEU C 219 -9.76 8.84 -14.07
C LEU C 219 -9.53 10.33 -13.83
N LYS C 220 -10.08 10.84 -12.72
CA LYS C 220 -10.07 12.27 -12.47
C LYS C 220 -8.67 12.79 -12.16
N ASP C 221 -7.94 12.10 -11.27
CA ASP C 221 -6.65 12.56 -10.74
C ASP C 221 -5.61 11.45 -10.83
N MET C 222 -4.92 11.38 -11.98
CA MET C 222 -3.98 10.29 -12.23
C MET C 222 -2.71 10.46 -11.37
N GLU C 223 -2.47 11.68 -10.89
CA GLU C 223 -1.36 11.92 -9.96
C GLU C 223 -1.52 11.11 -8.68
N SER C 224 -2.76 10.98 -8.20
CA SER C 224 -3.01 10.38 -6.90
C SER C 224 -2.95 8.85 -6.93
N PHE C 225 -3.24 8.23 -8.07
CA PHE C 225 -3.22 6.77 -8.19
C PHE C 225 -1.84 6.17 -7.96
N ALA C 226 -1.82 5.01 -7.31
CA ALA C 226 -0.60 4.25 -7.09
C ALA C 226 -0.08 3.66 -8.40
N THR C 227 1.24 3.47 -8.47
CA THR C 227 1.88 2.93 -9.68
C THR C 227 1.44 1.48 -9.95
N LYS C 228 1.28 0.69 -8.89
CA LYS C 228 1.03 -0.75 -9.03
C LYS C 228 -0.30 -1.04 -9.71
N VAL C 229 -1.38 -0.34 -9.31
CA VAL C 229 -2.69 -0.68 -9.82
C VAL C 229 -2.88 -0.21 -11.26
N LEU C 230 -2.18 0.86 -11.66
CA LEU C 230 -2.26 1.32 -13.04
C LEU C 230 -1.57 0.33 -13.99
N GLN C 231 -0.42 -0.20 -13.58
CA GLN C 231 0.29 -1.17 -14.41
C GLN C 231 -0.46 -2.49 -14.51
N ASP C 232 -1.21 -2.84 -13.47
CA ASP C 232 -1.96 -4.08 -13.52
C ASP C 232 -3.21 -3.97 -14.40
N PHE C 233 -3.92 -2.84 -14.33
CA PHE C 233 -5.23 -2.73 -14.98
C PHE C 233 -5.11 -2.68 -16.50
N ILE C 234 -4.04 -2.07 -17.02
CA ILE C 234 -3.88 -1.93 -18.46
C ILE C 234 -3.66 -3.31 -19.11
N ILE C 235 -2.85 -4.16 -18.48
CA ILE C 235 -2.48 -5.45 -19.07
C ILE C 235 -3.66 -6.42 -19.05
N ILE C 236 -4.42 -6.48 -17.95
CA ILE C 236 -5.53 -7.42 -17.87
C ILE C 236 -6.65 -7.02 -18.84
N SER C 237 -6.89 -5.72 -19.01
CA SER C 237 -7.99 -5.26 -19.86
C SER C 237 -7.68 -5.47 -21.33
N SER C 238 -6.41 -5.35 -21.72
CA SER C 238 -6.03 -5.46 -23.12
C SER C 238 -6.24 -6.87 -23.66
N GLN C 239 -5.99 -7.89 -22.84
CA GLN C 239 -6.13 -9.26 -23.33
C GLN C 239 -7.59 -9.67 -23.47
N HIS C 240 -8.51 -8.99 -22.81
CA HIS C 240 -9.94 -9.19 -23.02
C HIS C 240 -10.60 -8.02 -23.75
N LEU C 241 -9.88 -7.40 -24.68
CA LEU C 241 -10.48 -6.34 -25.50
C LEU C 241 -11.49 -6.88 -26.49
N HIS C 242 -11.48 -8.19 -26.77
CA HIS C 242 -12.37 -8.73 -27.79
C HIS C 242 -13.81 -8.80 -27.31
N GLU C 243 -14.02 -8.97 -26.00
CA GLU C 243 -15.36 -9.10 -25.45
C GLU C 243 -15.59 -7.99 -24.40
N PHE C 244 -14.67 -7.04 -24.30
CA PHE C 244 -14.87 -5.91 -23.41
C PHE C 244 -14.16 -4.69 -23.98
N PRO C 245 -14.83 -3.86 -24.79
CA PRO C 245 -14.17 -2.67 -25.34
C PRO C 245 -14.01 -1.54 -24.34
N LEU C 246 -12.78 -1.18 -24.02
CA LEU C 246 -12.47 -0.18 -23.01
C LEU C 246 -11.71 0.99 -23.62
N ILE C 247 -12.15 2.21 -23.32
CA ILE C 247 -11.43 3.43 -23.68
C ILE C 247 -11.25 4.26 -22.41
N LEU C 248 -10.01 4.67 -22.13
CA LEU C 248 -9.60 5.29 -20.86
C LEU C 248 -9.29 6.76 -21.08
N ILE C 249 -9.92 7.64 -20.31
CA ILE C 249 -9.55 9.05 -20.27
C ILE C 249 -8.88 9.36 -18.93
N PHE C 250 -7.74 10.06 -18.96
CA PHE C 250 -6.95 10.37 -17.77
C PHE C 250 -7.01 11.87 -17.52
N GLY C 251 -7.43 12.26 -16.32
CA GLY C 251 -7.29 13.65 -15.92
C GLY C 251 -5.89 14.00 -15.44
N ILE C 252 -5.12 14.65 -16.31
CA ILE C 252 -3.76 15.08 -16.01
C ILE C 252 -3.78 16.55 -15.66
N ALA C 253 -3.07 16.91 -14.60
CA ALA C 253 -3.00 18.28 -14.11
C ALA C 253 -1.72 18.99 -14.53
N THR C 254 -0.59 18.29 -14.50
CA THR C 254 0.71 18.85 -14.80
C THR C 254 0.89 18.72 -16.32
N SER C 255 2.09 18.98 -16.88
CA SER C 255 2.43 18.75 -18.29
C SER C 255 2.35 17.25 -18.56
N PRO C 256 2.17 16.80 -19.81
CA PRO C 256 1.93 15.36 -20.06
C PRO C 256 3.12 14.44 -19.87
N ILE C 257 4.22 14.87 -19.22
CA ILE C 257 5.33 13.96 -18.94
C ILE C 257 5.07 13.05 -17.74
N ILE C 258 3.94 13.22 -17.06
CA ILE C 258 3.63 12.44 -15.87
C ILE C 258 3.34 10.97 -16.24
N ILE C 259 2.94 10.73 -17.49
CA ILE C 259 2.64 9.37 -17.95
C ILE C 259 3.92 8.52 -17.96
N HIS C 260 5.03 9.10 -18.41
CA HIS C 260 6.29 8.37 -18.50
C HIS C 260 6.81 7.96 -17.12
N ARG C 261 6.68 8.86 -16.14
CA ARG C 261 7.18 8.56 -14.80
C ARG C 261 6.36 7.44 -14.14
N LEU C 262 5.04 7.56 -14.13
CA LEU C 262 4.21 6.54 -13.49
C LEU C 262 4.20 5.24 -14.27
N LEU C 263 4.11 5.31 -15.60
CA LEU C 263 3.95 4.10 -16.38
C LEU C 263 5.21 3.83 -17.18
N PRO C 264 5.84 2.66 -17.02
CA PRO C 264 7.07 2.37 -17.76
C PRO C 264 6.78 2.06 -19.23
N HIS C 265 7.88 1.92 -19.99
CA HIS C 265 7.79 1.78 -21.43
C HIS C 265 7.14 0.46 -21.85
N ALA C 266 7.32 -0.59 -21.04
CA ALA C 266 6.71 -1.88 -21.33
C ALA C 266 5.18 -1.85 -21.23
N VAL C 267 4.62 -0.88 -20.52
CA VAL C 267 3.17 -0.73 -20.45
C VAL C 267 2.68 0.42 -21.34
N SER C 268 3.51 1.43 -21.58
CA SER C 268 3.11 2.62 -22.33
C SER C 268 2.99 2.38 -23.83
N SER C 269 3.40 1.21 -24.32
CA SER C 269 3.22 0.83 -25.72
C SER C 269 1.96 0.00 -25.94
N LEU C 270 1.22 -0.31 -24.87
CA LEU C 270 -0.06 -0.98 -24.96
C LEU C 270 -1.21 0.02 -24.93
N LEU C 271 -0.90 1.31 -25.06
CA LEU C 271 -1.89 2.38 -25.10
C LEU C 271 -1.71 3.17 -26.39
N CYS C 272 -2.72 3.97 -26.72
CA CYS C 272 -2.71 4.84 -27.89
C CYS C 272 -2.95 6.27 -27.38
N ILE C 273 -1.85 6.95 -27.06
CA ILE C 273 -1.92 8.26 -26.43
C ILE C 273 -2.15 9.35 -27.46
N GLU C 274 -3.21 10.13 -27.26
CA GLU C 274 -3.52 11.33 -28.04
C GLU C 274 -3.82 12.47 -27.09
N LEU C 275 -3.20 13.62 -27.37
CA LEU C 275 -3.27 14.76 -26.48
C LEU C 275 -4.51 15.60 -26.74
N PHE C 276 -5.11 16.13 -25.68
CA PHE C 276 -6.10 17.21 -25.77
C PHE C 276 -5.67 18.36 -24.88
N GLN C 277 -6.36 19.48 -25.03
CA GLN C 277 -6.14 20.63 -24.15
C GLN C 277 -7.43 21.41 -23.93
N CYS C 281 -7.43 29.55 -17.99
CA CYS C 281 -7.89 30.22 -16.78
C CYS C 281 -7.92 31.73 -16.95
N LYS C 282 -6.90 32.25 -17.66
CA LYS C 282 -6.85 33.67 -17.97
C LYS C 282 -8.00 34.08 -18.88
N GLU C 283 -8.33 33.24 -19.86
CA GLU C 283 -9.43 33.55 -20.76
C GLU C 283 -10.78 33.30 -20.11
N HIS C 284 -10.85 32.35 -19.17
CA HIS C 284 -12.12 32.06 -18.52
C HIS C 284 -12.51 33.18 -17.56
N LEU C 285 -11.51 33.79 -16.90
CA LEU C 285 -11.78 34.85 -15.93
C LEU C 285 -12.29 36.12 -16.59
N THR C 286 -11.82 36.43 -17.80
CA THR C 286 -12.22 37.67 -18.45
C THR C 286 -13.67 37.61 -18.94
N THR C 287 -14.12 36.43 -19.36
CA THR C 287 -15.50 36.27 -19.78
C THR C 287 -16.45 36.34 -18.57
N VAL C 288 -16.06 35.70 -17.46
CA VAL C 288 -16.97 35.62 -16.31
C VAL C 288 -17.03 36.96 -15.57
N LEU C 289 -15.97 37.76 -15.67
CA LEU C 289 -16.02 39.12 -15.14
C LEU C 289 -16.97 40.00 -15.96
N ASP C 290 -17.08 39.74 -17.27
CA ASP C 290 -17.93 40.57 -18.11
C ASP C 290 -19.41 40.28 -17.91
N LYS C 291 -19.79 39.02 -17.71
CA LYS C 291 -21.19 38.63 -17.65
C LYS C 291 -21.72 38.55 -16.23
N LEU C 292 -20.93 38.97 -15.23
CA LEU C 292 -21.42 39.10 -13.86
C LEU C 292 -21.34 40.52 -13.32
N LEU C 293 -20.39 41.32 -13.78
CA LEU C 293 -20.15 42.65 -13.24
C LEU C 293 -20.20 43.74 -14.30
N LEU C 294 -19.79 43.43 -15.53
CA LEU C 294 -19.84 44.40 -16.63
C LEU C 294 -21.14 44.33 -17.42
N THR C 295 -22.20 43.79 -16.83
CA THR C 295 -23.53 43.86 -17.40
C THR C 295 -24.46 44.56 -16.43
N THR C 296 -25.52 45.15 -16.97
CA THR C 296 -26.46 45.95 -16.21
C THR C 296 -27.59 45.05 -15.66
N GLN C 297 -27.60 43.78 -16.07
CA GLN C 297 -28.56 42.81 -15.54
C GLN C 297 -28.35 42.58 -14.04
N PHE C 298 -27.10 42.57 -13.59
CA PHE C 298 -26.96 42.42 -12.15
C PHE C 298 -26.86 43.78 -11.46
N PRO C 299 -27.61 43.98 -10.38
CA PRO C 299 -27.61 45.30 -9.72
C PRO C 299 -26.38 45.54 -8.87
N PHE C 300 -25.83 44.50 -8.24
CA PHE C 300 -24.71 44.64 -7.33
C PHE C 300 -23.40 44.93 -8.07
N LYS C 301 -22.58 45.79 -7.46
CA LYS C 301 -21.27 46.11 -8.00
C LYS C 301 -20.24 46.06 -6.87
N ILE C 302 -18.98 46.25 -7.23
CA ILE C 302 -17.88 46.28 -6.27
C ILE C 302 -16.94 47.44 -6.59
N ASN C 303 -16.27 47.92 -5.55
CA ASN C 303 -15.34 49.05 -5.66
C ASN C 303 -14.01 48.57 -6.20
N GLU C 304 -13.13 49.53 -6.53
CA GLU C 304 -11.83 49.21 -7.11
C GLU C 304 -10.92 48.48 -6.13
N LYS C 305 -10.94 48.87 -4.85
CA LYS C 305 -10.12 48.17 -3.86
C LYS C 305 -10.64 46.77 -3.56
N VAL C 306 -11.96 46.59 -3.56
CA VAL C 306 -12.52 45.25 -3.44
C VAL C 306 -12.16 44.41 -4.65
N LEU C 307 -12.20 45.03 -5.85
CA LEU C 307 -11.75 44.36 -7.07
C LEU C 307 -10.27 44.04 -7.01
N GLN C 308 -9.45 44.96 -6.49
CA GLN C 308 -8.01 44.76 -6.45
C GLN C 308 -7.64 43.60 -5.53
N VAL C 309 -8.37 43.44 -4.43
CA VAL C 309 -8.14 42.32 -3.53
C VAL C 309 -8.45 40.99 -4.22
N LEU C 310 -9.59 40.92 -4.92
CA LEU C 310 -10.02 39.64 -5.49
C LEU C 310 -9.19 39.25 -6.70
N THR C 311 -8.75 40.22 -7.50
CA THR C 311 -7.89 39.88 -8.63
C THR C 311 -6.51 39.44 -8.16
N ASN C 312 -6.01 40.01 -7.06
CA ASN C 312 -4.66 39.69 -6.62
C ASN C 312 -4.53 38.28 -6.06
N ILE C 313 -5.59 37.74 -5.45
CA ILE C 313 -5.49 36.35 -4.98
C ILE C 313 -5.48 35.38 -6.17
N PHE C 314 -6.10 35.78 -7.28
CA PHE C 314 -6.18 34.89 -8.44
C PHE C 314 -4.84 34.83 -9.17
N LEU C 315 -4.28 36.00 -9.52
CA LEU C 315 -3.09 36.01 -10.36
C LEU C 315 -1.84 35.64 -9.59
N TYR C 316 -1.78 35.95 -8.29
CA TYR C 316 -0.52 35.85 -7.57
C TYR C 316 -0.39 34.49 -6.88
N HIS C 317 -1.36 34.12 -6.04
CA HIS C 317 -1.32 32.81 -5.39
C HIS C 317 -1.70 31.70 -6.36
N ASP C 318 -2.98 31.62 -6.71
CA ASP C 318 -3.45 30.42 -7.38
C ASP C 318 -4.57 30.77 -8.34
N PHE C 319 -4.51 30.19 -9.53
CA PHE C 319 -5.59 30.32 -10.48
C PHE C 319 -6.76 29.48 -9.98
N SER C 320 -7.88 30.15 -9.68
CA SER C 320 -9.11 29.47 -9.26
C SER C 320 -10.26 30.43 -9.49
N VAL C 321 -11.14 30.11 -10.45
CA VAL C 321 -12.29 30.96 -10.70
C VAL C 321 -13.39 30.69 -9.69
N GLN C 322 -13.36 29.54 -9.02
CA GLN C 322 -14.38 29.23 -8.03
C GLN C 322 -14.14 30.01 -6.76
N ASN C 323 -12.86 30.27 -6.42
CA ASN C 323 -12.55 31.15 -5.30
C ASN C 323 -12.93 32.60 -5.59
N PHE C 324 -12.84 33.03 -6.86
CA PHE C 324 -13.38 34.32 -7.25
C PHE C 324 -14.89 34.37 -7.08
N ILE C 325 -15.57 33.28 -7.43
CA ILE C 325 -17.01 33.15 -7.16
C ILE C 325 -17.28 33.17 -5.66
N LYS C 326 -16.40 32.53 -4.89
CA LYS C 326 -16.49 32.59 -3.44
C LYS C 326 -16.29 34.01 -2.92
N GLY C 327 -15.42 34.79 -3.57
CA GLY C 327 -15.11 36.13 -3.10
C GLY C 327 -16.25 37.11 -3.22
N LEU C 328 -16.93 37.15 -4.37
CA LEU C 328 -18.04 38.07 -4.53
C LEU C 328 -19.27 37.63 -3.76
N GLN C 329 -19.38 36.33 -3.45
CA GLN C 329 -20.53 35.84 -2.71
C GLN C 329 -20.46 36.31 -1.26
N LEU C 330 -19.25 36.38 -0.70
CA LEU C 330 -19.07 37.02 0.60
C LEU C 330 -19.35 38.52 0.52
N SER C 331 -18.91 39.17 -0.56
CA SER C 331 -19.07 40.62 -0.66
C SER C 331 -20.53 41.02 -0.80
N LEU C 332 -21.31 40.22 -1.54
CA LEU C 332 -22.77 40.39 -1.57
C LEU C 332 -23.38 40.15 -0.19
N LEU C 333 -22.88 39.17 0.54
CA LEU C 333 -23.35 38.94 1.90
C LEU C 333 -22.99 40.10 2.82
N GLU C 334 -21.76 40.61 2.72
CA GLU C 334 -21.34 41.69 3.60
C GLU C 334 -21.98 43.02 3.22
N HIS C 335 -22.33 43.22 1.95
CA HIS C 335 -22.91 44.49 1.55
C HIS C 335 -24.34 44.64 2.03
N PHE C 336 -25.12 43.55 2.01
CA PHE C 336 -26.47 43.69 2.52
C PHE C 336 -26.51 43.60 4.04
N TYR C 337 -25.37 43.38 4.69
CA TYR C 337 -25.28 43.32 6.14
C TYR C 337 -24.87 44.64 6.75
N SER C 338 -23.82 45.29 6.21
CA SER C 338 -23.32 46.53 6.80
C SER C 338 -24.24 47.70 6.48
N GLN C 339 -24.73 47.79 5.25
CA GLN C 339 -25.63 48.86 4.86
C GLN C 339 -27.08 48.48 5.12
N PRO C 340 -27.82 49.24 5.92
CA PRO C 340 -29.24 48.91 6.12
C PRO C 340 -30.09 49.21 4.90
N LEU C 341 -29.79 50.29 4.17
CA LEU C 341 -30.58 50.72 3.02
C LEU C 341 -30.14 50.06 1.72
N SER C 342 -29.51 48.91 1.82
CA SER C 342 -29.05 48.13 0.68
C SER C 342 -30.15 47.27 0.06
N VAL C 343 -31.40 47.40 0.54
CA VAL C 343 -32.54 46.76 -0.12
C VAL C 343 -32.78 47.38 -1.50
N LEU C 344 -32.35 48.63 -1.70
CA LEU C 344 -32.47 49.31 -2.99
C LEU C 344 -31.56 48.71 -4.07
N CYS C 345 -30.62 47.85 -3.70
CA CYS C 345 -29.75 47.16 -4.66
C CYS C 345 -30.49 45.98 -5.26
N CYS C 346 -31.39 46.28 -6.20
CA CYS C 346 -32.17 45.28 -6.91
C CYS C 346 -32.48 45.85 -8.29
N ASN C 347 -33.37 45.16 -9.00
CA ASN C 347 -33.81 45.65 -10.31
C ASN C 347 -34.55 46.98 -10.16
N LEU C 348 -34.33 47.86 -11.13
CA LEU C 348 -34.70 49.27 -11.00
C LEU C 348 -36.21 49.54 -10.82
N PRO C 349 -37.16 48.89 -11.53
CA PRO C 349 -38.57 49.08 -11.16
C PRO C 349 -38.92 48.62 -9.75
N GLU C 350 -38.21 47.60 -9.24
CA GLU C 350 -38.44 47.19 -7.87
C GLU C 350 -37.81 48.17 -6.89
N ALA C 351 -36.67 48.77 -7.25
CA ALA C 351 -35.96 49.70 -6.36
C ALA C 351 -36.74 50.99 -6.15
N LYS C 352 -37.41 51.47 -7.19
CA LYS C 352 -38.28 52.63 -7.02
C LYS C 352 -39.52 52.28 -6.21
N ARG C 353 -40.00 51.04 -6.33
CA ARG C 353 -41.11 50.56 -5.51
C ARG C 353 -40.72 50.51 -4.04
N ARG C 354 -39.47 50.13 -3.75
CA ARG C 354 -39.01 50.04 -2.36
C ARG C 354 -38.95 51.42 -1.71
N ILE C 355 -38.65 52.44 -2.51
CA ILE C 355 -38.55 53.82 -2.01
C ILE C 355 -39.90 54.31 -1.50
N ASN C 356 -40.99 53.87 -2.16
CA ASN C 356 -42.33 54.35 -1.84
C ASN C 356 -42.76 53.99 -0.42
N PHE C 357 -42.50 52.77 0.02
CA PHE C 357 -42.86 52.29 1.35
C PHE C 357 -41.60 52.10 2.17
N LEU C 358 -41.35 53.01 3.11
CA LEU C 358 -40.20 52.93 4.00
C LEU C 358 -40.62 53.24 5.44
N SER C 359 -39.73 52.91 6.37
CA SER C 359 -39.81 53.38 7.74
C SER C 359 -39.13 54.74 7.85
N ASN C 360 -39.49 55.47 8.90
CA ASN C 360 -39.00 56.84 9.08
C ASN C 360 -37.50 56.87 9.38
N ASN C 361 -37.00 55.86 10.10
CA ASN C 361 -35.57 55.77 10.37
C ASN C 361 -34.79 55.53 9.08
N GLN C 362 -35.38 54.81 8.13
CA GLN C 362 -34.75 54.62 6.84
C GLN C 362 -34.64 55.93 6.07
N CYS C 363 -35.66 56.79 6.19
CA CYS C 363 -35.61 58.11 5.56
C CYS C 363 -34.52 58.97 6.17
N GLU C 364 -34.32 58.86 7.48
CA GLU C 364 -33.18 59.52 8.11
C GLU C 364 -31.86 58.86 7.71
N ASN C 365 -31.89 57.56 7.43
CA ASN C 365 -30.69 56.83 7.03
C ASN C 365 -30.24 57.27 5.64
N ILE C 366 -31.20 57.57 4.76
CA ILE C 366 -30.90 58.09 3.42
C ILE C 366 -30.22 59.46 3.51
N ARG C 367 -30.63 60.27 4.49
CA ARG C 367 -30.15 61.64 4.61
C ARG C 367 -28.67 61.72 4.97
N ARG C 368 -28.12 60.69 5.59
CA ARG C 368 -26.79 60.77 6.17
C ARG C 368 -25.68 60.13 5.34
N LEU C 369 -25.94 59.77 4.07
CA LEU C 369 -24.87 59.32 3.19
C LEU C 369 -23.93 60.49 2.87
N PRO C 370 -22.61 60.27 2.87
CA PRO C 370 -21.68 61.31 2.40
C PRO C 370 -21.93 61.78 0.98
N SER C 371 -22.35 60.87 0.09
CA SER C 371 -22.71 61.27 -1.27
C SER C 371 -23.96 62.13 -1.28
N PHE C 372 -24.93 61.79 -0.43
CA PHE C 372 -26.16 62.58 -0.34
C PHE C 372 -25.87 63.95 0.24
N ARG C 373 -25.00 64.00 1.27
CA ARG C 373 -24.66 65.25 1.93
C ARG C 373 -23.89 66.19 1.01
N ARG C 374 -23.02 65.64 0.15
CA ARG C 374 -22.34 66.44 -0.85
C ARG C 374 -23.32 66.96 -1.91
N TYR C 375 -24.38 66.21 -2.18
CA TYR C 375 -25.34 66.56 -3.21
C TYR C 375 -26.28 67.69 -2.76
N VAL C 376 -26.68 67.71 -1.49
CA VAL C 376 -27.56 68.78 -1.03
C VAL C 376 -26.79 70.10 -0.88
N GLU C 377 -25.47 70.03 -0.66
CA GLU C 377 -24.68 71.24 -0.44
C GLU C 377 -24.51 72.05 -1.71
N LYS C 378 -24.42 71.39 -2.86
CA LYS C 378 -24.16 72.08 -4.12
C LYS C 378 -25.40 72.85 -4.58
N GLN C 379 -26.58 72.47 -4.10
CA GLN C 379 -27.85 73.03 -4.52
C GLN C 379 -28.09 74.42 -3.94
N ALA C 380 -29.23 74.97 -4.32
CA ALA C 380 -29.68 76.28 -3.85
C ALA C 380 -30.11 76.20 -2.38
N SER C 381 -30.32 77.39 -1.80
CA SER C 381 -30.67 77.53 -0.39
C SER C 381 -32.01 76.86 -0.05
N GLU C 382 -33.01 77.04 -0.91
CA GLU C 382 -34.36 76.55 -0.58
C GLU C 382 -34.45 75.04 -0.76
N LYS C 383 -33.67 74.47 -1.68
CA LYS C 383 -33.74 73.04 -1.96
C LYS C 383 -33.23 72.20 -0.79
N GLN C 384 -32.32 72.74 0.02
CA GLN C 384 -31.79 71.99 1.17
C GLN C 384 -32.87 71.77 2.22
N VAL C 385 -33.60 72.83 2.58
CA VAL C 385 -34.64 72.67 3.59
C VAL C 385 -35.85 71.95 3.01
N ALA C 386 -35.99 71.91 1.68
CA ALA C 386 -37.00 71.07 1.06
C ALA C 386 -36.72 69.58 1.29
N LEU C 387 -35.44 69.18 1.21
CA LEU C 387 -35.10 67.76 1.26
C LEU C 387 -35.02 67.25 2.69
N LEU C 388 -34.38 68.01 3.58
CA LEU C 388 -34.09 67.54 4.94
C LEU C 388 -35.36 67.34 5.77
N THR C 389 -36.35 68.23 5.61
CA THR C 389 -37.52 68.16 6.47
C THR C 389 -38.49 67.07 6.02
N ASN C 390 -39.05 67.21 4.83
CA ASN C 390 -40.19 66.40 4.42
C ASN C 390 -39.70 65.12 3.75
N GLU C 391 -40.11 63.97 4.29
CA GLU C 391 -39.65 62.68 3.77
C GLU C 391 -40.34 62.33 2.45
N ARG C 392 -41.54 62.87 2.20
CA ARG C 392 -42.21 62.62 0.93
C ARG C 392 -41.50 63.28 -0.23
N TYR C 393 -41.00 64.51 -0.04
CA TYR C 393 -40.21 65.17 -1.07
C TYR C 393 -38.86 64.49 -1.23
N LEU C 394 -38.34 63.90 -0.16
CA LEU C 394 -37.13 63.09 -0.25
C LEU C 394 -37.35 61.85 -1.11
N LYS C 395 -38.54 61.25 -1.03
CA LYS C 395 -38.84 60.00 -1.74
C LYS C 395 -38.81 60.18 -3.25
N GLU C 396 -39.42 61.28 -3.74
CA GLU C 396 -39.46 61.51 -5.18
C GLU C 396 -38.09 61.89 -5.74
N GLU C 397 -37.28 62.60 -4.95
CA GLU C 397 -35.93 62.95 -5.39
C GLU C 397 -35.04 61.71 -5.51
N THR C 398 -35.19 60.77 -4.56
CA THR C 398 -34.38 59.56 -4.58
C THR C 398 -34.73 58.65 -5.76
N GLN C 399 -36.01 58.61 -6.14
CA GLN C 399 -36.42 57.79 -7.27
C GLN C 399 -35.84 58.30 -8.59
N LEU C 400 -35.71 59.63 -8.71
CA LEU C 400 -34.99 60.20 -9.85
C LEU C 400 -33.51 59.83 -9.81
N LEU C 401 -32.90 59.87 -8.63
CA LEU C 401 -31.46 59.65 -8.52
C LEU C 401 -31.04 58.21 -8.73
N LEU C 402 -31.92 57.24 -8.44
CA LEU C 402 -31.60 55.86 -8.77
C LEU C 402 -31.69 55.61 -10.27
N GLU C 403 -32.60 56.30 -10.96
CA GLU C 403 -32.58 56.24 -12.42
C GLU C 403 -31.40 57.01 -13.00
N ASN C 404 -30.96 58.08 -12.35
CA ASN C 404 -29.70 58.71 -12.73
C ASN C 404 -28.51 57.79 -12.45
N LEU C 405 -28.61 56.99 -11.38
CA LEU C 405 -27.62 55.95 -11.14
C LEU C 405 -27.68 54.87 -12.21
N HIS C 406 -28.89 54.44 -12.60
CA HIS C 406 -29.02 53.29 -13.49
C HIS C 406 -28.63 53.62 -14.93
N VAL C 407 -29.11 54.77 -15.44
CA VAL C 407 -28.84 55.17 -16.82
C VAL C 407 -27.35 55.45 -17.02
N TYR C 408 -26.67 55.94 -15.98
CA TYR C 408 -25.22 56.10 -16.02
C TYR C 408 -24.51 54.77 -16.23
N HIS C 409 -24.93 53.73 -15.51
CA HIS C 409 -24.30 52.42 -15.65
C HIS C 409 -24.66 51.76 -16.98
N MET C 410 -25.81 52.10 -17.56
CA MET C 410 -26.03 51.76 -18.96
C MET C 410 -25.12 52.56 -19.87
N ASN C 411 -24.88 53.84 -19.56
CA ASN C 411 -23.97 54.64 -20.35
C ASN C 411 -22.53 54.15 -20.22
N TYR C 412 -22.16 53.66 -19.02
CA TYR C 412 -20.75 53.56 -18.65
C TYR C 412 -20.02 52.46 -19.43
N PHE C 413 -20.47 51.21 -19.22
CA PHE C 413 -19.74 50.05 -19.79
C PHE C 413 -19.87 50.00 -21.30
N LEU C 414 -20.97 50.53 -21.84
CA LEU C 414 -21.20 50.38 -23.31
C LEU C 414 -20.29 51.37 -24.03
N VAL C 415 -19.57 52.20 -23.27
CA VAL C 415 -18.56 53.12 -23.87
C VAL C 415 -17.20 52.44 -23.62
N LEU C 416 -17.08 51.76 -22.47
CA LEU C 416 -15.82 51.03 -22.18
C LEU C 416 -15.64 49.93 -23.23
N ARG C 417 -16.73 49.26 -23.63
CA ARG C 417 -16.60 48.24 -24.67
C ARG C 417 -16.10 48.83 -25.98
N CYS C 418 -16.56 50.05 -26.32
CA CYS C 418 -16.09 50.71 -27.54
C CYS C 418 -14.64 51.15 -27.43
N LEU C 419 -14.19 51.52 -26.22
CA LEU C 419 -12.81 51.96 -26.04
C LEU C 419 -11.82 50.81 -26.21
N HIS C 420 -12.21 49.61 -25.74
CA HIS C 420 -11.38 48.42 -25.87
C HIS C 420 -11.15 48.04 -27.33
N LYS C 421 -12.14 48.31 -28.19
CA LYS C 421 -12.01 47.99 -29.61
C LYS C 421 -10.95 48.84 -30.28
N PHE C 422 -10.82 50.10 -29.85
CA PHE C 422 -9.64 50.87 -30.17
C PHE C 422 -8.40 50.26 -29.53
N THR C 423 -8.50 49.90 -28.25
CA THR C 423 -7.32 49.59 -27.44
C THR C 423 -6.67 48.27 -27.85
N SER C 424 -7.48 47.23 -28.06
CA SER C 424 -6.95 45.92 -28.41
C SER C 424 -6.38 45.92 -29.83
N SER C 425 -6.88 46.81 -30.69
CA SER C 425 -6.31 46.96 -32.01
C SER C 425 -4.90 47.52 -31.96
N LEU C 426 -4.62 48.42 -31.01
CA LEU C 426 -3.32 49.08 -30.95
C LEU C 426 -2.23 48.11 -30.54
N PRO C 427 -1.07 48.16 -31.18
CA PRO C 427 0.09 47.41 -30.68
C PRO C 427 0.68 48.06 -29.44
N LYS C 428 1.49 47.28 -28.73
CA LYS C 428 2.32 47.60 -27.57
C LYS C 428 1.52 47.83 -26.28
N TYR C 429 0.16 47.81 -26.33
CA TYR C 429 -0.84 47.78 -25.25
C TYR C 429 -0.50 48.55 -23.97
N PRO C 430 -0.54 49.91 -24.01
CA PRO C 430 -0.18 50.70 -22.82
C PRO C 430 -1.11 50.55 -21.62
N LEU C 431 -2.42 50.81 -21.79
CA LEU C 431 -3.36 50.71 -20.68
C LEU C 431 -3.57 49.25 -20.27
N GLY C 432 -3.63 48.37 -21.23
CA GLY C 432 -3.85 46.96 -21.01
C GLY C 432 -4.42 46.32 -22.25
N ARG C 433 -4.23 45.01 -22.37
CA ARG C 433 -4.71 44.28 -23.53
C ARG C 433 -6.02 43.59 -23.23
N GLN C 434 -6.41 43.51 -21.96
CA GLN C 434 -7.57 42.74 -21.51
C GLN C 434 -8.68 43.68 -21.07
N ILE C 435 -9.91 43.16 -21.09
CA ILE C 435 -11.04 43.94 -20.60
C ILE C 435 -11.05 44.03 -19.08
N ARG C 436 -10.37 43.11 -18.39
CA ARG C 436 -10.27 43.21 -16.95
C ARG C 436 -9.30 44.31 -16.53
N GLU C 437 -8.17 44.42 -17.25
CA GLU C 437 -7.17 45.43 -16.95
C GLU C 437 -7.68 46.85 -17.22
N LEU C 438 -8.38 47.03 -18.34
CA LEU C 438 -8.91 48.34 -18.72
C LEU C 438 -9.98 48.79 -17.75
N TYR C 439 -10.76 47.84 -17.21
CA TYR C 439 -11.79 48.17 -16.22
C TYR C 439 -11.19 48.68 -14.92
N CYS C 440 -10.01 48.15 -14.53
CA CYS C 440 -9.40 48.56 -13.27
C CYS C 440 -8.85 49.98 -13.31
N THR C 441 -8.19 50.35 -14.41
CA THR C 441 -7.46 51.62 -14.45
C THR C 441 -8.40 52.82 -14.52
N CYS C 442 -9.60 52.65 -15.11
CA CYS C 442 -10.55 53.74 -15.18
C CYS C 442 -11.47 53.81 -13.96
N LEU C 443 -11.69 52.68 -13.29
CA LEU C 443 -12.52 52.68 -12.08
C LEU C 443 -11.79 53.37 -10.93
N GLU C 444 -10.46 53.26 -10.89
CA GLU C 444 -9.69 53.87 -9.82
C GLU C 444 -9.68 55.39 -9.95
N LYS C 445 -9.54 55.90 -11.17
CA LYS C 445 -9.41 57.32 -11.43
C LYS C 445 -9.70 57.54 -12.91
N ASN C 446 -10.06 58.77 -13.29
CA ASN C 446 -10.24 59.15 -14.69
C ASN C 446 -8.96 58.92 -15.49
N ILE C 447 -9.10 58.30 -16.66
CA ILE C 447 -7.95 57.84 -17.41
C ILE C 447 -7.17 59.02 -18.02
N TRP C 448 -7.86 60.05 -18.50
CA TRP C 448 -7.18 61.16 -19.16
C TRP C 448 -6.46 62.04 -18.14
N ASP C 449 -6.97 62.08 -16.91
CA ASP C 449 -6.30 62.78 -15.83
C ASP C 449 -4.96 62.12 -15.51
N SER C 450 -4.88 60.79 -15.67
CA SER C 450 -3.58 60.13 -15.71
C SER C 450 -2.88 60.44 -17.03
N GLU C 451 -1.56 60.51 -16.96
CA GLU C 451 -0.77 60.85 -18.14
C GLU C 451 -0.54 59.67 -19.08
N GLU C 452 -0.90 58.46 -18.64
CA GLU C 452 -0.75 57.27 -19.47
C GLU C 452 -1.68 57.31 -20.68
N TYR C 453 -2.82 57.99 -20.56
CA TYR C 453 -3.81 58.01 -21.64
C TYR C 453 -3.39 58.92 -22.77
N ALA C 454 -2.57 59.94 -22.48
CA ALA C 454 -2.11 60.87 -23.52
C ALA C 454 -1.18 60.18 -24.52
N SER C 455 -0.33 59.26 -24.04
CA SER C 455 0.53 58.50 -24.94
C SER C 455 -0.28 57.54 -25.79
N VAL C 456 -1.40 57.05 -25.26
CA VAL C 456 -2.33 56.25 -26.05
C VAL C 456 -2.93 57.08 -27.19
N LEU C 457 -3.30 58.34 -26.90
CA LEU C 457 -3.87 59.22 -27.91
C LEU C 457 -2.87 59.55 -29.01
N GLN C 458 -1.61 59.78 -28.63
CA GLN C 458 -0.55 60.04 -29.61
C GLN C 458 -0.33 58.82 -30.50
N LEU C 459 -0.35 57.62 -29.91
CA LEU C 459 -0.24 56.39 -30.69
C LEU C 459 -1.47 56.18 -31.57
N LEU C 460 -2.67 56.51 -31.05
CA LEU C 460 -3.91 56.28 -31.79
C LEU C 460 -3.99 57.15 -33.04
N ARG C 461 -3.33 58.30 -33.03
CA ARG C 461 -3.29 59.16 -34.21
C ARG C 461 -2.56 58.49 -35.38
N MET C 462 -1.59 57.63 -35.09
CA MET C 462 -0.78 57.00 -36.14
C MET C 462 -1.33 55.61 -36.49
N LEU C 463 -2.48 55.60 -37.17
CA LEU C 463 -3.07 54.39 -37.73
C LEU C 463 -3.45 54.62 -39.18
N ALA C 464 -3.20 53.60 -40.02
CA ALA C 464 -3.46 53.70 -41.44
C ALA C 464 -4.96 53.63 -41.75
N LYS C 465 -5.30 53.75 -43.04
CA LYS C 465 -6.69 53.73 -43.49
C LYS C 465 -7.36 52.39 -43.23
N ASP C 466 -6.65 51.29 -43.52
CA ASP C 466 -7.23 49.94 -43.39
C ASP C 466 -7.57 49.60 -41.95
N GLU C 467 -6.67 49.95 -41.03
CA GLU C 467 -6.84 49.64 -39.61
C GLU C 467 -8.05 50.35 -39.03
N LEU C 468 -8.31 51.59 -39.47
CA LEU C 468 -9.48 52.33 -39.01
C LEU C 468 -10.78 51.70 -39.52
N MET C 469 -10.75 51.12 -40.72
CA MET C 469 -11.94 50.45 -41.25
C MET C 469 -12.31 49.22 -40.43
N THR C 470 -11.31 48.49 -39.91
CA THR C 470 -11.60 47.40 -38.98
C THR C 470 -12.15 47.94 -37.66
N ILE C 471 -11.55 49.02 -37.15
CA ILE C 471 -11.86 49.51 -35.81
C ILE C 471 -13.28 50.08 -35.76
N LEU C 472 -13.64 50.94 -36.71
CA LEU C 472 -14.97 51.55 -36.70
C LEU C 472 -16.06 50.60 -37.18
N GLU C 473 -15.68 49.49 -37.84
CA GLU C 473 -16.63 48.41 -38.07
C GLU C 473 -17.02 47.74 -36.76
N LYS C 474 -16.03 47.42 -35.93
CA LYS C 474 -16.32 46.77 -34.65
C LYS C 474 -17.07 47.69 -33.70
N CYS C 475 -16.71 48.97 -33.67
CA CYS C 475 -17.31 49.92 -32.74
C CYS C 475 -18.79 50.15 -33.06
N PHE C 476 -19.14 50.18 -34.35
CA PHE C 476 -20.56 50.25 -34.72
C PHE C 476 -21.28 48.96 -34.36
N LYS C 477 -20.57 47.83 -34.42
CA LYS C 477 -21.17 46.54 -34.10
C LYS C 477 -21.52 46.42 -32.61
N VAL C 478 -20.71 47.06 -31.76
CA VAL C 478 -20.95 47.06 -30.31
C VAL C 478 -22.27 47.75 -29.97
N PHE C 479 -22.55 48.87 -30.65
CA PHE C 479 -23.80 49.60 -30.41
C PHE C 479 -25.03 48.78 -30.78
N LYS C 480 -24.96 48.06 -31.91
CA LYS C 480 -26.08 47.23 -32.33
C LYS C 480 -26.28 46.05 -31.38
N SER C 481 -25.19 45.54 -30.81
CA SER C 481 -25.24 44.36 -29.94
C SER C 481 -26.07 44.59 -28.69
N TYR C 482 -25.83 45.70 -28.00
CA TYR C 482 -26.60 46.05 -26.80
C TYR C 482 -27.68 47.06 -27.19
N CYS C 483 -28.92 46.60 -27.18
CA CYS C 483 -30.08 47.38 -27.58
C CYS C 483 -30.54 48.29 -26.43
N GLU C 484 -31.57 49.11 -26.69
CA GLU C 484 -32.11 50.05 -25.67
C GLU C 484 -30.97 50.86 -25.07
N ASN C 485 -29.90 51.06 -25.84
CA ASN C 485 -28.73 51.85 -25.35
C ASN C 485 -29.12 53.33 -25.35
N HIS C 486 -28.62 54.09 -24.37
CA HIS C 486 -29.02 55.52 -24.25
C HIS C 486 -28.02 56.44 -24.95
N LEU C 487 -27.52 56.03 -26.12
CA LEU C 487 -26.55 56.85 -26.89
C LEU C 487 -26.96 56.78 -28.36
N GLY C 488 -28.04 57.48 -28.74
CA GLY C 488 -28.57 57.37 -30.12
C GLY C 488 -27.75 58.14 -31.15
N SER C 489 -27.48 59.43 -30.88
CA SER C 489 -26.76 60.27 -31.88
C SER C 489 -25.39 59.68 -32.21
N THR C 490 -24.74 59.08 -31.21
CA THR C 490 -23.39 58.48 -31.43
C THR C 490 -23.50 57.35 -32.45
N ALA C 491 -24.52 56.48 -32.35
CA ALA C 491 -24.57 55.36 -33.28
C ALA C 491 -24.69 55.87 -34.71
N LYS C 492 -25.42 56.95 -34.90
CA LYS C 492 -25.52 57.55 -36.22
C LYS C 492 -24.18 58.09 -36.71
N ARG C 493 -23.42 58.79 -35.85
CA ARG C 493 -22.21 59.44 -36.37
C ARG C 493 -21.08 58.45 -36.59
N ILE C 494 -21.07 57.33 -35.86
CA ILE C 494 -20.11 56.27 -36.19
C ILE C 494 -20.47 55.61 -37.52
N GLU C 495 -21.75 55.59 -37.88
CA GLU C 495 -22.14 55.10 -39.19
C GLU C 495 -21.87 56.14 -40.28
N GLU C 496 -21.97 57.44 -39.94
CA GLU C 496 -21.60 58.51 -40.86
C GLU C 496 -20.12 58.49 -41.21
N PHE C 497 -19.25 58.26 -40.21
CA PHE C 497 -17.83 58.12 -40.49
C PHE C 497 -17.55 56.89 -41.35
N LEU C 498 -18.30 55.81 -41.14
CA LEU C 498 -18.23 54.68 -42.05
C LEU C 498 -18.83 55.01 -43.42
N ALA C 499 -19.83 55.91 -43.45
CA ALA C 499 -20.44 56.31 -44.71
C ALA C 499 -19.50 57.14 -45.56
N GLN C 500 -18.60 57.92 -44.92
CA GLN C 500 -17.63 58.74 -45.64
C GLN C 500 -16.69 57.91 -46.52
N PHE C 501 -16.37 56.68 -46.12
CA PHE C 501 -15.49 55.83 -46.92
C PHE C 501 -16.33 55.04 -47.92
N LYS C 548 -6.71 63.97 -48.43
CA LYS C 548 -7.11 64.63 -47.20
C LYS C 548 -7.54 63.62 -46.13
N PHE C 549 -6.79 62.52 -46.02
CA PHE C 549 -7.08 61.53 -44.98
C PHE C 549 -6.73 62.06 -43.59
N GLU C 550 -5.65 62.85 -43.48
CA GLU C 550 -5.11 63.20 -42.17
C GLU C 550 -6.03 64.15 -41.40
N VAL C 551 -6.78 64.99 -42.10
CA VAL C 551 -7.65 65.94 -41.41
C VAL C 551 -8.92 65.25 -40.87
N LEU C 552 -9.46 64.28 -41.61
CA LEU C 552 -10.64 63.57 -41.12
C LEU C 552 -10.25 62.56 -40.04
N ARG C 553 -9.01 62.05 -40.10
CA ARG C 553 -8.52 61.11 -39.10
C ARG C 553 -8.44 61.74 -37.72
N GLU C 554 -8.07 63.02 -37.65
CA GLU C 554 -7.99 63.70 -36.37
C GLU C 554 -9.37 63.88 -35.76
N ASN C 555 -10.41 64.03 -36.59
CA ASN C 555 -11.78 63.94 -36.10
C ASN C 555 -12.07 62.56 -35.54
N VAL C 556 -11.60 61.51 -36.23
CA VAL C 556 -11.78 60.14 -35.78
C VAL C 556 -11.03 59.90 -34.47
N VAL C 557 -9.85 60.53 -34.33
CA VAL C 557 -9.18 60.50 -33.03
C VAL C 557 -9.97 61.30 -32.01
N ASN C 558 -10.40 62.52 -32.37
CA ASN C 558 -11.14 63.36 -31.42
C ASN C 558 -12.58 62.90 -31.23
N PHE C 559 -13.03 61.91 -32.02
CA PHE C 559 -14.21 61.12 -31.65
C PHE C 559 -14.11 60.49 -30.27
N ILE C 560 -13.01 59.81 -29.96
CA ILE C 560 -13.08 58.93 -28.80
C ILE C 560 -12.81 59.70 -27.51
N ASP C 561 -11.99 60.77 -27.57
CA ASP C 561 -11.59 61.50 -26.37
C ASP C 561 -12.76 62.22 -25.70
N CYS C 562 -13.62 62.86 -26.51
CA CYS C 562 -14.77 63.56 -25.96
C CYS C 562 -15.80 62.57 -25.40
N LEU C 563 -15.94 61.42 -26.06
CA LEU C 563 -16.92 60.43 -25.65
C LEU C 563 -16.61 59.86 -24.27
N VAL C 564 -15.35 59.52 -24.01
CA VAL C 564 -14.99 58.91 -22.73
C VAL C 564 -15.01 59.95 -21.62
N ARG C 565 -14.77 61.22 -21.96
CA ARG C 565 -14.86 62.27 -20.94
C ARG C 565 -16.30 62.48 -20.49
N GLU C 566 -17.26 62.32 -21.40
CA GLU C 566 -18.68 62.33 -21.04
C GLU C 566 -19.05 61.17 -20.13
N TYR C 567 -18.63 59.95 -20.46
CA TYR C 567 -19.22 58.78 -19.83
C TYR C 567 -18.29 58.04 -18.86
N LEU C 568 -17.00 57.92 -19.16
CA LEU C 568 -16.10 57.31 -18.18
C LEU C 568 -15.82 58.29 -17.04
N LEU C 569 -16.28 57.96 -15.85
CA LEU C 569 -16.05 58.77 -14.66
C LEU C 569 -16.18 57.85 -13.45
N PRO C 570 -15.32 58.00 -12.44
CA PRO C 570 -15.37 57.09 -11.29
C PRO C 570 -16.57 57.34 -10.42
N PRO C 571 -17.22 56.27 -9.94
CA PRO C 571 -18.56 56.42 -9.32
C PRO C 571 -18.55 57.00 -7.92
N GLU C 572 -17.39 57.32 -7.34
CA GLU C 572 -17.37 58.05 -6.08
C GLU C 572 -17.85 59.49 -6.23
N THR C 573 -17.86 60.01 -7.46
CA THR C 573 -18.36 61.34 -7.78
C THR C 573 -19.78 61.30 -8.32
N GLN C 574 -20.60 60.39 -7.80
CA GLN C 574 -22.02 60.27 -8.13
C GLN C 574 -22.82 60.04 -6.86
N PRO C 575 -23.93 60.77 -6.67
CA PRO C 575 -24.70 60.63 -5.44
C PRO C 575 -25.56 59.37 -5.42
N LEU C 576 -25.79 58.87 -4.20
CA LEU C 576 -26.42 57.58 -3.91
C LEU C 576 -25.71 56.41 -4.58
N HIS C 577 -24.39 56.52 -4.76
CA HIS C 577 -23.63 55.41 -5.32
C HIS C 577 -23.51 54.26 -4.34
N GLU C 578 -23.57 54.55 -3.03
CA GLU C 578 -23.36 53.54 -2.00
C GLU C 578 -24.47 52.49 -1.97
N VAL C 579 -25.62 52.77 -2.59
CA VAL C 579 -26.75 51.84 -2.54
C VAL C 579 -26.44 50.55 -3.30
N VAL C 580 -25.55 50.62 -4.29
CA VAL C 580 -25.15 49.42 -5.02
C VAL C 580 -23.65 49.20 -4.99
N TYR C 581 -22.93 49.81 -4.04
CA TYR C 581 -21.48 49.72 -4.05
C TYR C 581 -20.98 49.29 -2.67
N PHE C 582 -19.83 48.63 -2.66
CA PHE C 582 -19.23 48.12 -1.44
C PHE C 582 -17.72 48.36 -1.45
N SER C 583 -17.23 49.09 -0.44
CA SER C 583 -15.78 49.33 -0.27
C SER C 583 -15.39 49.03 1.19
N ALA C 584 -15.08 47.75 1.45
CA ALA C 584 -14.44 47.32 2.69
C ALA C 584 -13.27 46.43 2.31
N ALA C 585 -12.12 47.05 2.05
CA ALA C 585 -11.00 46.36 1.42
C ALA C 585 -10.32 45.38 2.37
N HIS C 586 -10.04 45.82 3.61
CA HIS C 586 -9.36 44.95 4.55
C HIS C 586 -10.29 43.84 5.04
N ALA C 587 -11.59 44.12 5.07
CA ALA C 587 -12.58 43.15 5.52
C ALA C 587 -12.63 41.95 4.59
N LEU C 588 -12.63 42.19 3.29
CA LEU C 588 -12.61 41.06 2.35
C LEU C 588 -11.23 40.42 2.28
N ARG C 589 -10.16 41.21 2.41
CA ARG C 589 -8.81 40.70 2.19
C ARG C 589 -8.41 39.68 3.25
N GLU C 590 -8.60 40.02 4.53
CA GLU C 590 -8.13 39.15 5.60
C GLU C 590 -8.96 37.87 5.68
N HIS C 591 -10.25 37.95 5.33
CA HIS C 591 -11.14 36.80 5.43
C HIS C 591 -10.72 35.70 4.45
N LEU C 592 -10.31 36.11 3.25
CA LEU C 592 -9.88 35.13 2.25
C LEU C 592 -8.49 34.60 2.57
N ASN C 593 -7.50 35.48 2.67
CA ASN C 593 -6.15 35.11 3.09
C ASN C 593 -5.63 36.04 4.17
N ALA C 594 -5.27 35.48 5.30
CA ALA C 594 -4.58 36.21 6.35
C ALA C 594 -3.30 35.49 6.72
N ALA C 595 -2.59 36.05 7.70
CA ALA C 595 -1.24 35.63 8.04
C ALA C 595 -1.16 35.32 9.53
N PRO C 596 -1.33 34.06 9.92
CA PRO C 596 -1.25 33.71 11.36
C PRO C 596 0.12 33.95 11.98
N ARG C 597 1.19 33.82 11.19
CA ARG C 597 2.54 33.88 11.76
C ARG C 597 2.90 35.30 12.20
N ILE C 598 2.46 36.32 11.44
CA ILE C 598 2.73 37.69 11.87
C ILE C 598 1.81 38.06 13.02
N ALA C 599 0.64 37.41 13.13
CA ALA C 599 -0.20 37.57 14.31
C ALA C 599 0.48 37.00 15.55
N LEU C 600 1.24 35.93 15.36
CA LEU C 600 2.12 35.43 16.41
C LEU C 600 3.32 36.35 16.61
N HIS C 601 3.89 36.88 15.52
CA HIS C 601 5.18 37.58 15.64
C HIS C 601 4.98 38.98 16.23
N THR C 602 3.89 39.67 15.85
CA THR C 602 3.65 41.01 16.36
C THR C 602 3.29 40.97 17.84
N ALA C 603 2.43 40.02 18.24
CA ALA C 603 1.85 40.03 19.59
C ALA C 603 2.90 39.72 20.65
N LEU C 604 3.81 38.78 20.38
CA LEU C 604 4.86 38.44 21.33
C LEU C 604 5.87 39.57 21.48
N ASN C 605 6.29 40.18 20.38
CA ASN C 605 7.26 41.27 20.47
C ASN C 605 6.63 42.55 21.02
N ASN C 606 5.33 42.73 20.86
CA ASN C 606 4.64 43.94 21.31
C ASN C 606 3.39 43.58 22.10
N PRO C 607 3.50 43.44 23.42
CA PRO C 607 2.29 43.25 24.25
C PRO C 607 1.34 44.44 24.24
N TYR C 608 1.87 45.65 24.04
CA TYR C 608 1.11 46.89 24.22
C TYR C 608 -0.05 47.03 23.23
N TYR C 609 0.06 46.44 22.05
CA TYR C 609 -0.84 46.81 20.96
C TYR C 609 -2.26 46.29 21.21
N TYR C 610 -2.39 45.13 21.85
CA TYR C 610 -3.71 44.63 22.22
C TYR C 610 -4.03 44.82 23.70
N LEU C 611 -3.09 45.32 24.49
CA LEU C 611 -3.41 45.85 25.82
C LEU C 611 -2.86 47.27 25.89
N LYS C 612 -3.64 48.25 25.43
CA LYS C 612 -3.16 49.63 25.33
C LYS C 612 -3.22 50.27 26.72
N ASN C 613 -2.27 49.86 27.56
CA ASN C 613 -2.24 50.27 28.96
C ASN C 613 -0.79 50.54 29.35
N GLU C 614 -0.02 51.13 28.41
CA GLU C 614 1.43 51.39 28.53
C GLU C 614 2.24 50.13 28.85
N ALA C 615 1.90 49.02 28.19
CA ALA C 615 2.60 47.76 28.43
C ALA C 615 3.97 47.72 27.76
N LEU C 616 4.21 48.57 26.77
CA LEU C 616 5.50 48.67 26.10
C LEU C 616 5.54 49.95 25.30
N LYS C 617 6.71 50.56 25.23
CA LYS C 617 6.90 51.75 24.40
C LYS C 617 7.95 51.56 23.32
N SER C 618 9.11 50.99 23.67
CA SER C 618 10.14 50.69 22.67
C SER C 618 10.18 49.19 22.35
N ASN C 625 10.51 43.66 30.71
CA ASN C 625 10.31 42.91 31.95
C ASN C 625 8.84 42.51 32.13
N ILE C 626 7.97 43.51 32.30
CA ILE C 626 6.57 43.28 32.62
C ILE C 626 5.86 42.88 31.33
N ALA C 627 5.44 41.64 31.28
CA ALA C 627 4.81 41.02 30.12
C ALA C 627 4.12 39.76 30.59
N PRO C 628 3.18 39.18 29.84
CA PRO C 628 2.71 37.83 30.20
C PRO C 628 3.80 36.79 29.98
N ASP C 629 3.54 35.60 30.54
CA ASP C 629 4.58 34.60 30.76
C ASP C 629 5.17 34.08 29.45
N ILE C 630 4.34 33.94 28.40
CA ILE C 630 4.87 33.57 27.11
C ILE C 630 5.63 34.72 26.46
N CYS C 631 5.38 35.97 26.86
CA CYS C 631 6.04 37.10 26.23
C CYS C 631 7.41 37.41 26.83
N ILE C 632 7.77 36.78 27.94
CA ILE C 632 9.11 36.97 28.50
C ILE C 632 10.08 35.92 27.96
N ALA C 633 9.68 34.65 27.99
CA ALA C 633 10.56 33.57 27.55
C ALA C 633 10.83 33.63 26.04
N TYR C 634 9.86 34.14 25.26
CA TYR C 634 10.04 34.31 23.83
C TYR C 634 11.16 35.30 23.54
N LYS C 635 11.07 36.50 24.13
CA LYS C 635 11.99 37.58 23.78
C LYS C 635 13.38 37.34 24.35
N LEU C 636 13.50 36.44 25.32
CA LEU C 636 14.81 36.06 25.83
C LEU C 636 15.61 35.31 24.76
N HIS C 637 14.99 34.29 24.17
CA HIS C 637 15.68 33.48 23.17
C HIS C 637 15.81 34.21 21.84
N LEU C 638 14.77 34.94 21.45
CA LEU C 638 14.81 35.74 20.22
C LEU C 638 13.96 37.00 20.38
N ILE C 644 20.35 27.42 23.81
CA ILE C 644 19.10 27.61 24.54
C ILE C 644 18.99 26.47 25.58
N ASN C 645 20.12 26.21 26.23
CA ASN C 645 20.19 25.23 27.31
C ASN C 645 19.28 25.63 28.46
N LEU C 646 18.48 24.66 28.93
CA LEU C 646 17.29 24.98 29.71
C LEU C 646 17.64 25.45 31.12
N VAL C 647 18.79 25.01 31.66
CA VAL C 647 19.20 25.46 32.98
C VAL C 647 19.51 26.95 32.97
N ASP C 648 20.30 27.40 31.99
CA ASP C 648 20.59 28.83 31.86
C ASP C 648 19.37 29.62 31.40
N TRP C 649 18.51 29.00 30.60
CA TRP C 649 17.30 29.69 30.14
C TRP C 649 16.34 29.90 31.30
N SER C 650 16.33 28.98 32.27
CA SER C 650 15.57 29.17 33.50
C SER C 650 16.10 30.33 34.33
N GLU C 651 17.42 30.49 34.38
CA GLU C 651 18.03 31.59 35.14
C GLU C 651 17.67 32.95 34.56
N ALA C 652 17.69 33.08 33.23
CA ALA C 652 17.43 34.35 32.57
C ALA C 652 15.98 34.78 32.79
N PHE C 653 15.05 33.83 32.75
CA PHE C 653 13.66 34.11 33.12
C PHE C 653 13.56 34.50 34.59
N ALA C 654 14.30 33.80 35.45
CA ALA C 654 14.31 34.11 36.88
C ALA C 654 14.91 35.48 37.14
N THR C 655 15.84 35.91 36.29
CA THR C 655 16.37 37.28 36.35
C THR C 655 15.29 38.30 36.02
N VAL C 656 14.53 38.07 34.94
CA VAL C 656 13.63 39.09 34.42
C VAL C 656 12.37 39.19 35.27
N VAL C 657 11.73 38.05 35.58
CA VAL C 657 10.39 38.08 36.16
C VAL C 657 10.43 38.51 37.63
N THR C 658 11.52 38.25 38.34
CA THR C 658 11.66 38.77 39.69
C THR C 658 11.87 40.28 39.70
N ALA C 659 12.60 40.79 38.70
CA ALA C 659 12.76 42.23 38.56
C ALA C 659 11.43 42.90 38.27
N ALA C 660 10.60 42.28 37.42
CA ALA C 660 9.32 42.87 37.05
C ALA C 660 8.34 42.88 38.24
N GLU C 661 8.19 41.75 38.91
CA GLU C 661 7.34 41.66 40.08
C GLU C 661 8.14 41.89 41.35
N MET C 673 11.03 31.77 50.24
CA MET C 673 10.93 30.43 49.68
C MET C 673 9.60 30.33 48.95
N ASN C 674 9.61 30.67 47.65
CA ASN C 674 8.39 30.69 46.85
C ASN C 674 8.33 29.54 45.82
N GLU C 675 9.30 29.51 44.90
CA GLU C 675 9.40 28.71 43.66
C GLU C 675 8.30 29.11 42.67
N ILE C 676 7.70 30.29 42.83
CA ILE C 676 6.68 30.78 41.91
C ILE C 676 7.31 31.07 40.54
N ILE C 677 8.54 31.60 40.55
CA ILE C 677 9.21 31.99 39.32
C ILE C 677 9.64 30.77 38.51
N HIS C 678 10.05 29.68 39.18
CA HIS C 678 10.55 28.51 38.44
C HIS C 678 9.41 27.76 37.77
N ALA C 679 8.26 27.68 38.45
CA ALA C 679 7.12 26.98 37.87
C ALA C 679 6.52 27.76 36.70
N ARG C 680 6.64 29.09 36.74
CA ARG C 680 6.27 29.90 35.57
C ARG C 680 7.15 29.59 34.38
N PHE C 681 8.44 29.33 34.62
CA PHE C 681 9.34 28.97 33.52
C PHE C 681 8.98 27.60 32.96
N ILE C 682 8.46 26.70 33.82
CA ILE C 682 8.00 25.40 33.35
C ILE C 682 6.79 25.52 32.44
N ARG C 683 5.79 26.34 32.83
CA ARG C 683 4.60 26.43 32.01
C ARG C 683 4.82 27.23 30.73
N ALA C 684 5.53 28.34 30.81
CA ALA C 684 5.69 29.26 29.68
C ALA C 684 6.82 28.88 28.74
N VAL C 685 7.36 27.67 28.86
CA VAL C 685 8.18 27.04 27.84
C VAL C 685 7.46 25.84 27.24
N SER C 686 6.75 25.08 28.08
CA SER C 686 5.83 24.08 27.58
C SER C 686 4.67 24.71 26.81
N GLU C 687 4.27 25.95 27.15
CA GLU C 687 3.41 26.68 26.22
C GLU C 687 4.12 26.95 24.92
N LEU C 688 5.42 27.28 24.98
CA LEU C 688 6.14 27.65 23.77
C LEU C 688 6.45 26.44 22.90
N GLU C 689 6.76 25.28 23.49
CA GLU C 689 7.00 24.09 22.67
C GLU C 689 5.73 23.53 22.07
N LEU C 690 4.57 23.85 22.65
CA LEU C 690 3.31 23.56 21.98
C LEU C 690 3.18 24.42 20.72
N LEU C 691 3.66 25.64 20.76
CA LEU C 691 3.75 26.44 19.56
C LEU C 691 4.96 26.00 18.74
N GLY C 692 5.02 26.48 17.51
CA GLY C 692 6.03 26.01 16.58
C GLY C 692 7.42 26.58 16.78
N PHE C 693 7.97 26.47 17.98
CA PHE C 693 9.25 27.07 18.29
C PHE C 693 10.29 26.11 18.84
N ILE C 694 9.90 25.15 19.68
CA ILE C 694 10.85 24.39 20.50
C ILE C 694 10.70 22.89 20.22
N LYS C 695 11.82 22.25 19.90
CA LYS C 695 11.94 20.80 19.72
C LYS C 695 13.21 20.37 20.45
N PRO C 696 13.11 19.46 21.43
CA PRO C 696 14.30 19.07 22.19
C PRO C 696 15.26 18.19 21.38
N THR C 697 16.54 18.29 21.76
CA THR C 697 17.63 17.66 21.04
C THR C 697 18.67 17.12 22.03
N LYS C 698 19.60 16.31 21.50
CA LYS C 698 20.56 15.59 22.32
C LYS C 698 22.00 16.10 22.20
N GLN C 699 22.28 17.09 21.35
CA GLN C 699 23.63 17.66 21.32
C GLN C 699 23.95 18.39 22.63
N LYS C 700 22.96 19.07 23.19
CA LYS C 700 23.00 19.66 24.53
C LYS C 700 21.75 19.22 25.27
N THR C 701 21.52 19.82 26.44
CA THR C 701 20.23 19.62 27.10
C THR C 701 19.09 20.24 26.29
N ASP C 702 19.37 21.34 25.58
CA ASP C 702 18.48 21.89 24.56
C ASP C 702 19.30 22.80 23.66
N HIS C 703 19.13 22.63 22.35
CA HIS C 703 19.72 23.55 21.38
C HIS C 703 18.83 23.51 20.14
N VAL C 704 17.99 24.52 19.98
CA VAL C 704 17.02 24.57 18.91
C VAL C 704 16.69 26.03 18.63
N ALA C 705 16.52 26.35 17.35
CA ALA C 705 16.07 27.69 16.93
C ALA C 705 15.29 27.50 15.63
N ARG C 706 13.96 27.41 15.76
CA ARG C 706 13.08 27.18 14.63
C ARG C 706 12.42 28.43 14.09
N LEU C 707 12.67 29.60 14.67
CA LEU C 707 12.08 30.84 14.13
C LEU C 707 13.02 31.45 13.11
N THR C 708 14.21 31.89 13.56
CA THR C 708 15.30 32.46 12.73
C THR C 708 14.82 33.54 11.76
N TRP C 709 13.86 34.35 12.20
CA TRP C 709 13.21 35.34 11.33
C TRP C 709 12.59 36.49 12.12
N LEU D 17 10.02 -49.29 -26.23
CA LEU D 17 8.82 -50.10 -26.04
C LEU D 17 7.84 -49.39 -25.14
N SER D 18 6.56 -49.77 -25.24
CA SER D 18 5.51 -49.09 -24.49
C SER D 18 5.58 -49.43 -23.00
N GLN D 19 5.73 -50.71 -22.66
CA GLN D 19 5.60 -51.13 -21.28
C GLN D 19 6.81 -50.73 -20.45
N VAL D 20 8.00 -50.68 -21.07
CA VAL D 20 9.20 -50.22 -20.39
C VAL D 20 9.07 -48.75 -20.02
N GLN D 21 8.58 -47.93 -20.96
CA GLN D 21 8.32 -46.51 -20.69
C GLN D 21 7.26 -46.37 -19.60
N ARG D 22 6.25 -47.25 -19.59
CA ARG D 22 5.19 -47.20 -18.58
C ARG D 22 5.75 -47.49 -17.18
N ILE D 23 6.55 -48.55 -17.05
CA ILE D 23 7.06 -48.95 -15.73
C ILE D 23 8.06 -47.94 -15.19
N LEU D 24 9.03 -47.49 -16.00
CA LEU D 24 9.96 -46.52 -15.42
C LEU D 24 9.45 -45.09 -15.38
N ARG D 25 8.35 -44.76 -16.10
CA ARG D 25 7.75 -43.47 -15.83
C ARG D 25 6.93 -43.50 -14.55
N GLU D 26 6.33 -44.65 -14.22
CA GLU D 26 5.73 -44.77 -12.89
C GLU D 26 6.80 -44.81 -11.80
N ARG D 27 7.95 -45.42 -12.07
CA ARG D 27 9.00 -45.51 -11.05
C ARG D 27 9.63 -44.14 -10.77
N PHE D 28 9.99 -43.40 -11.82
CA PHE D 28 10.76 -42.19 -11.55
C PHE D 28 9.91 -40.94 -11.34
N CYS D 29 8.82 -40.77 -12.08
CA CYS D 29 7.99 -39.59 -11.88
C CYS D 29 7.02 -39.77 -10.71
N ARG D 30 5.96 -40.56 -10.89
CA ARG D 30 4.95 -40.72 -9.86
C ARG D 30 5.41 -41.79 -8.87
N GLN D 31 6.39 -41.38 -8.05
CA GLN D 31 7.20 -42.20 -7.14
C GLN D 31 6.36 -43.20 -6.34
N SER D 32 6.71 -44.46 -6.47
CA SER D 32 5.80 -45.58 -6.23
C SER D 32 6.47 -46.56 -5.28
N PRO D 33 5.69 -47.37 -4.58
CA PRO D 33 6.27 -48.42 -3.74
C PRO D 33 7.06 -49.45 -4.54
N HIS D 34 8.35 -49.58 -4.21
CA HIS D 34 9.20 -50.61 -4.76
C HIS D 34 10.02 -51.21 -3.62
N SER D 35 10.44 -52.47 -3.82
CA SER D 35 10.92 -53.31 -2.71
C SER D 35 12.27 -52.85 -2.18
N ASN D 36 13.08 -52.18 -3.00
CA ASN D 36 14.48 -51.92 -2.65
C ASN D 36 14.64 -50.83 -1.60
N LEU D 37 15.42 -51.14 -0.56
CA LEU D 37 15.81 -50.18 0.47
C LEU D 37 17.33 -50.19 0.60
N PHE D 38 17.96 -49.03 0.44
CA PHE D 38 19.40 -48.91 0.58
C PHE D 38 19.74 -48.14 1.85
N GLY D 39 20.44 -48.81 2.78
CA GLY D 39 20.99 -48.18 3.97
C GLY D 39 20.02 -47.56 4.95
N VAL D 40 18.82 -48.11 5.07
CA VAL D 40 17.80 -47.64 6.01
C VAL D 40 17.22 -48.78 6.84
N GLN D 41 18.01 -49.83 7.09
CA GLN D 41 17.47 -51.08 7.64
C GLN D 41 17.12 -50.97 9.12
N VAL D 42 18.04 -50.42 9.94
CA VAL D 42 17.78 -50.27 11.38
C VAL D 42 16.68 -49.23 11.61
N GLN D 43 16.64 -48.21 10.75
CA GLN D 43 15.56 -47.23 10.75
C GLN D 43 14.21 -47.87 10.45
N TYR D 44 14.18 -48.78 9.46
CA TYR D 44 12.98 -49.54 9.13
C TYR D 44 12.59 -50.46 10.27
N LYS D 45 13.59 -50.99 10.97
CA LYS D 45 13.33 -51.87 12.11
C LYS D 45 12.69 -51.12 13.26
N HIS D 46 13.23 -49.95 13.60
CA HIS D 46 12.68 -49.15 14.69
C HIS D 46 11.26 -48.68 14.38
N LEU D 47 11.01 -48.24 13.14
CA LEU D 47 9.67 -47.82 12.78
C LEU D 47 8.69 -48.99 12.78
N SER D 48 9.11 -50.14 12.23
CA SER D 48 8.23 -51.31 12.17
C SER D 48 7.91 -51.85 13.55
N GLU D 49 8.93 -51.94 14.41
CA GLU D 49 8.71 -52.42 15.80
C GLU D 49 7.74 -51.47 16.50
N LEU D 50 7.84 -50.17 16.17
CA LEU D 50 6.96 -49.17 16.85
C LEU D 50 5.53 -49.35 16.35
N LEU D 51 5.31 -49.33 15.04
CA LEU D 51 3.91 -49.41 14.58
C LEU D 51 3.34 -50.77 14.97
N LYS D 52 4.18 -51.82 15.04
CA LYS D 52 3.65 -53.13 15.48
C LYS D 52 3.24 -53.02 16.95
N ARG D 53 4.04 -52.32 17.76
CA ARG D 53 3.74 -52.23 19.19
C ARG D 53 2.50 -51.38 19.42
N THR D 54 2.37 -50.29 18.67
CA THR D 54 1.21 -49.42 18.79
C THR D 54 -0.05 -50.05 18.18
N ALA D 55 0.08 -50.81 17.10
CA ALA D 55 -1.08 -51.38 16.43
C ALA D 55 -1.62 -52.59 17.19
N LEU D 56 -0.76 -53.36 17.83
CA LEU D 56 -1.24 -54.54 18.55
C LEU D 56 -1.61 -54.24 20.01
N HIS D 57 -0.76 -53.51 20.71
CA HIS D 57 -0.99 -53.25 22.14
C HIS D 57 -1.75 -51.94 22.31
N GLY D 58 -1.89 -51.50 23.55
CA GLY D 58 -2.51 -50.22 23.82
C GLY D 58 -1.46 -49.12 23.97
N GLU D 59 -0.23 -49.47 23.61
CA GLU D 59 0.89 -48.55 23.72
C GLU D 59 0.78 -47.44 22.68
N SER D 60 1.29 -46.27 23.02
CA SER D 60 1.33 -45.13 22.12
C SER D 60 2.73 -44.55 22.08
N ASN D 61 3.20 -44.22 20.88
CA ASN D 61 4.52 -43.63 20.71
C ASN D 61 4.45 -42.50 19.69
N SER D 62 5.46 -41.63 19.73
CA SER D 62 5.56 -40.50 18.83
C SER D 62 6.94 -40.44 18.18
N VAL D 63 6.99 -40.03 16.92
CA VAL D 63 8.20 -40.08 16.10
C VAL D 63 8.38 -38.74 15.40
N LEU D 64 9.64 -38.27 15.33
CA LEU D 64 10.05 -37.22 14.39
C LEU D 64 11.23 -37.76 13.58
N ILE D 65 10.97 -38.12 12.32
CA ILE D 65 12.03 -38.68 11.46
C ILE D 65 13.04 -37.62 11.04
N GLY D 67 15.55 -35.97 8.28
CA GLY D 67 15.96 -36.27 6.92
C GLY D 67 15.67 -35.16 5.93
N PRO D 68 16.66 -34.78 5.13
CA PRO D 68 16.47 -33.71 4.15
C PRO D 68 15.60 -34.16 2.99
N ARG D 69 15.43 -33.24 2.03
CA ARG D 69 14.45 -33.41 0.97
C ARG D 69 14.89 -34.50 -0.01
N GLY D 70 13.94 -35.34 -0.41
CA GLY D 70 14.23 -36.43 -1.33
C GLY D 70 14.94 -37.61 -0.71
N SER D 71 14.81 -37.82 0.60
CA SER D 71 15.52 -38.88 1.30
C SER D 71 14.65 -40.09 1.59
N GLY D 72 13.50 -40.20 0.95
CA GLY D 72 12.72 -41.42 1.07
C GLY D 72 11.87 -41.54 2.32
N LYS D 73 11.37 -40.42 2.85
CA LYS D 73 10.50 -40.49 4.02
C LYS D 73 9.16 -41.12 3.69
N THR D 74 8.52 -40.68 2.60
CA THR D 74 7.23 -41.26 2.24
C THR D 74 7.38 -42.66 1.65
N MET D 75 8.59 -43.00 1.20
CA MET D 75 8.88 -44.35 0.72
C MET D 75 8.78 -45.37 1.85
N LEU D 76 9.39 -45.06 3.00
CA LEU D 76 9.65 -46.08 4.00
C LEU D 76 8.40 -46.43 4.80
N ILE D 77 7.54 -45.45 5.05
CA ILE D 77 6.31 -45.68 5.82
C ILE D 77 5.28 -46.46 5.02
N ASN D 78 5.20 -46.19 3.72
CA ASN D 78 4.20 -46.83 2.86
C ASN D 78 4.46 -48.33 2.73
N HIS D 79 5.74 -48.72 2.65
CA HIS D 79 6.11 -50.13 2.64
C HIS D 79 5.75 -50.78 3.96
N ALA D 80 6.01 -50.08 5.07
CA ALA D 80 5.76 -50.64 6.40
C ALA D 80 4.27 -50.87 6.65
N LEU D 81 3.42 -49.91 6.28
CA LEU D 81 1.98 -50.09 6.42
C LEU D 81 1.46 -51.14 5.46
N LYS D 82 2.05 -51.22 4.25
CA LYS D 82 1.73 -52.31 3.33
C LYS D 82 2.08 -53.67 3.94
N GLU D 83 3.28 -53.76 4.51
CA GLU D 83 3.74 -54.99 5.13
C GLU D 83 2.90 -55.34 6.35
N LEU D 84 2.51 -54.34 7.13
CA LEU D 84 1.61 -54.55 8.26
C LEU D 84 0.23 -55.02 7.81
N MET D 85 -0.30 -54.41 6.74
CA MET D 85 -1.67 -54.68 6.30
C MET D 85 -1.86 -56.11 5.79
N GLU D 86 -0.79 -56.76 5.32
CA GLU D 86 -0.90 -58.15 4.87
C GLU D 86 -1.27 -59.11 5.99
N ILE D 87 -0.98 -58.74 7.24
CA ILE D 87 -1.47 -59.51 8.38
C ILE D 87 -2.98 -59.45 8.41
N GLU D 88 -3.62 -60.62 8.43
CA GLU D 88 -5.07 -60.73 8.29
C GLU D 88 -5.81 -60.10 9.47
N GLU D 89 -5.29 -60.25 10.69
CA GLU D 89 -5.92 -59.64 11.86
C GLU D 89 -5.80 -58.13 11.84
N VAL D 90 -4.70 -57.60 11.30
CA VAL D 90 -4.49 -56.16 11.26
C VAL D 90 -5.48 -55.49 10.32
N SER D 91 -5.63 -56.05 9.10
CA SER D 91 -6.36 -55.38 8.02
C SER D 91 -7.84 -55.21 8.34
N GLU D 92 -8.41 -56.10 9.16
CA GLU D 92 -9.80 -55.98 9.57
C GLU D 92 -10.02 -54.77 10.48
N ASN D 93 -9.07 -54.48 11.38
CA ASN D 93 -9.30 -53.58 12.51
C ASN D 93 -8.20 -52.52 12.61
N VAL D 94 -7.92 -51.82 11.51
CA VAL D 94 -7.07 -50.63 11.59
C VAL D 94 -7.62 -49.58 10.64
N LEU D 95 -7.58 -48.32 11.07
CA LEU D 95 -8.06 -47.18 10.31
C LEU D 95 -6.92 -46.18 10.17
N GLN D 96 -6.73 -45.64 8.97
CA GLN D 96 -5.65 -44.71 8.71
C GLN D 96 -6.20 -43.32 8.43
N VAL D 97 -5.43 -42.30 8.81
CA VAL D 97 -5.74 -40.90 8.56
C VAL D 97 -4.47 -40.21 8.11
N HIS D 98 -4.47 -39.67 6.89
CA HIS D 98 -3.36 -38.87 6.39
C HIS D 98 -3.70 -37.38 6.47
N LEU D 99 -2.74 -36.59 6.93
CA LEU D 99 -2.83 -35.14 6.96
C LEU D 99 -1.51 -34.58 6.48
N ASN D 100 -1.55 -33.65 5.53
CA ASN D 100 -0.35 -33.01 5.02
C ASN D 100 -0.26 -31.60 5.57
N GLY D 101 0.97 -31.14 5.82
CA GLY D 101 1.17 -29.81 6.36
C GLY D 101 1.04 -28.69 5.35
N LEU D 102 0.93 -28.99 4.06
CA LEU D 102 0.74 -27.96 3.05
C LEU D 102 -0.74 -27.71 2.75
N LEU D 103 -1.55 -28.76 2.76
CA LEU D 103 -2.99 -28.60 2.56
C LEU D 103 -3.63 -27.89 3.75
N GLN D 104 -3.63 -28.53 4.92
CA GLN D 104 -4.40 -28.07 6.07
C GLN D 104 -3.53 -27.13 6.90
N ILE D 105 -3.72 -25.82 6.73
CA ILE D 105 -2.91 -24.84 7.44
C ILE D 105 -3.58 -24.34 8.73
N ASN D 106 -4.78 -24.83 9.04
CA ASN D 106 -5.48 -24.44 10.26
C ASN D 106 -6.00 -25.69 10.94
N ASP D 107 -6.30 -25.57 12.23
CA ASP D 107 -6.86 -26.71 12.94
C ASP D 107 -8.32 -26.96 12.59
N LYS D 108 -9.05 -25.91 12.20
CA LYS D 108 -10.43 -26.08 11.76
C LYS D 108 -10.52 -26.88 10.47
N ILE D 109 -9.62 -26.59 9.52
CA ILE D 109 -9.52 -27.41 8.32
C ILE D 109 -9.02 -28.81 8.69
N ALA D 110 -8.08 -28.90 9.64
CA ALA D 110 -7.52 -30.18 10.04
C ALA D 110 -8.55 -31.05 10.76
N LEU D 111 -9.39 -30.46 11.61
CA LEU D 111 -10.39 -31.24 12.34
C LEU D 111 -11.45 -31.81 11.41
N LYS D 112 -11.79 -31.08 10.34
CA LYS D 112 -12.79 -31.56 9.39
C LYS D 112 -12.29 -32.81 8.64
N GLU D 113 -11.00 -32.84 8.32
CA GLU D 113 -10.42 -33.98 7.61
C GLU D 113 -10.49 -35.26 8.43
N ILE D 114 -10.29 -35.16 9.75
CA ILE D 114 -10.29 -36.34 10.61
C ILE D 114 -11.68 -36.98 10.67
N THR D 115 -12.73 -36.14 10.73
CA THR D 115 -14.09 -36.68 10.69
C THR D 115 -14.41 -37.29 9.33
N ARG D 116 -13.88 -36.70 8.25
CA ARG D 116 -14.15 -37.26 6.93
C ARG D 116 -13.38 -38.56 6.69
N GLN D 117 -12.09 -38.59 7.03
CA GLN D 117 -11.28 -39.75 6.67
C GLN D 117 -11.59 -40.97 7.54
N LEU D 118 -12.07 -40.75 8.76
CA LEU D 118 -12.54 -41.85 9.58
C LEU D 118 -13.97 -42.29 9.26
N ASN D 119 -14.58 -41.74 8.20
CA ASN D 119 -15.93 -42.06 7.73
C ASN D 119 -16.99 -41.80 8.79
N LEU D 120 -16.71 -40.87 9.70
CA LEU D 120 -17.61 -40.53 10.79
C LEU D 120 -18.31 -39.21 10.56
N GLU D 121 -18.24 -38.67 9.34
CA GLU D 121 -18.89 -37.41 9.03
C GLU D 121 -20.41 -37.52 9.07
N ASN D 122 -20.95 -38.72 8.80
CA ASN D 122 -22.36 -38.98 9.03
C ASN D 122 -22.68 -39.14 10.51
N VAL D 123 -21.75 -39.72 11.27
CA VAL D 123 -21.97 -39.99 12.69
C VAL D 123 -22.03 -38.69 13.48
N VAL D 124 -21.08 -37.78 13.23
CA VAL D 124 -21.01 -36.54 14.01
C VAL D 124 -22.21 -35.64 13.73
N GLY D 125 -22.61 -35.51 12.47
CA GLY D 125 -23.81 -34.76 12.10
C GLY D 125 -23.80 -33.30 12.53
N ASP D 126 -24.87 -32.92 13.24
CA ASP D 126 -25.06 -31.58 13.76
C ASP D 126 -24.74 -31.47 15.25
N LYS D 127 -24.12 -32.50 15.83
CA LYS D 127 -23.75 -32.47 17.25
C LYS D 127 -22.72 -31.40 17.52
N VAL D 128 -22.90 -30.67 18.63
CA VAL D 128 -22.05 -29.56 18.99
C VAL D 128 -21.18 -29.99 20.16
N PHE D 129 -19.89 -29.68 20.06
CA PHE D 129 -18.89 -30.09 21.04
C PHE D 129 -18.27 -28.83 21.64
N GLY D 130 -18.15 -28.82 22.98
CA GLY D 130 -17.70 -27.63 23.67
C GLY D 130 -16.24 -27.30 23.39
N SER D 131 -15.39 -28.31 23.25
CA SER D 131 -13.96 -28.10 23.10
C SER D 131 -13.44 -28.86 21.89
N PHE D 132 -12.20 -28.54 21.53
CA PHE D 132 -11.51 -29.24 20.47
C PHE D 132 -11.26 -30.70 20.85
N ALA D 133 -10.95 -30.94 22.13
CA ALA D 133 -10.71 -32.31 22.60
C ALA D 133 -12.00 -33.10 22.69
N GLU D 134 -13.11 -32.45 23.05
CA GLU D 134 -14.40 -33.13 23.11
C GLU D 134 -14.87 -33.57 21.74
N ASN D 135 -14.55 -32.79 20.70
CA ASN D 135 -14.80 -33.20 19.33
C ASN D 135 -13.98 -34.42 18.96
N LEU D 136 -12.70 -34.42 19.36
CA LEU D 136 -11.81 -35.55 19.05
C LEU D 136 -12.15 -36.76 19.90
N SER D 137 -12.66 -36.54 21.12
CA SER D 137 -12.99 -37.65 22.02
C SER D 137 -14.17 -38.47 21.51
N PHE D 138 -15.20 -37.80 20.97
CA PHE D 138 -16.38 -38.51 20.48
C PHE D 138 -16.04 -39.32 19.24
N LEU D 139 -15.11 -38.83 18.41
CA LEU D 139 -14.68 -39.54 17.21
C LEU D 139 -14.03 -40.87 17.56
N LEU D 140 -13.15 -40.88 18.56
CA LEU D 140 -12.37 -42.07 18.90
C LEU D 140 -13.22 -43.14 19.57
N GLU D 141 -14.33 -42.77 20.20
CA GLU D 141 -15.17 -43.70 20.93
C GLU D 141 -16.25 -44.34 20.07
N ALA D 142 -16.09 -44.34 18.75
CA ALA D 142 -17.07 -44.96 17.86
C ALA D 142 -16.40 -45.51 16.61
N CYS D 152 -10.34 -50.75 18.81
CA CYS D 152 -9.94 -50.50 17.42
C CYS D 152 -8.94 -49.36 17.34
N PRO D 153 -7.63 -49.69 17.27
CA PRO D 153 -6.60 -48.66 17.17
C PRO D 153 -6.68 -47.81 15.92
N VAL D 154 -6.03 -46.66 15.95
CA VAL D 154 -6.08 -45.67 14.88
C VAL D 154 -4.67 -45.12 14.69
N ILE D 155 -4.23 -45.03 13.43
CA ILE D 155 -2.90 -44.56 13.12
C ILE D 155 -3.01 -43.20 12.44
N PHE D 156 -2.26 -42.22 12.95
CA PHE D 156 -2.20 -40.89 12.38
C PHE D 156 -0.85 -40.74 11.72
N ILE D 157 -0.85 -40.28 10.47
CA ILE D 157 0.38 -39.95 9.77
C ILE D 157 0.33 -38.46 9.46
N LEU D 158 1.39 -37.74 9.82
CA LEU D 158 1.42 -36.28 9.70
C LEU D 158 2.58 -35.91 8.79
N ASP D 159 2.30 -35.91 7.49
CA ASP D 159 3.29 -35.56 6.48
C ASP D 159 3.58 -34.06 6.51
N GLU D 160 4.85 -33.72 6.29
CA GLU D 160 5.42 -32.37 6.32
C GLU D 160 5.03 -31.67 7.64
N PHE D 161 5.67 -32.11 8.73
CA PHE D 161 5.18 -31.79 10.07
C PHE D 161 5.59 -30.39 10.55
N ASP D 162 6.63 -29.77 9.97
CA ASP D 162 7.13 -28.52 10.55
C ASP D 162 6.21 -27.33 10.35
N LEU D 163 5.24 -27.42 9.45
CA LEU D 163 4.28 -26.36 9.22
C LEU D 163 3.04 -26.50 10.05
N PHE D 164 2.77 -27.68 10.61
CA PHE D 164 1.83 -27.77 11.71
C PHE D 164 2.30 -27.06 12.96
N ALA D 165 3.62 -26.93 13.16
CA ALA D 165 4.17 -26.39 14.39
C ALA D 165 4.33 -24.87 14.33
N HIS D 166 3.81 -24.23 13.29
CA HIS D 166 3.76 -22.78 13.20
C HIS D 166 2.33 -22.26 13.30
N HIS D 167 1.40 -23.07 13.82
CA HIS D 167 0.07 -22.59 14.17
C HIS D 167 0.13 -21.67 15.39
N LYS D 168 -1.04 -21.11 15.71
CA LYS D 168 -1.19 -20.12 16.78
C LYS D 168 -0.77 -20.68 18.14
N ASN D 169 -1.40 -21.76 18.59
CA ASN D 169 -1.13 -22.30 19.92
C ASN D 169 -0.78 -23.78 19.90
N GLN D 170 -0.55 -24.35 18.72
CA GLN D 170 -0.19 -25.75 18.51
C GLN D 170 -1.20 -26.71 19.16
N THR D 171 -2.49 -26.37 18.99
CA THR D 171 -3.56 -27.10 19.67
C THR D 171 -3.70 -28.52 19.13
N LEU D 172 -3.50 -28.70 17.83
CA LEU D 172 -3.55 -30.03 17.23
C LEU D 172 -2.35 -30.87 17.66
N LEU D 173 -1.19 -30.25 17.83
CA LEU D 173 -0.02 -30.96 18.32
C LEU D 173 -0.18 -31.40 19.77
N TYR D 174 -0.81 -30.56 20.60
CA TYR D 174 -0.96 -30.94 22.00
C TYR D 174 -2.03 -32.01 22.17
N ASN D 175 -3.12 -31.92 21.41
CA ASN D 175 -4.25 -32.80 21.65
C ASN D 175 -3.97 -34.21 21.15
N LEU D 176 -3.13 -34.36 20.13
CA LEU D 176 -2.74 -35.68 19.66
C LEU D 176 -1.78 -36.36 20.62
N PHE D 177 -0.83 -35.61 21.17
CA PHE D 177 0.12 -36.18 22.13
C PHE D 177 -0.56 -36.52 23.46
N ASP D 178 -1.46 -35.64 23.94
CA ASP D 178 -2.10 -35.86 25.24
C ASP D 178 -3.03 -37.06 25.20
N ILE D 179 -3.75 -37.23 24.08
CA ILE D 179 -4.63 -38.38 23.93
C ILE D 179 -3.80 -39.66 23.77
N SER D 180 -2.58 -39.55 23.23
CA SER D 180 -1.69 -40.70 23.18
C SER D 180 -1.18 -41.06 24.56
N GLN D 181 -0.76 -40.06 25.34
CA GLN D 181 -0.03 -40.30 26.57
C GLN D 181 -0.93 -40.80 27.69
N SER D 182 -2.21 -40.43 27.67
CA SER D 182 -3.13 -40.76 28.76
C SER D 182 -4.23 -41.74 28.37
N ALA D 183 -4.92 -41.49 27.25
CA ALA D 183 -6.13 -42.24 26.94
C ALA D 183 -5.83 -43.68 26.55
N GLN D 184 -6.84 -44.54 26.75
CA GLN D 184 -6.66 -45.98 26.55
C GLN D 184 -6.54 -46.34 25.07
N THR D 185 -7.32 -45.68 24.20
CA THR D 185 -7.34 -45.81 22.74
C THR D 185 -5.94 -45.73 22.14
N PRO D 186 -5.46 -46.81 21.51
CA PRO D 186 -4.09 -46.81 20.97
C PRO D 186 -3.97 -45.89 19.77
N ILE D 187 -2.91 -45.08 19.76
CA ILE D 187 -2.74 -44.01 18.78
C ILE D 187 -1.26 -43.85 18.48
N ALA D 188 -0.92 -43.69 17.19
CA ALA D 188 0.44 -43.47 16.75
C ALA D 188 0.52 -42.11 16.07
N VAL D 189 1.52 -41.32 16.45
CA VAL D 189 1.75 -40.00 15.84
C VAL D 189 3.13 -40.04 15.22
N ILE D 190 3.20 -40.39 13.95
CA ILE D 190 4.45 -40.36 13.20
C ILE D 190 4.61 -38.96 12.60
N GLY D 191 5.80 -38.38 12.71
CA GLY D 191 6.00 -37.02 12.29
C GLY D 191 7.11 -36.85 11.27
N LEU D 192 6.81 -36.18 10.17
CA LEU D 192 7.68 -36.16 9.01
C LEU D 192 8.15 -34.73 8.78
N THR D 193 9.45 -34.48 8.93
CA THR D 193 9.95 -33.14 8.72
C THR D 193 11.27 -33.16 7.99
N CYS D 194 11.73 -31.95 7.64
CA CYS D 194 13.04 -31.73 7.04
C CYS D 194 13.95 -30.93 7.97
N ARG D 195 13.49 -30.64 9.18
CA ARG D 195 14.19 -29.73 10.07
C ARG D 195 15.02 -30.52 11.07
N LEU D 196 16.32 -30.23 11.10
CA LEU D 196 17.19 -30.85 12.10
C LEU D 196 16.99 -30.22 13.48
N ASP D 197 16.61 -28.95 13.55
CA ASP D 197 16.34 -28.27 14.81
C ASP D 197 14.87 -28.36 15.23
N ILE D 198 14.19 -29.46 14.89
CA ILE D 198 12.74 -29.59 15.03
C ILE D 198 12.27 -29.46 16.48
N LEU D 199 13.14 -29.81 17.44
CA LEU D 199 12.77 -29.73 18.85
C LEU D 199 13.09 -28.37 19.48
N GLU D 200 13.15 -27.32 18.67
CA GLU D 200 13.27 -25.95 19.16
C GLU D 200 12.12 -25.07 18.70
N LEU D 201 11.25 -25.56 17.83
CA LEU D 201 10.08 -24.82 17.42
C LEU D 201 8.85 -25.20 18.20
N LEU D 202 8.84 -26.41 18.78
CA LEU D 202 7.75 -26.84 19.63
C LEU D 202 7.89 -26.24 21.02
N GLU D 203 6.76 -26.13 21.72
CA GLU D 203 6.75 -25.64 23.09
C GLU D 203 7.24 -26.68 24.08
N LYS D 204 7.34 -26.25 25.34
CA LYS D 204 7.85 -27.09 26.41
C LYS D 204 6.90 -28.25 26.72
N ARG D 205 5.60 -27.95 26.80
CA ARG D 205 4.63 -28.92 27.30
C ARG D 205 4.39 -30.04 26.29
N VAL D 206 4.42 -29.73 25.00
CA VAL D 206 4.35 -30.77 23.98
C VAL D 206 5.64 -31.58 23.95
N LYS D 207 6.78 -30.94 24.28
CA LYS D 207 8.05 -31.65 24.34
C LYS D 207 8.06 -32.70 25.45
N SER D 208 7.43 -32.39 26.57
CA SER D 208 7.41 -33.32 27.70
C SER D 208 6.55 -34.54 27.39
N ARG D 209 5.51 -34.39 26.58
CA ARG D 209 4.68 -35.52 26.19
C ARG D 209 5.19 -36.24 24.95
N PHE D 210 6.26 -35.75 24.33
CA PHE D 210 6.80 -36.36 23.12
C PHE D 210 7.95 -37.28 23.53
N SER D 211 7.77 -38.58 23.33
CA SER D 211 8.86 -39.52 23.51
C SER D 211 9.91 -39.28 22.44
N HIS D 212 11.14 -39.00 22.85
CA HIS D 212 12.14 -38.37 21.97
C HIS D 212 12.75 -39.38 20.98
N ARG D 213 11.89 -40.05 20.24
CA ARG D 213 12.29 -41.20 19.44
C ARG D 213 12.64 -40.71 18.04
N GLN D 214 13.93 -40.59 17.76
CA GLN D 214 14.41 -40.03 16.51
C GLN D 214 14.86 -41.15 15.59
N ILE D 215 14.37 -41.12 14.35
CA ILE D 215 14.74 -42.08 13.32
C ILE D 215 15.41 -41.28 12.20
N HIS D 216 16.62 -41.67 11.82
CA HIS D 216 17.41 -40.80 10.95
C HIS D 216 17.66 -41.49 9.60
N LEU D 217 16.94 -41.03 8.57
CA LEU D 217 17.11 -41.56 7.22
C LEU D 217 18.09 -40.69 6.44
N MET D 218 19.21 -40.40 7.06
CA MET D 218 20.26 -39.63 6.40
C MET D 218 21.01 -40.53 5.43
N ASN D 219 21.45 -39.96 4.32
CA ASN D 219 21.99 -40.73 3.19
C ASN D 219 23.45 -41.10 3.49
N SER D 220 23.60 -42.14 4.30
CA SER D 220 24.91 -42.64 4.70
C SER D 220 25.30 -43.82 3.82
N PHE D 221 25.59 -43.52 2.55
CA PHE D 221 26.07 -44.54 1.61
C PHE D 221 27.12 -43.93 0.68
N GLY D 222 28.09 -44.76 0.28
CA GLY D 222 29.20 -44.28 -0.50
C GLY D 222 28.97 -44.28 -2.00
N PHE D 223 29.96 -43.73 -2.71
CA PHE D 223 29.93 -43.71 -4.17
C PHE D 223 29.93 -45.09 -4.84
N PRO D 224 30.70 -46.11 -4.40
CA PRO D 224 30.47 -47.45 -4.97
C PRO D 224 29.07 -47.99 -4.72
N GLN D 225 28.48 -47.67 -3.56
CA GLN D 225 27.08 -48.01 -3.34
C GLN D 225 26.17 -47.18 -4.24
N TYR D 226 26.59 -45.96 -4.57
CA TYR D 226 25.81 -45.11 -5.48
C TYR D 226 25.83 -45.67 -6.91
N VAL D 227 26.94 -46.30 -7.30
CA VAL D 227 27.03 -46.92 -8.63
C VAL D 227 26.12 -48.14 -8.72
N LYS D 228 26.02 -48.93 -7.64
CA LYS D 228 25.17 -50.12 -7.65
C LYS D 228 23.69 -49.76 -7.78
N ILE D 229 23.27 -48.66 -7.16
CA ILE D 229 21.89 -48.21 -7.23
C ILE D 229 21.53 -47.77 -8.65
N PHE D 230 22.51 -47.18 -9.35
CA PHE D 230 22.37 -46.79 -10.76
C PHE D 230 21.99 -47.97 -11.66
N LYS D 231 22.56 -49.14 -11.42
CA LYS D 231 22.20 -50.30 -12.22
C LYS D 231 20.81 -50.82 -11.85
N GLU D 232 20.50 -50.83 -10.54
CA GLU D 232 19.32 -51.54 -10.07
C GLU D 232 18.03 -50.77 -10.37
N GLN D 233 18.04 -49.45 -10.25
CA GLN D 233 16.83 -48.67 -10.52
C GLN D 233 16.53 -48.61 -12.02
N LEU D 234 17.57 -48.59 -12.84
CA LEU D 234 17.45 -48.71 -14.30
C LEU D 234 17.50 -50.19 -14.71
N SER D 235 16.56 -50.98 -14.20
CA SER D 235 16.50 -52.40 -14.50
C SER D 235 15.06 -52.85 -14.52
N LEU D 236 14.72 -53.63 -15.52
CA LEU D 236 13.37 -54.14 -15.71
C LEU D 236 13.13 -55.33 -14.78
N PRO D 237 11.92 -55.43 -14.19
CA PRO D 237 11.64 -56.56 -13.26
C PRO D 237 11.55 -57.91 -13.95
N ALA D 238 11.34 -58.96 -13.15
CA ALA D 238 11.36 -60.33 -13.64
C ALA D 238 9.97 -60.83 -14.05
N GLU D 239 8.92 -60.05 -13.87
CA GLU D 239 7.58 -60.45 -14.27
C GLU D 239 7.25 -59.86 -15.66
N PHE D 240 8.27 -59.36 -16.36
CA PHE D 240 8.12 -58.90 -17.73
C PHE D 240 7.87 -60.10 -18.64
N PRO D 241 6.83 -60.05 -19.50
CA PRO D 241 6.51 -61.20 -20.36
C PRO D 241 7.58 -61.61 -21.37
N ASP D 242 8.00 -60.67 -22.23
CA ASP D 242 8.95 -60.96 -23.31
C ASP D 242 10.33 -61.06 -22.66
N LYS D 243 10.77 -62.30 -22.41
CA LYS D 243 11.97 -62.52 -21.61
C LYS D 243 13.26 -62.25 -22.39
N VAL D 244 13.28 -62.54 -23.69
CA VAL D 244 14.51 -62.48 -24.46
C VAL D 244 14.99 -61.04 -24.64
N PHE D 245 14.06 -60.10 -24.75
CA PHE D 245 14.45 -58.69 -24.74
C PHE D 245 14.84 -58.25 -23.34
N ALA D 246 14.16 -58.81 -22.32
CA ALA D 246 14.46 -58.47 -20.93
C ALA D 246 15.85 -58.95 -20.51
N GLU D 247 16.29 -60.09 -21.06
CA GLU D 247 17.65 -60.56 -20.79
C GLU D 247 18.70 -59.62 -21.36
N LYS D 248 18.55 -59.24 -22.63
CA LYS D 248 19.56 -58.41 -23.27
C LYS D 248 19.47 -56.94 -22.82
N TRP D 249 18.29 -56.51 -22.37
CA TRP D 249 18.18 -55.17 -21.79
C TRP D 249 18.91 -55.09 -20.46
N ASN D 250 18.77 -56.13 -19.62
CA ASN D 250 19.44 -56.16 -18.33
C ASN D 250 20.94 -56.30 -18.50
N GLU D 251 21.37 -57.09 -19.49
CA GLU D 251 22.78 -57.19 -19.80
C GLU D 251 23.35 -55.87 -20.31
N ASN D 252 22.58 -55.16 -21.16
CA ASN D 252 23.04 -53.89 -21.72
C ASN D 252 23.24 -52.84 -20.62
N VAL D 253 22.41 -52.87 -19.58
CA VAL D 253 22.62 -52.03 -18.40
C VAL D 253 23.93 -52.41 -17.71
N GLN D 254 24.21 -53.72 -17.62
CA GLN D 254 25.42 -54.18 -16.95
C GLN D 254 26.68 -53.76 -17.69
N TYR D 255 26.67 -53.83 -19.02
CA TYR D 255 27.83 -53.35 -19.78
C TYR D 255 28.01 -51.84 -19.67
N LEU D 256 26.91 -51.08 -19.66
CA LEU D 256 27.08 -49.63 -19.52
C LEU D 256 27.46 -49.24 -18.11
N SER D 257 27.06 -50.03 -17.10
CA SER D 257 27.34 -49.68 -15.71
C SER D 257 28.83 -49.71 -15.37
N GLU D 258 29.61 -50.50 -16.10
CA GLU D 258 31.05 -50.57 -15.89
C GLU D 258 31.83 -49.62 -16.79
N ASP D 259 31.18 -48.90 -17.69
CA ASP D 259 31.85 -48.03 -18.63
C ASP D 259 32.46 -46.85 -17.88
N ARG D 260 33.65 -46.42 -18.32
CA ARG D 260 34.32 -45.28 -17.70
C ARG D 260 33.59 -43.97 -18.06
N SER D 261 32.92 -43.94 -19.22
CA SER D 261 32.31 -42.71 -19.70
C SER D 261 31.13 -42.27 -18.83
N VAL D 262 30.30 -43.21 -18.39
CA VAL D 262 29.15 -42.85 -17.55
C VAL D 262 29.61 -42.44 -16.15
N GLN D 263 30.75 -42.95 -15.70
CA GLN D 263 31.17 -42.77 -14.32
C GLN D 263 31.67 -41.37 -14.01
N GLU D 264 32.14 -40.63 -15.01
CA GLU D 264 32.60 -39.26 -14.74
C GLU D 264 31.42 -38.33 -14.48
N VAL D 265 30.33 -38.47 -15.23
CA VAL D 265 29.17 -37.61 -14.99
C VAL D 265 28.36 -38.12 -13.80
N LEU D 266 28.43 -39.43 -13.51
CA LEU D 266 27.84 -39.92 -12.27
C LEU D 266 28.61 -39.44 -11.05
N GLN D 267 29.92 -39.23 -11.19
CA GLN D 267 30.71 -38.65 -10.11
C GLN D 267 30.37 -37.19 -9.89
N LYS D 268 30.12 -36.45 -10.97
CA LYS D 268 29.76 -35.03 -10.87
C LYS D 268 28.44 -34.85 -10.12
N HIS D 269 27.45 -35.70 -10.43
CA HIS D 269 26.18 -35.60 -9.74
C HIS D 269 26.24 -36.13 -8.32
N PHE D 270 27.11 -37.13 -8.06
CA PHE D 270 27.30 -37.56 -6.69
C PHE D 270 28.06 -36.50 -5.88
N ASN D 271 28.94 -35.75 -6.54
CA ASN D 271 29.65 -34.68 -5.85
C ASN D 271 28.71 -33.54 -5.47
N ILE D 272 27.63 -33.33 -6.23
CA ILE D 272 26.65 -32.33 -5.86
C ILE D 272 25.77 -32.83 -4.72
N SER D 273 25.13 -33.98 -4.91
CA SER D 273 24.17 -34.45 -3.92
C SER D 273 24.07 -35.96 -3.95
N LYS D 274 23.82 -36.52 -2.78
CA LYS D 274 23.62 -37.96 -2.60
C LYS D 274 22.16 -38.33 -2.64
N ASN D 275 21.28 -37.37 -2.90
CA ASN D 275 19.85 -37.64 -2.99
C ASN D 275 19.55 -38.44 -4.24
N LEU D 276 18.64 -39.40 -4.12
CA LEU D 276 18.28 -40.22 -5.27
C LEU D 276 17.26 -39.55 -6.17
N ARG D 277 16.61 -38.48 -5.71
CA ARG D 277 15.66 -37.79 -6.58
C ARG D 277 16.36 -37.06 -7.72
N SER D 278 17.57 -36.55 -7.46
CA SER D 278 18.37 -35.97 -8.54
C SER D 278 18.79 -37.03 -9.56
N LEU D 279 19.02 -38.26 -9.09
CA LEU D 279 19.32 -39.35 -10.02
C LEU D 279 18.08 -39.74 -10.83
N HIS D 280 16.90 -39.74 -10.19
CA HIS D 280 15.66 -40.04 -10.92
C HIS D 280 15.30 -38.94 -11.91
N MET D 281 15.80 -37.72 -11.68
CA MET D 281 15.72 -36.67 -12.69
C MET D 281 16.65 -36.98 -13.86
N LEU D 282 17.83 -37.55 -13.58
CA LEU D 282 18.79 -37.83 -14.64
C LEU D 282 18.31 -38.95 -15.55
N LEU D 283 17.73 -40.01 -14.99
CA LEU D 283 17.39 -41.17 -15.80
C LEU D 283 16.21 -40.92 -16.72
N MET D 284 15.24 -40.11 -16.29
CA MET D 284 14.07 -39.83 -17.13
C MET D 284 14.45 -39.06 -18.39
N LEU D 285 15.40 -38.13 -18.29
CA LEU D 285 15.80 -37.39 -19.49
C LEU D 285 16.71 -38.23 -20.39
N ALA D 286 17.45 -39.18 -19.81
CA ALA D 286 18.26 -40.09 -20.65
C ALA D 286 17.35 -41.08 -21.38
N LEU D 287 16.26 -41.50 -20.74
CA LEU D 287 15.28 -42.45 -21.35
C LEU D 287 14.48 -41.69 -22.42
N ASN D 288 14.38 -40.37 -22.29
CA ASN D 288 13.61 -39.54 -23.25
C ASN D 288 14.13 -39.77 -24.68
N ARG D 289 15.38 -40.23 -24.84
CA ARG D 289 15.92 -40.36 -26.18
C ARG D 289 15.95 -41.80 -26.66
N VAL D 290 15.01 -42.62 -26.19
CA VAL D 290 14.90 -44.02 -26.58
C VAL D 290 13.58 -44.22 -27.29
N THR D 291 13.63 -44.74 -28.51
CA THR D 291 12.46 -45.00 -29.34
C THR D 291 12.65 -46.34 -30.04
N ALA D 292 11.78 -46.63 -31.01
CA ALA D 292 11.93 -47.84 -31.81
C ALA D 292 13.17 -47.78 -32.71
N SER D 293 13.58 -46.57 -33.12
CA SER D 293 14.77 -46.43 -33.93
C SER D 293 16.06 -46.49 -33.10
N HIS D 294 15.97 -46.29 -31.79
CA HIS D 294 17.13 -46.31 -30.91
C HIS D 294 16.81 -47.19 -29.70
N PRO D 295 16.83 -48.52 -29.86
CA PRO D 295 16.25 -49.41 -28.83
C PRO D 295 17.01 -49.46 -27.51
N PHE D 296 18.33 -49.36 -27.53
CA PHE D 296 19.12 -49.45 -26.31
C PHE D 296 19.87 -48.15 -26.03
N MET D 297 20.05 -47.87 -24.75
CA MET D 297 20.68 -46.64 -24.29
C MET D 297 22.15 -46.60 -24.68
N THR D 298 22.69 -45.40 -24.74
CA THR D 298 24.06 -45.17 -25.17
C THR D 298 24.71 -44.23 -24.16
N ALA D 299 26.04 -44.31 -24.05
CA ALA D 299 26.80 -43.42 -23.17
C ALA D 299 26.63 -41.95 -23.55
N VAL D 300 26.39 -41.68 -24.83
CA VAL D 300 26.11 -40.32 -25.30
C VAL D 300 24.83 -39.78 -24.70
N ASP D 301 23.82 -40.64 -24.51
CA ASP D 301 22.53 -40.22 -23.97
C ASP D 301 22.63 -39.73 -22.54
N LEU D 302 23.41 -40.44 -21.71
CA LEU D 302 23.61 -40.00 -20.33
C LEU D 302 24.47 -38.74 -20.28
N MET D 303 25.43 -38.62 -21.20
CA MET D 303 26.19 -37.38 -21.32
C MET D 303 25.31 -36.21 -21.74
N GLU D 304 24.40 -36.44 -22.70
CA GLU D 304 23.47 -35.39 -23.10
C GLU D 304 22.46 -35.08 -22.00
N ALA D 305 22.11 -36.09 -21.19
CA ALA D 305 21.22 -35.86 -20.07
C ALA D 305 21.88 -34.99 -18.99
N SER D 306 23.20 -35.11 -18.83
CA SER D 306 23.90 -34.34 -17.80
C SER D 306 23.95 -32.85 -18.15
N GLN D 307 24.00 -32.52 -19.43
CA GLN D 307 24.18 -31.12 -19.85
C GLN D 307 22.96 -30.27 -19.54
N LEU D 308 21.76 -30.85 -19.65
CA LEU D 308 20.54 -30.08 -19.44
C LEU D 308 20.32 -29.70 -17.98
N CYS D 309 20.65 -30.62 -17.05
CA CYS D 309 20.46 -30.33 -15.64
C CYS D 309 21.53 -29.37 -15.11
N SER D 310 22.69 -29.36 -15.74
CA SER D 310 23.84 -28.57 -15.27
C SER D 310 23.87 -27.17 -15.85
N MET D 311 22.80 -26.73 -16.50
CA MET D 311 22.77 -25.43 -17.15
C MET D 311 22.81 -24.29 -16.14
N ASP D 312 23.50 -23.20 -16.50
CA ASP D 312 23.60 -22.02 -15.66
C ASP D 312 22.58 -20.99 -16.13
N SER D 313 21.73 -20.55 -15.19
CA SER D 313 20.56 -19.78 -15.56
C SER D 313 20.91 -18.34 -15.93
N LYS D 314 21.78 -17.70 -15.15
CA LYS D 314 22.05 -16.28 -15.35
C LYS D 314 22.86 -16.00 -16.61
N ALA D 315 23.74 -16.93 -17.01
CA ALA D 315 24.53 -16.71 -18.22
C ALA D 315 23.67 -16.80 -19.47
N ASN D 316 22.61 -17.61 -19.42
CA ASN D 316 21.70 -17.77 -20.55
C ASN D 316 20.92 -16.48 -20.85
N ILE D 317 20.50 -15.77 -19.80
CA ILE D 317 19.77 -14.51 -19.96
C ILE D 317 20.62 -13.45 -20.64
N VAL D 318 21.89 -13.33 -20.23
CA VAL D 318 22.78 -12.28 -20.75
C VAL D 318 23.09 -12.50 -22.23
N HIS D 319 23.04 -13.76 -22.68
CA HIS D 319 23.16 -14.06 -24.10
C HIS D 319 21.99 -13.49 -24.90
N GLY D 320 20.79 -13.50 -24.31
CA GLY D 320 19.60 -13.02 -24.98
C GLY D 320 19.27 -11.55 -24.83
N LEU D 321 20.10 -10.79 -24.13
CA LEU D 321 19.88 -9.36 -24.01
C LEU D 321 20.20 -8.65 -25.32
N SER D 322 19.70 -7.42 -25.44
CA SER D 322 20.02 -6.58 -26.58
C SER D 322 21.46 -6.08 -26.51
N VAL D 323 21.92 -5.47 -27.61
CA VAL D 323 23.26 -4.89 -27.67
C VAL D 323 23.40 -3.74 -26.68
N LEU D 324 22.40 -2.86 -26.64
CA LEU D 324 22.45 -1.70 -25.74
C LEU D 324 22.35 -2.14 -24.28
N GLU D 325 21.62 -3.23 -24.02
CA GLU D 325 21.47 -3.75 -22.66
C GLU D 325 22.78 -4.35 -22.15
N ILE D 326 23.63 -4.83 -23.06
CA ILE D 326 24.98 -5.26 -22.69
C ILE D 326 25.83 -4.05 -22.32
N CYS D 327 25.67 -2.94 -23.04
CA CYS D 327 26.50 -1.75 -22.81
C CYS D 327 26.22 -1.10 -21.45
N LEU D 328 25.02 -1.28 -20.91
CA LEU D 328 24.73 -0.76 -19.58
C LEU D 328 25.43 -1.56 -18.48
N ILE D 329 25.38 -2.89 -18.56
CA ILE D 329 25.84 -3.74 -17.48
C ILE D 329 27.36 -3.68 -17.35
N ILE D 330 28.07 -3.50 -18.47
CA ILE D 330 29.52 -3.33 -18.40
C ILE D 330 29.87 -2.00 -17.73
N ALA D 331 29.05 -0.96 -17.96
CA ALA D 331 29.19 0.28 -17.20
C ALA D 331 28.89 0.05 -15.72
N MET D 332 27.85 -0.74 -15.42
CA MET D 332 27.50 -1.02 -14.04
C MET D 332 28.56 -1.89 -13.36
N LYS D 333 29.21 -2.77 -14.13
CA LYS D 333 30.38 -3.47 -13.62
C LYS D 333 31.49 -2.49 -13.28
N HIS D 334 31.70 -1.50 -14.14
CA HIS D 334 32.82 -0.59 -13.98
C HIS D 334 32.59 0.33 -12.78
N LEU D 335 31.32 0.60 -12.42
CA LEU D 335 31.04 1.39 -11.23
C LEU D 335 31.41 0.68 -9.94
N ASN D 336 31.14 -0.63 -9.84
CA ASN D 336 31.37 -1.32 -8.57
C ASN D 336 32.83 -1.65 -8.31
N ASP D 337 33.72 -1.48 -9.29
CA ASP D 337 35.14 -1.64 -9.02
C ASP D 337 35.79 -0.38 -8.46
N ILE D 338 35.22 0.79 -8.74
CA ILE D 338 35.78 2.04 -8.21
C ILE D 338 35.15 2.35 -6.85
N TYR D 339 33.83 2.55 -6.84
CA TYR D 339 33.10 2.92 -5.63
C TYR D 339 32.50 1.64 -5.05
N GLU D 340 33.35 0.89 -4.34
CA GLU D 340 33.06 -0.51 -4.05
C GLU D 340 31.96 -0.65 -2.99
N GLU D 341 31.01 -1.56 -3.28
CA GLU D 341 29.89 -1.91 -2.41
C GLU D 341 29.07 -0.68 -2.02
N GLU D 342 28.75 0.13 -3.02
CA GLU D 342 28.01 1.36 -2.84
C GLU D 342 26.91 1.33 -3.90
N PRO D 343 25.66 1.60 -3.54
CA PRO D 343 24.58 1.55 -4.53
C PRO D 343 24.64 2.71 -5.50
N PHE D 344 24.01 2.50 -6.65
CA PHE D 344 24.06 3.43 -7.77
C PHE D 344 22.68 3.57 -8.39
N ASN D 345 22.42 4.74 -8.95
CA ASN D 345 21.19 5.01 -9.68
C ASN D 345 21.41 4.99 -11.18
N PHE D 346 20.34 5.33 -11.91
CA PHE D 346 20.45 5.49 -13.36
C PHE D 346 21.42 6.58 -13.76
N GLN D 347 21.38 7.71 -13.04
CA GLN D 347 22.23 8.85 -13.40
C GLN D 347 23.69 8.53 -13.14
N MET D 348 23.97 7.63 -12.19
CA MET D 348 25.31 7.06 -12.10
C MET D 348 25.65 6.30 -13.36
N VAL D 349 24.68 5.56 -13.90
CA VAL D 349 24.94 4.62 -14.99
C VAL D 349 25.01 5.35 -16.32
N TYR D 350 24.07 6.27 -16.56
CA TYR D 350 24.04 6.99 -17.84
C TYR D 350 25.25 7.88 -18.03
N ASN D 351 25.74 8.49 -16.94
CA ASN D 351 26.92 9.33 -17.04
C ASN D 351 28.16 8.52 -17.42
N GLU D 352 28.30 7.31 -16.86
CA GLU D 352 29.41 6.42 -17.21
C GLU D 352 29.32 5.98 -18.66
N PHE D 353 28.10 5.78 -19.16
CA PHE D 353 27.88 5.33 -20.52
C PHE D 353 28.29 6.40 -21.54
N GLN D 354 28.18 7.67 -21.13
CA GLN D 354 28.47 8.78 -22.04
C GLN D 354 29.95 8.88 -22.41
N LYS D 355 30.86 8.53 -21.47
CA LYS D 355 32.29 8.55 -21.80
C LYS D 355 32.65 7.51 -22.85
N PHE D 356 32.04 6.33 -22.77
CA PHE D 356 32.35 5.26 -23.72
C PHE D 356 31.91 5.61 -25.13
N VAL D 357 30.74 6.24 -25.28
CA VAL D 357 30.28 6.63 -26.61
C VAL D 357 31.07 7.81 -27.16
N GLN D 358 31.43 8.79 -26.32
CA GLN D 358 32.02 10.00 -26.88
C GLN D 358 33.54 9.88 -26.98
N ARG D 359 34.17 9.10 -26.11
CA ARG D 359 35.63 9.07 -26.14
C ARG D 359 36.23 7.69 -26.43
N LYS D 360 35.78 6.64 -25.74
CA LYS D 360 36.47 5.36 -25.84
C LYS D 360 36.27 4.69 -27.19
N ALA D 361 35.04 4.72 -27.75
CA ALA D 361 34.76 3.83 -28.87
C ALA D 361 34.59 4.60 -30.17
N HIS D 362 33.47 5.29 -30.39
CA HIS D 362 33.05 5.75 -31.71
C HIS D 362 31.66 6.37 -31.64
N SER D 363 31.31 7.09 -32.72
CA SER D 363 30.12 7.94 -32.74
C SER D 363 28.81 7.15 -32.68
N VAL D 364 28.76 5.97 -33.31
CA VAL D 364 27.59 5.11 -33.22
C VAL D 364 27.49 4.58 -31.78
N TYR D 365 26.24 4.40 -31.31
CA TYR D 365 25.72 4.05 -29.96
C TYR D 365 25.58 5.27 -29.06
N ASN D 366 25.67 6.50 -29.59
CA ASN D 366 25.40 7.72 -28.82
C ASN D 366 23.89 8.07 -28.84
N PHE D 367 23.11 7.13 -28.32
CA PHE D 367 21.67 7.18 -28.36
C PHE D 367 21.13 8.22 -27.38
N GLU D 368 19.85 8.54 -27.55
CA GLU D 368 19.19 9.57 -26.78
C GLU D 368 18.87 9.09 -25.37
N LYS D 369 18.50 10.03 -24.52
CA LYS D 369 18.10 9.70 -23.15
C LYS D 369 16.79 8.92 -23.03
N PRO D 370 15.71 9.16 -23.80
CA PRO D 370 14.51 8.31 -23.60
C PRO D 370 14.65 6.84 -23.97
N VAL D 371 15.54 6.46 -24.89
CA VAL D 371 15.63 5.05 -25.24
C VAL D 371 16.38 4.27 -24.16
N VAL D 372 17.45 4.86 -23.63
CA VAL D 372 18.30 4.15 -22.63
C VAL D 372 17.43 3.88 -21.40
N MET D 373 16.38 4.68 -21.22
CA MET D 373 15.45 4.43 -20.10
C MET D 373 14.81 3.06 -20.30
N LYS D 374 14.33 2.78 -21.51
CA LYS D 374 13.68 1.47 -21.82
C LYS D 374 14.64 0.32 -21.49
N ALA D 375 15.91 0.43 -21.92
CA ALA D 375 16.92 -0.59 -21.65
C ALA D 375 17.10 -0.82 -20.14
N PHE D 376 17.14 0.27 -19.35
CA PHE D 376 17.16 0.11 -17.89
C PHE D 376 15.84 -0.47 -17.40
N GLU D 377 14.71 0.00 -17.93
CA GLU D 377 13.41 -0.48 -17.49
C GLU D 377 13.12 -1.91 -17.93
N HIS D 378 13.89 -2.44 -18.87
CA HIS D 378 13.71 -3.84 -19.25
C HIS D 378 14.59 -4.74 -18.38
N LEU D 379 15.74 -4.23 -17.93
CA LEU D 379 16.60 -5.00 -17.03
C LEU D 379 15.93 -5.24 -15.68
N GLN D 380 15.29 -4.21 -15.12
CA GLN D 380 14.61 -4.35 -13.83
C GLN D 380 13.41 -5.26 -13.95
N GLN D 381 12.79 -5.31 -15.13
CA GLN D 381 11.72 -6.27 -15.37
C GLN D 381 12.25 -7.70 -15.33
N LEU D 382 13.46 -7.94 -15.83
CA LEU D 382 14.09 -9.25 -15.77
C LEU D 382 14.77 -9.56 -14.43
N GLU D 383 14.87 -8.58 -13.52
CA GLU D 383 15.39 -8.73 -12.17
C GLU D 383 16.87 -9.14 -12.13
N LEU D 384 17.67 -8.59 -13.03
CA LEU D 384 19.11 -8.58 -12.82
C LEU D 384 19.55 -7.43 -11.92
N ILE D 385 18.64 -6.48 -11.65
CA ILE D 385 18.91 -5.31 -10.82
C ILE D 385 17.79 -5.19 -9.80
N LYS D 386 18.17 -5.01 -8.53
CA LYS D 386 17.23 -5.04 -7.42
C LYS D 386 17.27 -3.71 -6.68
N PRO D 387 16.12 -3.19 -6.25
CA PRO D 387 16.13 -1.97 -5.41
C PRO D 387 16.80 -2.20 -4.07
N MET D 388 17.68 -1.26 -3.69
CA MET D 388 18.20 -1.22 -2.33
C MET D 388 17.09 -0.93 -1.34
N GLU D 389 16.20 -0.01 -1.69
CA GLU D 389 15.02 0.30 -0.91
C GLU D 389 13.84 0.38 -1.87
N ARG D 390 12.75 -0.29 -1.54
CA ARG D 390 11.55 -0.31 -2.39
C ARG D 390 10.52 0.68 -1.86
N THR D 391 10.31 1.76 -2.62
CA THR D 391 9.33 2.82 -2.34
C THR D 391 8.78 3.26 -3.70
N SER D 392 7.63 2.71 -4.06
CA SER D 392 6.96 3.09 -5.29
C SER D 392 6.23 4.42 -5.11
N GLY D 393 6.43 5.34 -6.06
CA GLY D 393 5.79 6.64 -6.04
C GLY D 393 6.57 7.72 -5.32
N ASN D 394 7.37 7.35 -4.31
CA ASN D 394 8.13 8.33 -3.55
C ASN D 394 9.23 8.96 -4.40
N SER D 395 9.81 8.21 -5.33
CA SER D 395 10.94 8.68 -6.10
C SER D 395 10.66 8.53 -7.59
N GLN D 396 11.52 9.15 -8.39
CA GLN D 396 11.41 9.16 -9.83
C GLN D 396 11.87 7.82 -10.41
N ARG D 397 11.67 7.66 -11.72
CA ARG D 397 12.26 6.51 -12.42
C ARG D 397 13.78 6.60 -12.41
N GLU D 398 14.33 7.79 -12.65
CA GLU D 398 15.75 7.97 -12.43
C GLU D 398 16.01 8.38 -10.98
N TYR D 399 17.31 8.42 -10.63
CA TYR D 399 17.80 8.77 -9.28
C TYR D 399 17.21 7.86 -8.21
N GLN D 400 17.07 6.58 -8.54
CA GLN D 400 16.63 5.55 -7.61
C GLN D 400 17.81 4.62 -7.40
N LEU D 401 18.23 4.45 -6.15
CA LEU D 401 19.44 3.68 -5.84
C LEU D 401 19.18 2.20 -6.08
N MET D 402 20.03 1.59 -6.90
CA MET D 402 19.78 0.26 -7.42
C MET D 402 21.07 -0.54 -7.30
N LYS D 403 20.95 -1.85 -7.20
CA LYS D 403 22.11 -2.70 -7.04
C LYS D 403 22.15 -3.80 -8.09
N LEU D 404 23.34 -4.05 -8.61
CA LEU D 404 23.57 -5.10 -9.58
C LEU D 404 23.56 -6.47 -8.90
N LEU D 405 22.74 -7.38 -9.39
CA LEU D 405 22.67 -8.72 -8.83
C LEU D 405 23.55 -9.71 -9.57
N LEU D 406 24.25 -9.27 -10.61
CA LEU D 406 25.06 -10.15 -11.44
C LEU D 406 26.52 -10.02 -11.02
N ASP D 407 27.16 -11.15 -10.77
CA ASP D 407 28.52 -11.15 -10.28
C ASP D 407 29.49 -10.86 -11.44
N ASN D 408 30.70 -10.44 -11.07
CA ASN D 408 31.70 -10.06 -12.08
C ASN D 408 32.20 -11.27 -12.85
N THR D 409 32.18 -12.45 -12.24
CA THR D 409 32.61 -13.66 -12.92
C THR D 409 31.69 -14.02 -14.08
N GLN D 410 30.38 -13.85 -13.89
CA GLN D 410 29.44 -14.19 -14.95
C GLN D 410 29.47 -13.18 -16.09
N ILE D 411 29.97 -11.98 -15.84
CA ILE D 411 29.98 -10.95 -16.88
C ILE D 411 31.00 -11.30 -17.96
N MET D 412 32.21 -11.69 -17.55
CA MET D 412 33.29 -11.87 -18.52
C MET D 412 33.09 -13.14 -19.36
N ASN D 413 32.56 -14.21 -18.74
CA ASN D 413 32.31 -15.43 -19.49
C ASN D 413 31.19 -15.26 -20.51
N ALA D 414 30.14 -14.53 -20.15
CA ALA D 414 28.98 -14.37 -21.04
C ALA D 414 29.32 -13.51 -22.26
N LEU D 415 30.25 -12.56 -22.09
CA LEU D 415 30.68 -11.73 -23.20
C LEU D 415 31.42 -12.55 -24.26
N GLN D 416 32.17 -13.56 -23.82
CA GLN D 416 32.91 -14.42 -24.73
C GLN D 416 31.98 -15.28 -25.59
N LYS D 417 30.83 -15.69 -25.05
CA LYS D 417 29.90 -16.54 -25.79
C LYS D 417 28.76 -15.75 -26.41
N TYR D 418 28.80 -14.42 -26.33
CA TYR D 418 27.83 -13.59 -27.03
C TYR D 418 28.07 -13.74 -28.54
N PRO D 419 26.98 -13.97 -29.34
CA PRO D 419 27.15 -14.45 -30.74
C PRO D 419 27.94 -13.51 -31.65
N ASN D 420 27.54 -12.25 -31.72
CA ASN D 420 28.33 -11.25 -32.44
C ASN D 420 28.43 -10.05 -31.50
N CYS D 421 29.39 -10.11 -30.59
CA CYS D 421 29.66 -8.98 -29.73
C CYS D 421 30.55 -7.99 -30.48
N PRO D 422 30.23 -6.70 -30.43
CA PRO D 422 31.06 -5.70 -31.11
C PRO D 422 32.45 -5.64 -30.51
N THR D 423 33.43 -5.28 -31.35
CA THR D 423 34.84 -5.45 -31.00
C THR D 423 35.26 -4.55 -29.84
N ASP D 424 34.89 -3.27 -29.89
CA ASP D 424 35.39 -2.35 -28.87
C ASP D 424 34.61 -2.49 -27.56
N VAL D 425 33.39 -3.04 -27.62
CA VAL D 425 32.59 -3.26 -26.41
C VAL D 425 33.27 -4.26 -25.49
N ARG D 426 33.81 -5.35 -26.06
CA ARG D 426 34.56 -6.31 -25.26
C ARG D 426 35.88 -5.73 -24.78
N GLN D 427 36.47 -4.81 -25.56
CA GLN D 427 37.72 -4.15 -25.15
C GLN D 427 37.48 -3.22 -23.96
N TRP D 428 36.29 -2.61 -23.89
CA TRP D 428 35.95 -1.77 -22.76
C TRP D 428 35.76 -2.60 -21.50
N ALA D 429 35.24 -3.83 -21.65
CA ALA D 429 34.94 -4.70 -20.50
C ALA D 429 36.21 -5.10 -19.75
N THR D 430 37.26 -5.46 -20.48
CA THR D 430 38.54 -5.77 -19.84
C THR D 430 39.17 -4.52 -19.24
N SER D 431 39.10 -3.41 -19.95
CA SER D 431 39.82 -2.19 -19.53
C SER D 431 39.04 -1.38 -18.50
N GLU E 5 -3.06 -22.68 -40.18
CA GLU E 5 -3.43 -21.50 -39.40
C GLU E 5 -2.24 -20.99 -38.59
N ASN E 6 -1.70 -21.85 -37.74
CA ASN E 6 -0.56 -21.50 -36.89
C ASN E 6 0.59 -22.43 -37.18
N VAL E 7 1.76 -21.85 -37.49
CA VAL E 7 2.97 -22.62 -37.77
C VAL E 7 4.09 -22.11 -36.88
N VAL E 8 4.86 -23.04 -36.32
CA VAL E 8 6.03 -22.71 -35.51
C VAL E 8 7.26 -22.80 -36.40
N LEU E 9 7.98 -21.70 -36.52
CA LEU E 9 9.14 -21.60 -37.39
C LEU E 9 10.40 -21.40 -36.56
N CYS E 10 11.40 -22.23 -36.82
CA CYS E 10 12.72 -22.30 -36.17
C CYS E 10 12.59 -22.72 -34.71
N ARG E 11 11.50 -23.38 -34.34
CA ARG E 11 11.36 -24.02 -33.04
C ARG E 11 11.07 -25.50 -33.32
N GLU E 12 12.12 -26.29 -33.52
CA GLU E 12 11.94 -27.70 -33.83
C GLU E 12 12.46 -28.60 -32.72
N SER E 13 13.70 -28.37 -32.27
CA SER E 13 14.31 -29.25 -31.27
C SER E 13 13.69 -29.05 -29.89
N GLN E 14 13.42 -27.79 -29.51
CA GLN E 14 12.76 -27.49 -28.24
C GLN E 14 11.37 -28.11 -28.20
N VAL E 15 10.63 -28.00 -29.30
CA VAL E 15 9.30 -28.60 -29.40
C VAL E 15 9.38 -30.10 -29.21
N SER E 16 10.33 -30.74 -29.91
CA SER E 16 10.54 -32.18 -29.84
C SER E 16 10.90 -32.64 -28.44
N ILE E 17 11.61 -31.78 -27.68
CA ILE E 17 11.78 -32.03 -26.25
C ILE E 17 10.44 -32.02 -25.53
N LEU E 18 9.55 -31.06 -25.86
CA LEU E 18 8.23 -31.06 -25.21
C LEU E 18 7.37 -32.28 -25.53
N GLN E 19 7.23 -32.69 -26.80
CA GLN E 19 6.39 -33.89 -27.00
C GLN E 19 7.12 -35.16 -26.59
N SER E 20 8.45 -35.13 -26.51
CA SER E 20 9.16 -36.26 -25.95
C SER E 20 8.87 -36.39 -24.44
N LEU E 21 8.91 -35.29 -23.71
CA LEU E 21 8.60 -35.31 -22.28
C LEU E 21 7.12 -35.63 -22.03
N PHE E 22 6.24 -35.19 -22.93
CA PHE E 22 4.81 -35.45 -22.78
C PHE E 22 4.51 -36.94 -22.93
N GLY E 23 5.01 -37.56 -23.99
CA GLY E 23 4.77 -38.96 -24.19
C GLY E 23 3.32 -39.25 -24.56
N GLU E 24 2.96 -40.52 -24.42
CA GLU E 24 1.59 -40.95 -24.66
C GLU E 24 0.69 -40.57 -23.49
N ARG E 25 -0.59 -40.83 -23.67
CA ARG E 25 -1.61 -40.26 -22.78
C ARG E 25 -1.61 -40.92 -21.41
N HIS E 26 -1.40 -42.25 -21.34
CA HIS E 26 -1.44 -42.92 -20.06
C HIS E 26 -0.14 -42.71 -19.27
N HIS E 27 0.94 -42.33 -19.94
CA HIS E 27 2.23 -42.20 -19.29
C HIS E 27 2.26 -41.01 -18.33
N PHE E 28 3.09 -41.13 -17.30
CA PHE E 28 3.24 -40.11 -16.28
C PHE E 28 4.46 -39.26 -16.61
N SER E 29 4.25 -37.97 -16.82
CA SER E 29 5.33 -37.05 -17.13
C SER E 29 5.90 -36.45 -15.84
N PHE E 30 6.73 -35.43 -16.00
CA PHE E 30 7.26 -34.66 -14.88
C PHE E 30 6.12 -34.01 -14.08
N PRO E 31 6.27 -33.92 -12.75
CA PRO E 31 5.31 -33.12 -11.96
C PRO E 31 5.32 -31.65 -12.29
N SER E 32 6.48 -31.11 -12.68
CA SER E 32 6.60 -29.67 -12.81
C SER E 32 7.73 -29.32 -13.78
N ILE E 33 7.39 -28.55 -14.81
CA ILE E 33 8.37 -27.96 -15.72
C ILE E 33 8.29 -26.45 -15.56
N PHE E 34 9.46 -25.80 -15.53
CA PHE E 34 9.55 -24.35 -15.34
C PHE E 34 10.29 -23.77 -16.54
N ILE E 35 9.55 -23.12 -17.43
CA ILE E 35 10.12 -22.60 -18.67
C ILE E 35 10.39 -21.11 -18.51
N TYR E 36 11.62 -20.70 -18.79
CA TYR E 36 12.03 -19.31 -18.61
C TYR E 36 12.66 -18.79 -19.89
N GLY E 37 12.47 -17.49 -20.13
CA GLY E 37 13.00 -16.89 -21.34
C GLY E 37 12.70 -15.40 -21.41
N HIS E 38 12.95 -14.82 -22.58
CA HIS E 38 12.87 -13.38 -22.74
C HIS E 38 11.46 -12.92 -23.10
N THR E 39 11.39 -11.66 -23.56
CA THR E 39 10.11 -10.99 -23.76
C THR E 39 9.29 -11.59 -24.92
N ALA E 40 9.94 -12.13 -25.95
CA ALA E 40 9.21 -12.86 -27.00
C ALA E 40 10.16 -13.91 -27.58
N SER E 41 10.04 -15.13 -27.08
CA SER E 41 10.77 -16.25 -27.64
C SER E 41 9.87 -17.46 -27.75
N GLY E 42 8.61 -17.22 -28.12
CA GLY E 42 7.62 -18.27 -28.25
C GLY E 42 7.33 -19.02 -26.96
N LYS E 43 7.09 -18.29 -25.89
CA LYS E 43 6.66 -18.93 -24.63
C LYS E 43 5.17 -19.22 -24.67
N THR E 44 4.36 -18.18 -24.95
CA THR E 44 2.92 -18.40 -25.07
C THR E 44 2.58 -19.17 -26.34
N TYR E 45 3.16 -18.76 -27.47
CA TYR E 45 2.71 -19.21 -28.79
C TYR E 45 3.00 -20.68 -29.04
N VAL E 46 4.25 -21.10 -28.80
CA VAL E 46 4.68 -22.48 -29.07
C VAL E 46 3.94 -23.45 -28.17
N THR E 47 3.86 -23.15 -26.88
CA THR E 47 3.20 -24.02 -25.92
C THR E 47 1.70 -24.12 -26.20
N GLN E 48 1.04 -22.99 -26.48
CA GLN E 48 -0.40 -23.01 -26.70
C GLN E 48 -0.77 -23.75 -27.98
N THR E 49 -0.02 -23.51 -29.07
CA THR E 49 -0.28 -24.23 -30.31
C THR E 49 0.03 -25.72 -30.18
N LEU E 50 1.06 -26.08 -29.41
CA LEU E 50 1.45 -27.47 -29.28
C LEU E 50 0.46 -28.25 -28.43
N LEU E 51 -0.08 -27.63 -27.37
CA LEU E 51 -1.17 -28.27 -26.62
C LEU E 51 -2.45 -28.37 -27.43
N LYS E 52 -2.74 -27.38 -28.29
CA LYS E 52 -3.98 -27.48 -29.06
C LYS E 52 -3.85 -28.51 -30.18
N THR E 53 -2.65 -28.67 -30.73
CA THR E 53 -2.45 -29.55 -31.89
C THR E 53 -2.70 -31.01 -31.55
N LEU E 54 -2.21 -31.47 -30.40
CA LEU E 54 -2.29 -32.88 -30.06
C LEU E 54 -3.63 -33.30 -29.46
N GLU E 55 -4.55 -32.34 -29.29
CA GLU E 55 -5.87 -32.56 -28.65
C GLU E 55 -5.73 -33.09 -27.22
N LEU E 56 -4.84 -32.47 -26.45
CA LEU E 56 -4.67 -32.74 -25.04
C LEU E 56 -5.46 -31.72 -24.24
N PRO E 57 -6.41 -32.16 -23.40
CA PRO E 57 -7.25 -31.21 -22.66
C PRO E 57 -6.45 -30.38 -21.67
N HIS E 58 -6.37 -29.08 -21.92
CA HIS E 58 -5.40 -28.23 -21.26
C HIS E 58 -6.05 -26.90 -20.89
N VAL E 59 -5.50 -26.27 -19.85
CA VAL E 59 -6.04 -25.03 -19.30
C VAL E 59 -4.91 -24.00 -19.27
N PHE E 60 -5.17 -22.83 -19.85
CA PHE E 60 -4.19 -21.76 -19.93
C PHE E 60 -4.68 -20.60 -19.07
N VAL E 61 -3.88 -20.21 -18.07
CA VAL E 61 -4.30 -19.25 -17.05
C VAL E 61 -3.24 -18.16 -16.93
N ASN E 62 -3.69 -16.89 -16.97
CA ASN E 62 -2.75 -15.76 -16.74
C ASN E 62 -2.76 -15.47 -15.24
N CYS E 63 -1.58 -15.39 -14.60
CA CYS E 63 -1.55 -15.22 -13.12
C CYS E 63 -1.80 -13.76 -12.74
N VAL E 64 -1.19 -12.80 -13.45
CA VAL E 64 -1.41 -11.36 -13.16
C VAL E 64 -2.92 -11.10 -13.11
N GLU E 65 -3.66 -11.64 -14.09
CA GLU E 65 -5.13 -11.47 -14.13
C GLU E 65 -5.74 -11.80 -12.77
N CYS E 66 -5.56 -13.03 -12.30
CA CYS E 66 -6.18 -13.45 -11.01
C CYS E 66 -5.36 -12.92 -9.83
N PHE E 67 -5.72 -11.73 -9.34
CA PHE E 67 -4.92 -11.00 -8.30
C PHE E 67 -5.15 -11.64 -6.93
N THR E 68 -6.19 -12.47 -6.80
CA THR E 68 -6.48 -13.16 -5.51
C THR E 68 -6.20 -14.65 -5.65
N LEU E 69 -5.72 -15.29 -4.58
CA LEU E 69 -5.48 -16.76 -4.61
C LEU E 69 -6.81 -17.44 -5.00
N ARG E 70 -7.93 -16.96 -4.46
CA ARG E 70 -9.21 -17.59 -4.78
C ARG E 70 -9.52 -17.54 -6.27
N LEU E 71 -9.41 -16.36 -6.87
CA LEU E 71 -9.76 -16.18 -8.30
C LEU E 71 -9.04 -17.21 -9.16
N LEU E 72 -7.79 -17.55 -8.80
CA LEU E 72 -6.98 -18.46 -9.65
C LEU E 72 -7.51 -19.90 -9.57
N LEU E 73 -8.14 -20.29 -8.47
CA LEU E 73 -8.49 -21.71 -8.32
C LEU E 73 -9.75 -22.11 -9.08
N GLU E 74 -10.82 -21.31 -9.03
CA GLU E 74 -11.98 -21.68 -9.84
C GLU E 74 -11.73 -21.52 -11.33
N GLN E 75 -10.84 -20.60 -11.71
CA GLN E 75 -10.48 -20.42 -13.12
C GLN E 75 -9.84 -21.68 -13.70
N ILE E 76 -9.07 -22.41 -12.90
CA ILE E 76 -8.61 -23.74 -13.29
C ILE E 76 -9.76 -24.74 -13.24
N LEU E 77 -10.60 -24.66 -12.21
CA LEU E 77 -11.66 -25.65 -12.03
C LEU E 77 -12.76 -25.56 -13.10
N ASN E 78 -13.20 -24.35 -13.45
CA ASN E 78 -14.32 -24.23 -14.40
C ASN E 78 -13.90 -24.66 -15.80
N LYS E 79 -12.70 -24.25 -16.22
CA LYS E 79 -12.22 -24.55 -17.56
C LYS E 79 -12.02 -26.05 -17.78
N LEU E 80 -11.67 -26.79 -16.73
CA LEU E 80 -11.57 -28.23 -16.84
C LEU E 80 -12.95 -28.89 -16.93
N ASN E 81 -13.95 -28.30 -16.27
CA ASN E 81 -15.29 -28.90 -16.30
C ASN E 81 -15.97 -28.68 -17.65
N HIS E 82 -15.55 -27.64 -18.39
CA HIS E 82 -15.98 -27.51 -19.78
C HIS E 82 -15.35 -28.60 -20.66
N LEU E 83 -14.09 -28.93 -20.40
CA LEU E 83 -13.37 -29.92 -21.21
C LEU E 83 -13.99 -31.31 -21.07
N SER E 84 -14.31 -31.71 -19.83
CA SER E 84 -14.94 -33.00 -19.60
C SER E 84 -16.34 -33.07 -20.19
N SER E 85 -17.12 -32.01 -20.03
CA SER E 85 -18.50 -31.98 -20.52
C SER E 85 -18.58 -31.49 -21.96
N THR E 92 -21.99 -26.88 -12.81
CA THR E 92 -22.34 -25.55 -13.30
C THR E 92 -21.38 -24.51 -12.74
N GLU E 93 -21.36 -24.38 -11.41
CA GLU E 93 -20.45 -23.48 -10.73
C GLU E 93 -19.95 -24.16 -9.46
N ILE E 94 -18.63 -24.35 -9.39
CA ILE E 94 -17.97 -25.02 -8.28
C ILE E 94 -17.20 -23.96 -7.50
N THR E 95 -17.39 -23.92 -6.18
CA THR E 95 -16.76 -22.92 -5.33
C THR E 95 -15.81 -23.59 -4.34
N CYS E 96 -14.57 -23.11 -4.28
CA CYS E 96 -13.56 -23.58 -3.34
C CYS E 96 -12.79 -22.40 -2.80
N GLU E 97 -12.61 -22.35 -1.48
CA GLU E 97 -11.94 -21.19 -0.89
C GLU E 97 -10.44 -21.39 -0.65
N THR E 98 -10.05 -22.51 -0.05
CA THR E 98 -8.67 -22.74 0.32
C THR E 98 -8.04 -23.77 -0.60
N PHE E 99 -6.73 -23.96 -0.46
CA PHE E 99 -6.01 -24.87 -1.35
C PHE E 99 -6.38 -26.32 -1.08
N ASN E 100 -6.81 -26.64 0.15
CA ASN E 100 -7.23 -28.00 0.48
C ASN E 100 -8.49 -28.41 -0.27
N ASP E 101 -9.47 -27.50 -0.38
CA ASP E 101 -10.67 -27.81 -1.13
C ASP E 101 -10.41 -27.88 -2.62
N PHE E 102 -9.36 -27.20 -3.10
CA PHE E 102 -8.96 -27.32 -4.51
C PHE E 102 -8.50 -28.74 -4.84
N VAL E 103 -7.70 -29.35 -3.97
CA VAL E 103 -7.12 -30.66 -4.25
C VAL E 103 -8.20 -31.74 -4.18
N ARG E 104 -9.12 -31.62 -3.22
CA ARG E 104 -10.24 -32.56 -3.11
C ARG E 104 -11.16 -32.50 -4.32
N LEU E 105 -11.48 -31.29 -4.79
CA LEU E 105 -12.38 -31.16 -5.92
C LEU E 105 -11.70 -31.48 -7.25
N PHE E 106 -10.37 -31.30 -7.32
CA PHE E 106 -9.65 -31.58 -8.56
C PHE E 106 -9.67 -33.07 -8.88
N LYS E 107 -9.60 -33.91 -7.86
CA LYS E 107 -9.76 -35.35 -8.08
C LYS E 107 -11.19 -35.68 -8.49
N GLN E 108 -12.16 -34.90 -8.00
CA GLN E 108 -13.57 -35.13 -8.33
C GLN E 108 -13.86 -34.84 -9.80
N VAL E 109 -13.23 -33.82 -10.37
CA VAL E 109 -13.52 -33.49 -11.76
C VAL E 109 -12.75 -34.39 -12.73
N THR E 110 -11.60 -34.92 -12.31
CA THR E 110 -10.72 -35.67 -13.22
C THR E 110 -11.17 -37.12 -13.38
N THR E 111 -12.05 -37.62 -12.52
CA THR E 111 -12.48 -39.02 -12.58
C THR E 111 -13.53 -39.29 -13.65
N ALA E 112 -13.88 -38.31 -14.48
CA ALA E 112 -14.78 -38.53 -15.60
C ALA E 112 -14.14 -39.45 -16.64
N GLU E 113 -14.99 -40.06 -17.46
CA GLU E 113 -14.57 -41.15 -18.35
C GLU E 113 -13.58 -40.71 -19.42
N ASN E 114 -13.68 -39.46 -19.87
CA ASN E 114 -12.72 -38.98 -20.86
C ASN E 114 -11.36 -38.72 -20.22
N LEU E 115 -11.33 -38.47 -18.91
CA LEU E 115 -10.14 -37.93 -18.26
C LEU E 115 -9.51 -38.89 -17.27
N LYS E 116 -9.99 -40.14 -17.18
CA LYS E 116 -9.48 -41.05 -16.15
C LYS E 116 -8.09 -41.57 -16.50
N ASP E 117 -7.75 -41.67 -17.78
CA ASP E 117 -6.50 -42.29 -18.19
C ASP E 117 -5.70 -41.39 -19.15
N GLN E 118 -5.77 -40.08 -18.98
CA GLN E 118 -5.00 -39.15 -19.80
C GLN E 118 -4.19 -38.24 -18.91
N THR E 119 -3.23 -37.56 -19.53
CA THR E 119 -2.36 -36.63 -18.82
C THR E 119 -2.97 -35.23 -18.95
N VAL E 120 -3.52 -34.72 -17.86
CA VAL E 120 -4.16 -33.41 -17.85
C VAL E 120 -3.12 -32.35 -17.57
N TYR E 121 -3.13 -31.26 -18.34
CA TYR E 121 -2.14 -30.21 -18.21
C TYR E 121 -2.76 -28.93 -17.67
N ILE E 122 -1.98 -28.22 -16.84
CA ILE E 122 -2.32 -26.88 -16.38
C ILE E 122 -1.14 -25.95 -16.67
N VAL E 123 -1.16 -25.28 -17.81
CA VAL E 123 -0.11 -24.31 -18.12
C VAL E 123 -0.42 -23.00 -17.41
N LEU E 124 0.60 -22.41 -16.79
CA LEU E 124 0.49 -21.11 -16.14
C LEU E 124 1.43 -20.11 -16.81
N ASP E 125 0.91 -18.93 -17.12
CA ASP E 125 1.67 -17.89 -17.80
C ASP E 125 1.87 -16.73 -16.82
N LYS E 126 3.00 -16.04 -16.99
CA LYS E 126 3.46 -14.93 -16.13
C LYS E 126 3.58 -15.38 -14.67
N ALA E 127 4.56 -16.24 -14.43
CA ALA E 127 4.70 -16.90 -13.14
C ALA E 127 5.44 -16.08 -12.11
N GLU E 128 5.94 -14.89 -12.44
CA GLU E 128 6.69 -14.12 -11.46
C GLU E 128 5.79 -13.43 -10.43
N TYR E 129 4.48 -13.46 -10.61
CA TYR E 129 3.55 -12.88 -9.66
C TYR E 129 2.99 -13.88 -8.66
N LEU E 130 3.11 -15.19 -8.95
CA LEU E 130 2.52 -16.21 -8.10
C LEU E 130 3.14 -16.25 -6.71
N ARG E 131 4.43 -15.90 -6.61
CA ARG E 131 5.11 -15.90 -5.31
C ARG E 131 4.55 -14.84 -4.37
N ASP E 132 4.12 -13.69 -4.90
CA ASP E 132 3.59 -12.62 -4.06
C ASP E 132 2.24 -12.97 -3.44
N MET E 133 1.51 -13.90 -4.08
CA MET E 133 0.14 -14.25 -3.61
C MET E 133 0.22 -14.89 -2.23
N GLU E 134 0.91 -16.03 -2.09
CA GLU E 134 0.96 -16.74 -0.82
C GLU E 134 2.19 -17.63 -0.81
N ALA E 135 2.67 -17.92 0.40
CA ALA E 135 3.92 -18.68 0.55
C ALA E 135 3.74 -20.14 0.14
N ASN E 136 2.60 -20.73 0.46
CA ASN E 136 2.38 -22.16 0.23
C ASN E 136 1.73 -22.47 -1.13
N LEU E 137 1.47 -21.47 -1.96
CA LEU E 137 0.91 -21.76 -3.29
C LEU E 137 1.94 -22.37 -4.22
N LEU E 138 3.14 -21.81 -4.27
CA LEU E 138 4.18 -22.26 -5.18
C LEU E 138 4.68 -23.68 -4.86
N PRO E 139 4.91 -24.10 -3.60
CA PRO E 139 5.12 -25.55 -3.37
C PRO E 139 3.91 -26.41 -3.71
N GLY E 140 2.69 -25.86 -3.62
CA GLY E 140 1.50 -26.65 -3.89
C GLY E 140 1.41 -27.14 -5.32
N PHE E 141 1.74 -26.28 -6.29
CA PHE E 141 1.66 -26.70 -7.69
C PHE E 141 2.85 -27.55 -8.10
N LEU E 142 4.04 -27.31 -7.53
CA LEU E 142 5.22 -28.06 -7.92
C LEU E 142 5.12 -29.53 -7.54
N ARG E 143 4.47 -29.83 -6.41
CA ARG E 143 4.31 -31.20 -5.94
C ARG E 143 2.91 -31.73 -6.19
N LEU E 144 2.21 -31.20 -7.21
CA LEU E 144 0.78 -31.44 -7.36
C LEU E 144 0.49 -32.89 -7.77
N GLN E 145 1.38 -33.50 -8.55
CA GLN E 145 1.15 -34.88 -8.99
C GLN E 145 1.25 -35.87 -7.84
N GLU E 146 2.14 -35.62 -6.87
CA GLU E 146 2.24 -36.48 -5.71
C GLU E 146 1.04 -36.29 -4.78
N LEU E 147 0.55 -35.05 -4.68
CA LEU E 147 -0.59 -34.76 -3.82
C LEU E 147 -1.89 -35.29 -4.42
N ALA E 148 -2.22 -34.84 -5.63
CA ALA E 148 -3.51 -35.17 -6.23
C ALA E 148 -3.56 -36.62 -6.69
N ASP E 149 -2.43 -37.14 -7.17
CA ASP E 149 -2.27 -38.53 -7.67
C ASP E 149 -3.21 -38.78 -8.85
N ARG E 150 -3.27 -37.81 -9.77
CA ARG E 150 -4.20 -37.90 -10.90
C ARG E 150 -3.48 -37.64 -12.24
N ASN E 151 -2.19 -37.97 -12.30
CA ASN E 151 -1.36 -37.95 -13.52
C ASN E 151 -1.30 -36.56 -14.15
N VAL E 152 -0.76 -35.62 -13.39
CA VAL E 152 -0.84 -34.19 -13.71
C VAL E 152 0.55 -33.67 -14.04
N THR E 153 0.62 -32.80 -15.05
CA THR E 153 1.81 -32.03 -15.37
C THR E 153 1.47 -30.55 -15.28
N VAL E 154 2.36 -29.76 -14.68
CA VAL E 154 2.14 -28.33 -14.49
C VAL E 154 3.30 -27.57 -15.12
N LEU E 155 2.99 -26.61 -16.00
CA LEU E 155 3.98 -25.80 -16.69
C LEU E 155 4.03 -24.40 -16.09
N PHE E 156 5.20 -23.79 -16.14
CA PHE E 156 5.45 -22.46 -15.59
C PHE E 156 6.14 -21.59 -16.64
N LEU E 157 5.38 -20.69 -17.26
CA LEU E 157 5.95 -19.69 -18.15
C LEU E 157 6.33 -18.46 -17.34
N SER E 158 7.59 -18.05 -17.42
CA SER E 158 8.06 -16.86 -16.72
C SER E 158 9.25 -16.27 -17.46
N GLU E 159 9.68 -15.10 -17.01
CA GLU E 159 10.87 -14.46 -17.54
C GLU E 159 12.04 -14.39 -16.58
N ILE E 160 11.90 -14.89 -15.35
CA ILE E 160 12.95 -14.83 -14.34
C ILE E 160 13.54 -16.23 -14.14
N VAL E 161 14.83 -16.29 -13.85
CA VAL E 161 15.54 -17.55 -13.60
C VAL E 161 14.95 -18.29 -12.38
N TRP E 162 15.30 -19.58 -12.26
CA TRP E 162 14.66 -20.42 -11.25
C TRP E 162 15.11 -20.14 -9.82
N GLU E 163 16.38 -19.79 -9.62
CA GLU E 163 16.92 -19.66 -8.25
C GLU E 163 16.27 -18.54 -7.45
N LYS E 164 15.71 -17.54 -8.13
CA LYS E 164 14.91 -16.54 -7.43
C LYS E 164 13.59 -17.12 -6.94
N PHE E 165 12.98 -18.03 -7.70
CA PHE E 165 11.69 -18.59 -7.34
C PHE E 165 11.75 -19.50 -6.12
N ARG E 166 12.95 -19.99 -5.77
CA ARG E 166 13.07 -21.04 -4.77
C ARG E 166 12.65 -20.54 -3.38
N PRO E 167 11.74 -21.21 -2.70
CA PRO E 167 11.39 -20.86 -1.33
C PRO E 167 12.50 -21.25 -0.38
N ASN E 168 12.43 -20.68 0.84
CA ASN E 168 13.49 -20.89 1.82
C ASN E 168 13.46 -22.33 2.35
N THR E 169 12.28 -22.90 2.52
CA THR E 169 12.13 -24.21 3.15
C THR E 169 12.34 -25.37 2.19
N GLY E 170 12.51 -25.10 0.90
CA GLY E 170 12.78 -26.15 -0.07
C GLY E 170 11.52 -26.73 -0.68
N CYS E 171 11.69 -27.36 -1.84
CA CYS E 171 10.56 -27.87 -2.60
C CYS E 171 11.07 -28.93 -3.58
N PHE E 172 10.13 -29.60 -4.23
CA PHE E 172 10.46 -30.50 -5.34
C PHE E 172 11.08 -29.70 -6.47
N GLU E 173 12.11 -30.24 -7.08
CA GLU E 173 12.78 -29.40 -8.06
C GLU E 173 12.25 -29.67 -9.46
N PRO E 174 11.82 -28.64 -10.19
CA PRO E 174 11.41 -28.80 -11.58
C PRO E 174 12.57 -28.82 -12.55
N PHE E 175 12.34 -29.51 -13.66
CA PHE E 175 13.36 -29.66 -14.70
C PHE E 175 13.32 -28.43 -15.60
N VAL E 176 14.46 -27.75 -15.72
CA VAL E 176 14.53 -26.37 -16.21
C VAL E 176 14.89 -26.39 -17.69
N LEU E 177 14.00 -25.81 -18.53
CA LEU E 177 14.25 -25.65 -19.95
C LEU E 177 14.57 -24.20 -20.30
N TYR E 178 15.14 -24.00 -21.48
CA TYR E 178 15.44 -22.67 -21.97
C TYR E 178 15.01 -22.55 -23.42
N PHE E 179 14.19 -21.54 -23.72
CA PHE E 179 13.92 -21.18 -25.09
C PHE E 179 14.99 -20.22 -25.58
N PRO E 180 15.78 -20.62 -26.58
CA PRO E 180 16.90 -19.79 -27.01
C PRO E 180 16.44 -18.56 -27.78
N ASP E 181 17.25 -17.51 -27.66
CA ASP E 181 16.96 -16.25 -28.33
C ASP E 181 17.02 -16.37 -29.86
N TYR E 182 16.22 -15.55 -30.52
CA TYR E 182 16.26 -15.47 -31.97
C TYR E 182 17.52 -14.70 -32.38
N SER E 183 18.28 -15.26 -33.31
CA SER E 183 19.45 -14.58 -33.84
C SER E 183 19.03 -13.63 -34.96
N ILE E 184 20.00 -13.01 -35.64
CA ILE E 184 19.67 -12.03 -36.67
C ILE E 184 19.13 -12.72 -37.92
N GLY E 185 19.64 -13.90 -38.27
CA GLY E 185 19.03 -14.67 -39.33
C GLY E 185 17.71 -15.29 -38.92
N ASN E 186 17.61 -15.69 -37.65
CA ASN E 186 16.42 -16.35 -37.12
C ASN E 186 15.24 -15.38 -37.08
N LEU E 187 15.51 -14.11 -36.75
CA LEU E 187 14.48 -13.08 -36.84
C LEU E 187 14.00 -12.88 -38.27
N GLN E 188 14.92 -12.99 -39.25
CA GLN E 188 14.63 -12.68 -40.64
C GLN E 188 13.62 -13.64 -41.24
N LYS E 189 13.72 -14.92 -40.92
CA LYS E 189 12.85 -15.92 -41.54
C LYS E 189 11.41 -15.83 -41.02
N ILE E 190 11.24 -15.47 -39.73
CA ILE E 190 9.90 -15.32 -39.18
C ILE E 190 9.20 -14.10 -39.79
N LEU E 191 9.92 -12.99 -39.93
CA LEU E 191 9.33 -11.76 -40.45
C LEU E 191 9.01 -11.88 -41.94
N SER E 192 9.84 -12.60 -42.69
CA SER E 192 9.65 -12.75 -44.13
C SER E 192 8.76 -13.93 -44.48
N HIS E 193 7.84 -14.30 -43.60
CA HIS E 193 6.91 -15.39 -43.83
C HIS E 193 5.50 -14.91 -44.16
N ASP E 194 4.96 -13.97 -43.38
CA ASP E 194 3.64 -13.41 -43.63
C ASP E 194 3.74 -12.27 -44.64
N HIS E 195 3.70 -12.63 -45.92
CA HIS E 195 3.89 -11.69 -47.00
C HIS E 195 2.66 -10.80 -47.21
N PRO E 196 2.86 -9.60 -47.76
CA PRO E 196 1.76 -8.90 -48.42
C PRO E 196 1.60 -9.41 -49.85
N PRO E 197 0.37 -9.82 -50.22
CA PRO E 197 0.20 -10.61 -51.47
C PRO E 197 0.49 -9.86 -52.75
N GLU E 198 0.30 -8.53 -52.78
CA GLU E 198 0.43 -7.80 -54.04
C GLU E 198 1.88 -7.69 -54.51
N TYR E 199 2.84 -7.70 -53.59
CA TYR E 199 4.25 -7.70 -53.97
C TYR E 199 4.89 -9.08 -53.90
N SER E 200 6.10 -9.16 -54.45
CA SER E 200 6.84 -10.40 -54.57
C SER E 200 7.40 -10.86 -53.22
N ALA E 201 7.92 -12.09 -53.22
CA ALA E 201 8.49 -12.64 -52.00
C ALA E 201 9.88 -12.08 -51.70
N ASP E 202 10.67 -11.79 -52.72
CA ASP E 202 12.00 -11.22 -52.51
C ASP E 202 11.95 -9.71 -52.32
N PHE E 203 10.83 -9.09 -52.66
CA PHE E 203 10.67 -7.67 -52.41
C PHE E 203 10.48 -7.38 -50.92
N TYR E 204 9.73 -8.24 -50.22
CA TYR E 204 9.47 -8.02 -48.80
C TYR E 204 10.69 -8.38 -47.95
N ALA E 205 11.51 -9.34 -48.41
CA ALA E 205 12.68 -9.76 -47.65
C ALA E 205 13.75 -8.67 -47.62
N ALA E 206 13.94 -7.95 -48.72
CA ALA E 206 14.91 -6.86 -48.75
C ALA E 206 14.49 -5.71 -47.85
N TYR E 207 13.17 -5.50 -47.70
CA TYR E 207 12.67 -4.53 -46.74
C TYR E 207 12.98 -4.93 -45.30
N ILE E 208 12.88 -6.23 -44.99
CA ILE E 208 13.26 -6.73 -43.67
C ILE E 208 14.77 -6.60 -43.46
N ASN E 209 15.55 -6.76 -44.53
CA ASN E 209 17.01 -6.70 -44.44
C ASN E 209 17.47 -5.31 -44.02
N ILE E 210 16.89 -4.26 -44.60
CA ILE E 210 17.32 -2.91 -44.26
C ILE E 210 16.74 -2.45 -42.93
N LEU E 211 15.56 -2.95 -42.55
CA LEU E 211 14.93 -2.54 -41.30
C LEU E 211 15.72 -3.05 -40.09
N LEU E 212 16.14 -4.31 -40.14
CA LEU E 212 17.03 -4.85 -39.10
C LEU E 212 18.42 -4.23 -39.15
N GLY E 213 18.77 -3.55 -40.25
CA GLY E 213 20.02 -2.82 -40.30
C GLY E 213 20.11 -1.72 -39.27
N VAL E 214 19.04 -0.94 -39.11
CA VAL E 214 19.03 0.11 -38.09
C VAL E 214 18.66 -0.46 -36.73
N PHE E 215 17.63 -1.31 -36.67
CA PHE E 215 16.87 -1.56 -35.45
C PHE E 215 17.30 -2.81 -34.69
N TYR E 216 18.34 -3.52 -35.13
CA TYR E 216 18.78 -4.67 -34.34
C TYR E 216 19.54 -4.24 -33.09
N THR E 217 20.21 -3.08 -33.16
CA THR E 217 21.04 -2.60 -32.06
C THR E 217 20.21 -2.33 -30.80
N VAL E 218 19.06 -1.69 -30.95
CA VAL E 218 18.26 -1.36 -29.77
C VAL E 218 17.14 -2.37 -29.51
N CYS E 219 16.92 -3.31 -30.40
CA CYS E 219 15.78 -4.22 -30.24
C CYS E 219 16.09 -5.59 -30.80
N ARG E 220 15.98 -6.62 -29.96
CA ARG E 220 15.90 -8.01 -30.41
C ARG E 220 14.55 -8.61 -30.08
N ASP E 221 13.55 -7.80 -29.79
CA ASP E 221 12.20 -8.26 -29.49
C ASP E 221 11.47 -8.50 -30.81
N LEU E 222 10.82 -9.66 -30.92
CA LEU E 222 10.03 -9.95 -32.11
C LEU E 222 8.78 -9.08 -32.20
N LYS E 223 8.13 -8.83 -31.06
CA LYS E 223 6.87 -8.10 -31.02
C LYS E 223 7.04 -6.65 -31.50
N GLU E 224 8.10 -5.98 -31.06
CA GLU E 224 8.33 -4.60 -31.44
C GLU E 224 8.71 -4.46 -32.91
N LEU E 225 9.58 -5.35 -33.40
CA LEU E 225 10.10 -5.18 -34.76
C LEU E 225 9.05 -5.52 -35.82
N ARG E 226 8.14 -6.46 -35.51
CA ARG E 226 7.03 -6.75 -36.42
C ARG E 226 6.09 -5.57 -36.54
N HIS E 227 5.82 -4.88 -35.42
CA HIS E 227 5.01 -3.68 -35.44
C HIS E 227 5.72 -2.55 -36.17
N LEU E 228 7.04 -2.43 -36.01
CA LEU E 228 7.81 -1.45 -36.76
C LEU E 228 7.89 -1.81 -38.24
N ALA E 229 7.78 -3.09 -38.58
CA ALA E 229 7.83 -3.48 -39.98
C ALA E 229 6.55 -3.10 -40.73
N VAL E 230 5.40 -3.14 -40.05
CA VAL E 230 4.13 -2.84 -40.72
C VAL E 230 4.02 -1.37 -41.06
N LEU E 231 4.41 -0.49 -40.12
CA LEU E 231 4.14 0.94 -40.27
C LEU E 231 4.99 1.59 -41.35
N ASN E 232 6.28 1.22 -41.45
CA ASN E 232 7.15 1.85 -42.42
C ASN E 232 7.08 1.21 -43.80
N PHE E 233 6.33 0.11 -43.95
CA PHE E 233 6.15 -0.50 -45.27
C PHE E 233 5.46 0.38 -46.32
N PRO E 234 4.42 1.19 -46.03
CA PRO E 234 3.93 2.12 -47.08
C PRO E 234 4.96 3.14 -47.55
N LYS E 235 5.86 3.61 -46.68
CA LYS E 235 6.91 4.51 -47.12
C LYS E 235 7.91 3.81 -48.04
N TYR E 236 8.19 2.54 -47.77
CA TYR E 236 9.17 1.79 -48.57
C TYR E 236 8.68 1.55 -49.99
N CYS E 237 7.38 1.27 -50.15
CA CYS E 237 6.83 0.87 -51.44
C CYS E 237 6.24 2.02 -52.24
N GLU E 238 6.38 3.27 -51.80
CA GLU E 238 5.88 4.38 -52.60
C GLU E 238 6.75 4.83 -53.78
N PRO E 239 8.11 4.72 -53.80
CA PRO E 239 8.81 5.08 -55.05
C PRO E 239 8.47 4.20 -56.25
N VAL E 240 8.18 2.92 -56.05
CA VAL E 240 7.80 2.07 -57.18
C VAL E 240 6.38 2.39 -57.64
N VAL E 241 5.51 2.83 -56.72
CA VAL E 241 4.15 3.22 -57.09
C VAL E 241 4.17 4.50 -57.92
N LYS E 242 4.98 5.48 -57.50
CA LYS E 242 5.11 6.73 -58.26
C LYS E 242 5.76 6.48 -59.63
N GLY E 243 6.73 5.58 -59.69
CA GLY E 243 7.41 5.26 -60.94
C GLY E 243 8.85 5.68 -61.01
N GLU E 244 9.41 6.24 -59.93
CA GLU E 244 10.83 6.61 -59.94
C GLU E 244 11.73 5.39 -59.93
N ALA E 245 11.34 4.33 -59.25
CA ALA E 245 12.19 3.15 -59.08
C ALA E 245 11.47 1.90 -59.57
N SER E 246 12.15 0.77 -59.45
CA SER E 246 11.60 -0.54 -59.76
C SER E 246 12.01 -1.52 -58.67
N GLU E 247 11.53 -2.76 -58.80
CA GLU E 247 11.87 -3.79 -57.81
C GLU E 247 13.34 -4.18 -57.87
N ARG E 248 13.99 -4.00 -59.02
CA ARG E 248 15.41 -4.31 -59.16
C ARG E 248 16.30 -3.13 -58.84
N ASP E 249 15.73 -1.96 -58.55
CA ASP E 249 16.50 -0.79 -58.13
C ASP E 249 16.56 -0.75 -56.60
N THR E 250 17.38 -1.65 -56.05
CA THR E 250 17.50 -1.80 -54.60
C THR E 250 18.10 -0.56 -53.94
N ARG E 251 19.11 0.05 -54.56
CA ARG E 251 19.76 1.20 -53.95
C ARG E 251 18.88 2.45 -54.00
N LYS E 252 17.88 2.48 -54.88
CA LYS E 252 16.82 3.48 -54.77
C LYS E 252 15.92 3.20 -53.57
N LEU E 253 15.52 1.94 -53.41
CA LEU E 253 14.53 1.60 -52.34
C LEU E 253 15.13 1.83 -50.97
N TRP E 254 16.39 1.42 -50.77
CA TRP E 254 17.00 1.49 -49.42
C TRP E 254 17.37 2.95 -49.09
N ARG E 255 17.59 3.79 -50.10
CA ARG E 255 17.99 5.19 -49.85
C ARG E 255 16.77 6.02 -49.44
N ASN E 256 15.57 5.61 -49.86
CA ASN E 256 14.34 6.32 -49.46
C ASN E 256 14.05 6.02 -47.98
N ILE E 257 14.27 4.78 -47.56
CA ILE E 257 13.90 4.37 -46.17
C ILE E 257 15.06 4.67 -45.20
N GLU E 258 16.25 4.96 -45.72
CA GLU E 258 17.44 5.17 -44.84
C GLU E 258 17.19 6.26 -43.78
N PRO E 259 16.98 7.56 -44.13
CA PRO E 259 16.82 8.58 -43.08
C PRO E 259 15.45 8.44 -42.39
N HIS E 260 14.46 7.87 -43.09
CA HIS E 260 13.09 7.77 -42.51
C HIS E 260 13.12 6.88 -41.27
N LEU E 261 13.98 5.85 -41.25
CA LEU E 261 13.99 4.93 -40.13
C LEU E 261 14.70 5.50 -38.91
N LYS E 262 15.65 6.41 -39.13
CA LYS E 262 16.36 7.03 -38.01
C LYS E 262 15.53 8.10 -37.30
N LYS E 263 14.37 8.45 -37.84
CA LYS E 263 13.37 9.23 -37.12
C LYS E 263 12.31 8.35 -36.46
N ALA E 264 12.10 7.15 -37.00
CA ALA E 264 11.18 6.21 -36.37
C ALA E 264 11.71 5.78 -35.00
N MET E 265 13.03 5.68 -34.86
CA MET E 265 13.62 5.23 -33.60
C MET E 265 13.45 6.25 -32.48
N GLN E 266 13.56 7.55 -32.81
CA GLN E 266 13.31 8.55 -31.79
C GLN E 266 11.81 8.73 -31.52
N THR E 267 10.98 8.63 -32.55
CA THR E 267 9.59 9.06 -32.38
C THR E 267 8.62 7.91 -32.15
N VAL E 268 8.51 6.99 -33.11
CA VAL E 268 7.54 5.92 -33.00
C VAL E 268 7.97 4.89 -31.97
N TYR E 269 9.28 4.63 -31.89
CA TYR E 269 9.82 3.59 -31.01
C TYR E 269 9.68 3.98 -29.54
N LEU E 270 9.80 5.27 -29.23
CA LEU E 270 9.60 5.76 -27.87
C LEU E 270 8.18 6.20 -27.58
N ARG E 271 7.24 5.94 -28.50
CA ARG E 271 5.81 6.21 -28.33
C ARG E 271 5.53 7.68 -28.05
N GLU E 272 6.31 8.56 -28.67
CA GLU E 272 6.02 9.99 -28.55
C GLU E 272 4.93 10.38 -29.55
N ILE E 273 5.18 10.18 -30.83
CA ILE E 273 4.13 10.24 -31.85
C ILE E 273 3.55 8.84 -31.99
N SER E 274 2.24 8.73 -31.78
CA SER E 274 1.59 7.43 -31.77
C SER E 274 1.53 6.83 -33.17
N SER E 275 1.27 5.52 -33.21
CA SER E 275 1.24 4.78 -34.46
C SER E 275 0.10 5.24 -35.37
N SER E 276 -1.01 5.65 -34.77
CA SER E 276 -2.14 6.17 -35.55
C SER E 276 -1.75 7.46 -36.28
N GLN E 277 -1.04 8.36 -35.59
CA GLN E 277 -0.56 9.57 -36.25
C GLN E 277 0.46 9.26 -37.34
N TRP E 278 1.36 8.30 -37.07
CA TRP E 278 2.47 8.03 -37.99
C TRP E 278 2.00 7.42 -39.30
N GLU E 279 0.91 6.65 -39.25
CA GLU E 279 0.29 6.18 -40.49
C GLU E 279 -0.27 7.36 -41.28
N LYS E 280 -0.93 8.30 -40.61
CA LYS E 280 -1.57 9.43 -41.29
C LYS E 280 -0.54 10.41 -41.84
N LEU E 281 0.61 10.54 -41.17
CA LEU E 281 1.61 11.55 -41.56
C LEU E 281 2.19 11.28 -42.95
N GLN E 282 2.46 10.02 -43.27
CA GLN E 282 2.92 9.70 -44.61
C GLN E 282 1.77 9.62 -45.62
N LYS E 283 0.55 9.33 -45.16
CA LYS E 283 -0.58 9.33 -46.09
C LYS E 283 -0.95 10.77 -46.46
N ASP E 284 -0.78 11.71 -45.51
CA ASP E 284 -0.97 13.13 -45.82
C ASP E 284 0.20 13.73 -46.59
N ASP E 285 1.34 13.04 -46.67
CA ASP E 285 2.59 13.53 -47.28
C ASP E 285 3.08 14.84 -46.66
N TYR E 304 2.21 33.16 -9.31
CA TYR E 304 3.37 34.04 -9.22
C TYR E 304 4.20 33.60 -8.02
N TYR E 305 3.58 33.51 -6.85
CA TYR E 305 4.26 32.99 -5.66
C TYR E 305 4.55 31.50 -5.79
N SER E 306 3.72 30.77 -6.55
CA SER E 306 4.00 29.37 -6.85
C SER E 306 5.28 29.24 -7.66
N LYS E 307 5.56 30.21 -8.52
CA LYS E 307 6.75 30.16 -9.37
C LYS E 307 8.03 30.37 -8.57
N PHE E 308 7.99 31.23 -7.55
CA PHE E 308 9.16 31.39 -6.68
C PHE E 308 9.41 30.17 -5.78
N ILE E 309 8.35 29.60 -5.19
CA ILE E 309 8.53 28.57 -4.17
C ILE E 309 9.10 27.29 -4.78
N LEU E 310 8.83 27.03 -6.06
CA LEU E 310 9.48 25.90 -6.72
C LEU E 310 10.95 26.21 -7.02
N ILE E 311 11.25 27.47 -7.38
CA ILE E 311 12.64 27.90 -7.49
C ILE E 311 13.33 27.89 -6.12
N ALA E 312 12.59 28.22 -5.06
CA ALA E 312 13.19 28.26 -3.72
C ALA E 312 13.58 26.86 -3.23
N ALA E 313 12.73 25.86 -3.47
CA ALA E 313 13.04 24.50 -3.04
C ALA E 313 14.16 23.90 -3.88
N TYR E 314 14.23 24.26 -5.17
CA TYR E 314 15.32 23.82 -6.02
C TYR E 314 16.65 24.41 -5.59
N LEU E 315 16.64 25.63 -5.07
CA LEU E 315 17.84 26.15 -4.43
C LEU E 315 18.06 25.50 -3.07
N ALA E 316 16.98 25.10 -2.40
CA ALA E 316 17.10 24.45 -1.10
C ALA E 316 17.67 23.04 -1.22
N SER E 317 17.16 22.25 -2.17
CA SER E 317 17.52 20.84 -2.26
C SER E 317 18.93 20.65 -2.82
N TYR E 318 19.30 21.41 -3.85
CA TYR E 318 20.48 21.13 -4.64
C TYR E 318 21.64 22.07 -4.34
N ASN E 319 21.71 22.63 -3.13
CA ASN E 319 22.84 23.46 -2.73
C ASN E 319 23.31 23.07 -1.33
N PRO E 320 24.61 23.16 -1.05
CA PRO E 320 25.08 22.97 0.32
C PRO E 320 24.69 24.15 1.21
N ALA E 321 24.50 23.86 2.50
CA ALA E 321 24.09 24.89 3.46
C ALA E 321 25.23 25.84 3.81
N ARG E 322 26.48 25.42 3.60
CA ARG E 322 27.62 26.26 3.95
C ARG E 322 27.72 27.49 3.04
N THR E 323 27.44 27.33 1.76
CA THR E 323 27.52 28.43 0.81
C THR E 323 26.20 29.20 0.70
N ASP E 324 25.20 28.86 1.51
CA ASP E 324 23.91 29.54 1.52
C ASP E 324 24.07 31.02 1.84
N LYS E 325 24.92 31.35 2.82
CA LYS E 325 25.09 32.74 3.23
C LYS E 325 25.75 33.59 2.16
N ARG E 326 26.63 33.01 1.35
CA ARG E 326 27.39 33.79 0.38
C ARG E 326 26.51 34.26 -0.78
N PHE E 327 25.68 33.36 -1.30
CA PHE E 327 24.96 33.64 -2.54
C PHE E 327 23.81 34.63 -2.32
N PHE E 328 23.05 34.47 -1.23
CA PHE E 328 21.76 35.12 -1.09
C PHE E 328 21.81 36.42 -0.30
N LEU E 329 22.45 36.40 0.87
CA LEU E 329 22.51 37.59 1.72
C LEU E 329 23.37 38.68 1.07
N LYS E 330 24.47 38.30 0.45
CA LYS E 330 25.28 39.23 -0.33
C LYS E 330 24.93 39.09 -1.81
N HIS E 350 24.44 18.52 -8.67
CA HIS E 350 23.18 18.02 -9.21
C HIS E 350 23.11 16.50 -9.18
N LEU E 351 24.22 15.84 -9.49
CA LEU E 351 24.33 14.40 -9.32
C LEU E 351 24.44 14.08 -7.82
N LEU E 352 24.12 12.81 -7.48
CA LEU E 352 23.73 12.20 -6.19
C LEU E 352 22.29 12.55 -5.80
N GLY E 353 21.58 13.33 -6.59
CA GLY E 353 20.16 13.55 -6.38
C GLY E 353 19.83 14.55 -5.29
N PRO E 354 18.55 14.62 -4.91
CA PRO E 354 18.12 15.61 -3.93
C PRO E 354 18.67 15.33 -2.54
N LYS E 355 18.78 16.41 -1.77
CA LYS E 355 19.08 16.37 -0.36
C LYS E 355 17.92 16.96 0.40
N PRO E 356 17.42 16.29 1.44
CA PRO E 356 16.28 16.85 2.19
C PRO E 356 16.68 18.06 3.02
N PHE E 357 15.80 19.05 3.01
CA PHE E 357 16.00 20.38 3.58
C PHE E 357 14.90 20.71 4.59
N PRO E 358 15.19 21.57 5.58
CA PRO E 358 14.14 22.05 6.47
C PRO E 358 13.38 23.24 5.90
N LEU E 359 12.14 23.38 6.38
CA LEU E 359 11.26 24.46 5.94
C LEU E 359 11.80 25.82 6.36
N ASP E 360 12.52 25.88 7.48
CA ASP E 360 13.09 27.15 7.92
C ASP E 360 14.21 27.61 6.99
N ARG E 361 14.92 26.68 6.34
CA ARG E 361 15.82 27.08 5.27
C ARG E 361 15.03 27.55 4.05
N LEU E 362 13.89 26.90 3.78
CA LEU E 362 13.11 27.17 2.58
C LEU E 362 12.52 28.58 2.58
N LEU E 363 11.87 28.96 3.68
CA LEU E 363 11.24 30.28 3.76
C LEU E 363 12.29 31.39 3.80
N ALA E 364 13.48 31.11 4.33
CA ALA E 364 14.55 32.10 4.37
C ALA E 364 15.04 32.45 2.98
N ILE E 365 15.15 31.44 2.11
CA ILE E 365 15.57 31.68 0.73
C ILE E 365 14.50 32.46 -0.03
N LEU E 366 13.23 32.20 0.26
CA LEU E 366 12.12 32.81 -0.47
C LEU E 366 12.06 34.32 -0.26
N TYR E 367 12.24 34.79 0.97
CA TYR E 367 12.25 36.22 1.22
C TYR E 367 13.50 36.90 0.67
N SER E 368 14.57 36.14 0.43
CA SER E 368 15.81 36.71 -0.08
C SER E 368 15.81 36.97 -1.58
N ILE E 369 14.97 36.27 -2.34
CA ILE E 369 14.95 36.44 -3.79
C ILE E 369 13.80 37.31 -4.28
N VAL E 370 12.69 37.37 -3.55
CA VAL E 370 11.60 38.27 -3.90
C VAL E 370 11.98 39.66 -3.39
N ASP E 371 12.09 40.62 -4.31
CA ASP E 371 12.56 41.96 -3.97
C ASP E 371 11.45 42.87 -3.48
N SER E 372 10.68 42.38 -2.49
CA SER E 372 9.55 43.10 -1.93
C SER E 372 9.19 42.48 -0.59
N ARG E 373 8.41 43.22 0.19
CA ARG E 373 7.82 42.67 1.40
C ARG E 373 6.75 41.66 1.02
N VAL E 374 6.84 40.46 1.58
CA VAL E 374 5.84 39.43 1.38
C VAL E 374 5.26 39.05 2.73
N ALA E 375 3.93 39.12 2.85
CA ALA E 375 3.34 38.69 4.10
C ALA E 375 3.27 37.17 4.16
N PRO E 376 3.52 36.56 5.34
CA PRO E 376 3.42 35.10 5.45
C PRO E 376 1.97 34.63 5.58
N THR E 377 1.20 34.85 4.51
CA THR E 377 -0.22 34.57 4.53
C THR E 377 -0.51 33.08 4.58
N ALA E 378 -1.79 32.76 4.75
CA ALA E 378 -2.20 31.37 4.77
C ALA E 378 -2.00 30.70 3.42
N ASN E 379 -2.21 31.46 2.34
CA ASN E 379 -2.12 30.90 0.99
C ASN E 379 -0.70 30.49 0.64
N ILE E 380 0.29 31.32 1.02
CA ILE E 380 1.68 31.02 0.67
C ILE E 380 2.17 29.82 1.48
N PHE E 381 1.62 29.61 2.66
CA PHE E 381 1.84 28.35 3.34
C PHE E 381 0.94 27.25 2.77
N SER E 382 -0.23 27.61 2.24
CA SER E 382 -1.05 26.61 1.56
C SER E 382 -0.44 26.22 0.21
N GLN E 383 0.31 27.13 -0.41
CA GLN E 383 0.81 26.89 -1.77
C GLN E 383 1.99 25.91 -1.78
N ILE E 384 2.72 25.82 -0.68
CA ILE E 384 3.84 24.88 -0.61
C ILE E 384 3.35 23.45 -0.70
N THR E 385 2.31 23.11 0.04
CA THR E 385 1.78 21.75 0.01
C THR E 385 0.85 21.48 -1.16
N SER E 386 0.54 22.50 -1.96
CA SER E 386 -0.12 22.24 -3.24
C SER E 386 0.85 21.64 -4.24
N LEU E 387 2.12 22.02 -4.16
CA LEU E 387 3.13 21.44 -5.03
C LEU E 387 3.40 19.97 -4.67
N VAL E 388 3.32 19.64 -3.37
CA VAL E 388 3.54 18.26 -2.92
C VAL E 388 2.48 17.33 -3.47
N THR E 389 1.21 17.73 -3.36
CA THR E 389 0.11 16.90 -3.86
C THR E 389 0.11 16.84 -5.38
N LEU E 390 0.72 17.83 -6.04
CA LEU E 390 0.91 17.79 -7.48
C LEU E 390 2.15 17.00 -7.90
N GLN E 391 2.90 16.45 -6.93
CA GLN E 391 4.13 15.66 -7.08
C GLN E 391 5.32 16.46 -7.58
N LEU E 392 5.23 17.78 -7.68
CA LEU E 392 6.42 18.56 -7.98
C LEU E 392 7.35 18.64 -6.77
N LEU E 393 6.80 18.53 -5.56
CA LEU E 393 7.59 18.38 -4.34
C LEU E 393 7.18 17.09 -3.65
N THR E 394 8.03 16.64 -2.72
CA THR E 394 7.73 15.46 -1.91
C THR E 394 8.32 15.63 -0.52
N LEU E 395 7.51 15.35 0.50
CA LEU E 395 8.01 15.33 1.86
C LEU E 395 8.72 14.01 2.14
N VAL E 396 9.72 14.05 3.02
CA VAL E 396 10.43 12.85 3.46
C VAL E 396 10.26 12.71 4.97
N GLY E 397 10.33 11.48 5.44
CA GLY E 397 10.26 11.19 6.86
C GLY E 397 8.87 11.05 7.45
N HIS E 398 8.04 12.09 7.28
CA HIS E 398 6.69 12.18 7.85
C HIS E 398 6.68 12.04 9.37
N ASP E 399 7.73 12.54 10.04
CA ASP E 399 7.78 12.50 11.50
C ASP E 399 6.74 13.44 12.10
N ASP E 400 6.70 14.69 11.63
CA ASP E 400 5.68 15.67 11.96
C ASP E 400 5.18 16.31 10.68
N GLN E 401 4.04 17.01 10.80
CA GLN E 401 3.49 17.72 9.65
C GLN E 401 3.72 19.22 9.73
N LEU E 402 3.19 19.89 10.77
CA LEU E 402 3.42 21.33 10.90
C LEU E 402 4.81 21.63 11.43
N ASP E 403 5.32 20.81 12.35
CA ASP E 403 6.71 20.93 12.78
C ASP E 403 7.60 19.90 12.09
N GLY E 404 7.14 19.35 10.97
CA GLY E 404 7.96 18.51 10.14
C GLY E 404 8.50 19.29 8.96
N PRO E 405 9.76 19.71 9.04
CA PRO E 405 10.31 20.66 8.06
C PRO E 405 10.78 20.03 6.77
N LYS E 406 10.89 18.71 6.76
CA LYS E 406 11.53 17.97 5.68
C LYS E 406 10.71 17.97 4.39
N TYR E 407 11.38 18.27 3.27
CA TYR E 407 10.84 18.23 1.91
C TYR E 407 11.96 17.96 0.92
N LYS E 408 11.57 17.64 -0.32
CA LYS E 408 12.52 17.62 -1.43
C LYS E 408 11.88 18.28 -2.65
N CYS E 409 12.74 18.76 -3.55
CA CYS E 409 12.31 19.34 -4.82
C CYS E 409 12.54 18.28 -5.90
N THR E 410 11.50 17.49 -6.20
CA THR E 410 11.60 16.42 -7.18
C THR E 410 11.10 16.89 -8.56
N VAL E 411 11.97 17.65 -9.23
CA VAL E 411 11.72 18.09 -10.59
C VAL E 411 13.08 18.33 -11.24
N SER E 412 13.11 18.28 -12.57
CA SER E 412 14.34 18.30 -13.34
C SER E 412 14.86 19.72 -13.51
N LEU E 413 16.08 19.82 -14.06
CA LEU E 413 16.73 21.11 -14.24
C LEU E 413 16.02 21.94 -15.29
N ASP E 414 15.53 21.31 -16.37
CA ASP E 414 14.96 22.06 -17.48
C ASP E 414 13.64 22.74 -17.11
N PHE E 415 12.88 22.11 -16.21
CA PHE E 415 11.57 22.64 -15.82
C PHE E 415 11.72 23.92 -15.00
N ILE E 416 12.85 24.05 -14.28
CA ILE E 416 13.10 25.24 -13.47
C ILE E 416 13.61 26.42 -14.30
N ARG E 417 14.34 26.16 -15.37
CA ARG E 417 14.96 27.25 -16.13
C ARG E 417 13.98 28.03 -17.00
N ALA E 418 12.82 27.44 -17.32
CA ALA E 418 11.82 28.19 -18.07
C ALA E 418 10.95 29.04 -17.15
N ILE E 419 10.60 28.50 -15.97
CA ILE E 419 9.87 29.27 -14.97
C ILE E 419 10.73 30.42 -14.46
N ALA E 420 12.03 30.19 -14.30
CA ALA E 420 12.97 31.27 -14.00
C ALA E 420 13.01 32.30 -15.13
N ARG E 421 12.96 31.83 -16.38
CA ARG E 421 12.96 32.73 -17.53
C ARG E 421 11.63 33.49 -17.63
N THR E 422 10.53 32.85 -17.19
CA THR E 422 9.22 33.50 -17.21
C THR E 422 9.15 34.73 -16.32
N VAL E 423 9.66 34.62 -15.08
CA VAL E 423 9.57 35.71 -14.12
C VAL E 423 10.81 36.61 -14.20
N ASN E 424 11.71 36.34 -15.15
CA ASN E 424 13.01 37.02 -15.33
C ASN E 424 13.86 36.91 -14.06
N PHE E 425 14.23 35.66 -13.76
CA PHE E 425 15.13 35.32 -12.66
C PHE E 425 16.22 34.41 -13.19
N ASP E 426 17.41 34.50 -12.59
CA ASP E 426 18.59 33.76 -13.04
C ASP E 426 18.85 32.65 -12.04
N ILE E 427 18.40 31.43 -12.37
CA ILE E 427 18.64 30.27 -11.52
C ILE E 427 20.10 29.84 -11.58
N ILE E 428 20.78 30.13 -12.70
CA ILE E 428 22.15 29.67 -12.92
C ILE E 428 23.12 30.36 -11.95
N LYS E 429 22.86 31.63 -11.63
CA LYS E 429 23.76 32.42 -10.80
C LYS E 429 23.87 31.90 -9.38
N TYR E 430 22.80 31.29 -8.86
CA TYR E 430 22.80 30.83 -7.48
C TYR E 430 23.22 29.38 -7.30
N LEU E 431 23.25 28.58 -8.37
CA LEU E 431 23.47 27.14 -8.21
C LEU E 431 24.92 26.81 -7.84
N TYR E 432 25.88 27.36 -8.59
CA TYR E 432 27.30 27.10 -8.39
C TYR E 432 28.10 28.17 -9.11
N ASP E 433 29.36 28.33 -8.71
CA ASP E 433 30.20 29.40 -9.22
C ASP E 433 30.84 29.06 -10.57
PG ATP H . 1.78 -29.74 32.99
O1G ATP H . 2.51 -29.26 34.20
O2G ATP H . 2.52 -29.55 31.69
O3G ATP H . 0.32 -29.34 32.96
PB ATP H . 1.25 -32.01 34.53
O1B ATP H . -0.14 -31.53 34.82
O2B ATP H . 2.34 -31.82 35.56
O3B ATP H . 1.73 -31.34 33.16
PA ATP H . 1.61 -34.72 35.15
O1A ATP H . 0.65 -34.68 36.32
O2A ATP H . 3.10 -34.57 35.33
O3A ATP H . 1.18 -33.56 34.11
O5' ATP H . 1.39 -36.10 34.36
C5' ATP H . 2.55 -36.83 34.00
C4' ATP H . 2.42 -38.33 34.19
O4' ATP H . 3.62 -38.76 34.85
C3' ATP H . 1.25 -38.70 35.08
O3' ATP H . 0.27 -39.41 34.33
C2' ATP H . 1.83 -39.61 36.15
O2' ATP H . 1.33 -40.94 35.98
C1' ATP H . 3.33 -39.65 35.93
N9 ATP H . 3.99 -39.17 37.16
C8 ATP H . 4.72 -38.05 37.27
N7 ATP H . 5.20 -37.89 38.52
C5 ATP H . 4.75 -38.93 39.25
C6 ATP H . 4.89 -39.37 40.66
N6 ATP H . 5.61 -38.65 41.54
N1 ATP H . 4.28 -40.52 41.01
C2 ATP H . 3.58 -41.25 40.13
N3 ATP H . 3.41 -40.90 38.85
C4 ATP H . 3.96 -39.77 38.34
MG MG I . -1.15 -30.85 33.11
K K J . -19.88 24.81 6.52
PG ATP K . 9.70 -35.26 1.22
O1G ATP K . 8.92 -35.09 2.50
O2G ATP K . 10.99 -34.48 1.13
O3G ATP K . 8.82 -35.18 0.00
PB ATP K . 10.95 -37.55 0.12
O1B ATP K . 12.22 -38.10 0.72
O2B ATP K . 10.98 -36.68 -1.10
O3B ATP K . 10.15 -36.81 1.30
PA ATP K . 10.03 -39.76 -1.44
O1A ATP K . 8.81 -39.43 -2.25
O2A ATP K . 10.18 -41.16 -0.93
O3A ATP K . 9.97 -38.81 -0.15
O5' ATP K . 11.35 -39.32 -2.28
C5' ATP K . 12.49 -40.16 -2.38
C4' ATP K . 12.59 -40.89 -3.72
O4' ATP K . 13.93 -41.38 -3.87
C3' ATP K . 11.67 -42.09 -3.75
O3' ATP K . 11.14 -42.28 -5.06
C2' ATP K . 12.57 -43.25 -3.40
O2' ATP K . 12.17 -44.42 -4.12
C1' ATP K . 13.97 -42.80 -3.82
N9 ATP K . 14.94 -43.22 -2.79
C8 ATP K . 15.73 -42.38 -2.10
N7 ATP K . 16.52 -43.05 -1.21
C5 ATP K . 16.23 -44.35 -1.35
C6 ATP K . 16.69 -45.60 -0.71
N6 ATP K . 17.64 -45.58 0.25
N1 ATP K . 16.13 -46.76 -1.13
C2 ATP K . 15.20 -46.79 -2.09
N3 ATP K . 14.72 -45.69 -2.70
C4 ATP K . 15.19 -44.46 -2.38
MG MG L . 7.35 -37.39 0.91
PG ATP M . 6.08 -12.55 -22.46
O1G ATP M . 7.56 -12.84 -22.38
O2G ATP M . 5.74 -11.11 -22.21
O3G ATP M . 5.20 -13.55 -21.74
PB ATP M . 5.82 -14.20 -24.71
O1B ATP M . 4.75 -15.11 -24.16
O2B ATP M . 7.28 -14.59 -24.67
O3B ATP M . 5.68 -12.77 -24.00
PA ATP M . 4.69 -14.94 -27.17
O1A ATP M . 3.21 -14.65 -27.10
O2A ATP M . 5.20 -16.32 -26.87
O3A ATP M . 5.46 -13.86 -26.24
O5' ATP M . 5.18 -14.50 -28.64
C5' ATP M . 4.78 -13.24 -29.16
C4' ATP M . 4.46 -13.30 -30.65
O4' ATP M . 5.51 -13.92 -31.39
C3' ATP M . 3.20 -14.11 -30.88
O3' ATP M . 2.13 -13.25 -31.27
C2' ATP M . 3.53 -15.06 -32.02
O2' ATP M . 2.65 -14.85 -33.11
C1' ATP M . 4.96 -14.74 -32.43
N9 ATP M . 5.76 -15.98 -32.57
C8 ATP M . 6.53 -16.53 -31.62
N7 ATP M . 7.14 -17.65 -32.06
C5 ATP M . 6.78 -17.82 -33.34
C6 ATP M . 7.07 -18.81 -34.39
N6 ATP M . 7.89 -19.85 -34.15
N1 ATP M . 6.48 -18.64 -35.60
C2 ATP M . 5.66 -17.59 -35.84
N3 ATP M . 5.35 -16.66 -34.92
C4 ATP M . 5.88 -16.71 -33.68
MG MG N . 3.46 -14.51 -22.61
#